data_2CQA
#
_entry.id   2CQA
#
_entity_poly.entity_id   1
_entity_poly.type   'polypeptide(L)'
_entity_poly.pdbx_seq_one_letter_code
;GSSGSSGKEETEIIEGEVVEIQIDRPATGTGSKVGKLTLKTTEMETIYDLGTKMIESLTKDKVQAGDVITIDKATGKISK
LGRSFTRARSGPSSG
;
_entity_poly.pdbx_strand_id   A
#
# COMPACT_ATOMS: atom_id res chain seq x y z
N GLY A 1 -26.87 -24.44 4.08
CA GLY A 1 -28.07 -23.65 4.20
C GLY A 1 -28.33 -22.77 3.00
N SER A 2 -29.38 -21.97 3.05
CA SER A 2 -29.73 -21.09 1.95
C SER A 2 -28.86 -19.83 1.96
N SER A 3 -28.69 -19.24 3.14
CA SER A 3 -27.88 -18.04 3.30
C SER A 3 -26.55 -18.18 2.56
N GLY A 4 -26.26 -17.20 1.69
CA GLY A 4 -25.02 -17.24 0.93
C GLY A 4 -25.25 -17.10 -0.56
N SER A 5 -24.44 -16.27 -1.20
CA SER A 5 -24.56 -16.05 -2.63
C SER A 5 -23.20 -15.70 -3.25
N SER A 6 -23.15 -15.69 -4.58
CA SER A 6 -21.92 -15.38 -5.29
C SER A 6 -21.65 -13.88 -5.30
N GLY A 7 -20.94 -13.39 -4.29
CA GLY A 7 -20.64 -11.97 -4.21
C GLY A 7 -19.25 -11.71 -3.68
N LYS A 8 -19.16 -11.18 -2.47
CA LYS A 8 -17.88 -10.87 -1.86
C LYS A 8 -17.08 -9.90 -2.72
N GLU A 9 -17.74 -8.84 -3.18
CA GLU A 9 -17.09 -7.83 -4.01
C GLU A 9 -16.45 -6.75 -3.16
N GLU A 10 -15.93 -7.16 -2.00
CA GLU A 10 -15.28 -6.22 -1.08
C GLU A 10 -14.07 -6.86 -0.41
N THR A 11 -12.89 -6.33 -0.72
CA THR A 11 -11.66 -6.85 -0.14
C THR A 11 -10.96 -5.80 0.71
N GLU A 12 -10.44 -6.22 1.85
CA GLU A 12 -9.74 -5.31 2.76
C GLU A 12 -8.25 -5.27 2.46
N ILE A 13 -7.91 -5.39 1.18
CA ILE A 13 -6.51 -5.38 0.76
C ILE A 13 -6.33 -4.58 -0.52
N ILE A 14 -5.26 -3.79 -0.58
CA ILE A 14 -4.96 -2.97 -1.74
C ILE A 14 -3.49 -3.04 -2.11
N GLU A 15 -3.21 -3.36 -3.37
CA GLU A 15 -1.84 -3.46 -3.85
C GLU A 15 -1.59 -2.49 -5.00
N GLY A 16 -0.54 -1.68 -4.86
CA GLY A 16 -0.22 -0.70 -5.89
C GLY A 16 1.28 -0.47 -6.01
N GLU A 17 1.66 0.36 -6.97
CA GLU A 17 3.07 0.66 -7.19
C GLU A 17 3.51 1.86 -6.35
N VAL A 18 4.27 1.58 -5.29
CA VAL A 18 4.76 2.63 -4.41
C VAL A 18 5.23 3.84 -5.20
N VAL A 19 4.36 4.84 -5.31
CA VAL A 19 4.68 6.07 -6.04
C VAL A 19 5.53 7.01 -5.19
N GLU A 20 5.01 7.38 -4.03
CA GLU A 20 5.72 8.27 -3.13
C GLU A 20 5.43 7.92 -1.66
N ILE A 21 6.40 8.18 -0.80
CA ILE A 21 6.25 7.89 0.62
C ILE A 21 6.69 9.08 1.47
N GLN A 22 5.72 9.86 1.93
CA GLN A 22 6.00 11.03 2.75
C GLN A 22 5.94 10.68 4.23
N ILE A 23 6.89 11.20 5.00
CA ILE A 23 6.94 10.94 6.43
C ILE A 23 7.03 12.24 7.23
N ASP A 24 6.04 12.47 8.08
CA ASP A 24 6.00 13.68 8.90
C ASP A 24 6.75 13.46 10.21
N ARG A 25 7.60 14.42 10.57
CA ARG A 25 8.38 14.34 11.80
C ARG A 25 7.60 14.91 12.97
N PRO A 26 7.94 14.46 14.18
CA PRO A 26 7.29 14.92 15.42
C PRO A 26 7.63 16.36 15.75
N ALA A 27 8.55 16.94 14.99
CA ALA A 27 8.96 18.33 15.21
C ALA A 27 7.77 19.19 15.65
N THR A 28 6.64 19.00 14.98
CA THR A 28 5.43 19.76 15.29
C THR A 28 4.19 19.04 14.80
N GLY A 29 3.12 19.11 15.59
CA GLY A 29 1.88 18.45 15.22
C GLY A 29 1.16 17.85 16.41
N THR A 30 1.13 16.52 16.46
CA THR A 30 0.47 15.81 17.55
C THR A 30 1.45 14.90 18.29
N GLY A 31 2.20 14.12 17.53
CA GLY A 31 3.17 13.21 18.13
C GLY A 31 3.21 11.86 17.43
N SER A 32 2.10 11.14 17.45
CA SER A 32 2.01 9.84 16.81
C SER A 32 2.54 9.89 15.39
N LYS A 33 3.54 9.06 15.11
CA LYS A 33 4.13 9.00 13.77
C LYS A 33 3.06 8.92 12.70
N VAL A 34 3.08 9.87 11.77
CA VAL A 34 2.11 9.91 10.69
C VAL A 34 2.80 10.14 9.34
N GLY A 35 2.32 9.42 8.33
CA GLY A 35 2.90 9.55 7.00
C GLY A 35 1.86 9.44 5.90
N LYS A 36 2.28 9.71 4.66
CA LYS A 36 1.38 9.63 3.52
C LYS A 36 1.99 8.78 2.40
N LEU A 37 1.29 7.73 2.02
CA LEU A 37 1.77 6.84 0.95
C LEU A 37 0.88 6.95 -0.28
N THR A 38 1.50 6.92 -1.46
CA THR A 38 0.77 7.00 -2.71
C THR A 38 1.04 5.79 -3.60
N LEU A 39 -0.03 5.18 -4.10
CA LEU A 39 0.10 4.01 -4.96
C LEU A 39 -0.77 4.15 -6.21
N LYS A 40 -0.22 3.77 -7.36
CA LYS A 40 -0.94 3.85 -8.61
C LYS A 40 -1.71 2.56 -8.88
N THR A 41 -3.01 2.57 -8.60
CA THR A 41 -3.86 1.40 -8.80
C THR A 41 -5.08 1.75 -9.64
N THR A 42 -5.40 0.90 -10.61
CA THR A 42 -6.54 1.12 -11.49
C THR A 42 -6.37 2.40 -12.30
N GLU A 43 -5.26 2.50 -13.02
CA GLU A 43 -4.98 3.67 -13.84
C GLU A 43 -5.21 4.96 -13.05
N MET A 44 -5.10 4.85 -11.74
CA MET A 44 -5.29 6.01 -10.86
C MET A 44 -4.52 5.84 -9.56
N GLU A 45 -4.01 6.95 -9.03
CA GLU A 45 -3.25 6.92 -7.79
C GLU A 45 -4.12 7.35 -6.61
N THR A 46 -3.95 6.66 -5.47
CA THR A 46 -4.72 6.97 -4.28
C THR A 46 -3.81 7.12 -3.06
N ILE A 47 -4.05 8.16 -2.27
CA ILE A 47 -3.25 8.40 -1.08
C ILE A 47 -3.76 7.58 0.10
N TYR A 48 -2.84 7.09 0.92
CA TYR A 48 -3.20 6.28 2.08
C TYR A 48 -2.55 6.84 3.35
N ASP A 49 -3.34 6.97 4.40
CA ASP A 49 -2.86 7.48 5.67
C ASP A 49 -2.12 6.40 6.45
N LEU A 50 -0.86 6.67 6.77
CA LEU A 50 -0.04 5.71 7.52
C LEU A 50 0.02 6.09 8.99
N GLY A 51 -0.29 5.13 9.86
CA GLY A 51 -0.26 5.38 11.29
C GLY A 51 1.12 5.20 11.88
N THR A 52 1.22 4.37 12.91
CA THR A 52 2.51 4.11 13.57
C THR A 52 2.99 2.69 13.30
N LYS A 53 2.05 1.82 12.90
CA LYS A 53 2.38 0.43 12.62
C LYS A 53 2.66 0.24 11.12
N MET A 54 2.03 1.08 10.30
CA MET A 54 2.22 0.99 8.85
C MET A 54 3.62 1.43 8.46
N ILE A 55 4.17 2.39 9.20
CA ILE A 55 5.51 2.90 8.92
C ILE A 55 6.57 1.85 9.24
N GLU A 56 6.47 1.27 10.43
CA GLU A 56 7.43 0.26 10.85
C GLU A 56 7.66 -0.76 9.74
N SER A 57 6.62 -1.04 8.96
CA SER A 57 6.71 -2.00 7.87
C SER A 57 7.55 -1.44 6.72
N LEU A 58 7.37 -0.16 6.44
CA LEU A 58 8.11 0.51 5.37
C LEU A 58 9.58 0.70 5.75
N THR A 59 9.86 0.61 7.05
CA THR A 59 11.21 0.78 7.55
C THR A 59 11.96 -0.55 7.58
N LYS A 60 11.35 -1.55 8.22
CA LYS A 60 11.96 -2.88 8.31
C LYS A 60 12.43 -3.35 6.94
N ASP A 61 11.69 -2.99 5.91
CA ASP A 61 12.03 -3.38 4.54
C ASP A 61 12.45 -2.17 3.72
N LYS A 62 12.57 -1.02 4.38
CA LYS A 62 12.97 0.21 3.71
C LYS A 62 12.27 0.35 2.36
N VAL A 63 10.97 0.09 2.34
CA VAL A 63 10.18 0.19 1.11
C VAL A 63 10.32 1.57 0.48
N GLN A 64 10.70 1.59 -0.80
CA GLN A 64 10.88 2.85 -1.52
C GLN A 64 10.01 2.87 -2.77
N ALA A 65 10.01 4.01 -3.47
CA ALA A 65 9.22 4.16 -4.68
C ALA A 65 9.71 3.21 -5.77
N GLY A 66 8.81 2.84 -6.67
CA GLY A 66 9.16 1.93 -7.75
C GLY A 66 8.79 0.49 -7.45
N ASP A 67 8.81 0.14 -6.16
CA ASP A 67 8.47 -1.22 -5.74
C ASP A 67 6.97 -1.38 -5.58
N VAL A 68 6.53 -2.60 -5.36
CA VAL A 68 5.10 -2.89 -5.18
C VAL A 68 4.82 -3.43 -3.78
N ILE A 69 3.99 -2.72 -3.04
CA ILE A 69 3.63 -3.14 -1.68
C ILE A 69 2.12 -3.21 -1.51
N THR A 70 1.68 -4.00 -0.54
CA THR A 70 0.25 -4.15 -0.26
C THR A 70 -0.14 -3.45 1.03
N ILE A 71 -1.44 -3.33 1.26
CA ILE A 71 -1.94 -2.68 2.47
C ILE A 71 -3.15 -3.42 3.02
N ASP A 72 -3.01 -3.95 4.23
CA ASP A 72 -4.10 -4.68 4.88
C ASP A 72 -4.89 -3.76 5.80
N LYS A 73 -6.09 -3.37 5.36
CA LYS A 73 -6.95 -2.50 6.15
C LYS A 73 -7.58 -3.25 7.31
N ALA A 74 -7.63 -4.57 7.19
CA ALA A 74 -8.21 -5.41 8.24
C ALA A 74 -7.38 -5.34 9.52
N THR A 75 -6.07 -5.52 9.38
CA THR A 75 -5.17 -5.48 10.53
C THR A 75 -4.35 -4.20 10.54
N GLY A 76 -4.29 -3.54 9.38
CA GLY A 76 -3.54 -2.31 9.28
C GLY A 76 -2.04 -2.54 9.09
N LYS A 77 -1.71 -3.69 8.50
CA LYS A 77 -0.31 -4.04 8.26
C LYS A 77 0.01 -3.99 6.77
N ILE A 78 1.28 -3.79 6.45
CA ILE A 78 1.72 -3.73 5.07
C ILE A 78 2.75 -4.82 4.75
N SER A 79 2.64 -5.39 3.56
CA SER A 79 3.56 -6.45 3.15
C SER A 79 4.18 -6.13 1.79
N LYS A 80 5.38 -6.66 1.56
CA LYS A 80 6.09 -6.43 0.31
C LYS A 80 5.96 -7.64 -0.62
N LEU A 81 5.75 -7.39 -1.90
CA LEU A 81 5.60 -8.46 -2.88
C LEU A 81 6.72 -8.39 -3.92
N GLY A 82 7.10 -7.18 -4.30
CA GLY A 82 8.17 -7.01 -5.27
C GLY A 82 7.70 -6.27 -6.51
N ARG A 83 7.46 -7.00 -7.58
CA ARG A 83 7.01 -6.42 -8.85
C ARG A 83 5.61 -6.91 -9.20
N SER A 84 5.06 -6.36 -10.29
CA SER A 84 3.72 -6.74 -10.73
C SER A 84 3.59 -6.57 -12.24
N PHE A 85 2.53 -7.13 -12.81
CA PHE A 85 2.29 -7.04 -14.24
C PHE A 85 1.11 -6.10 -14.53
N THR A 86 1.43 -4.87 -14.88
CA THR A 86 0.41 -3.87 -15.18
C THR A 86 0.14 -3.80 -16.68
N ARG A 87 -1.14 -3.77 -17.04
CA ARG A 87 -1.54 -3.69 -18.45
C ARG A 87 -1.70 -2.24 -18.89
N ALA A 88 -0.85 -1.82 -19.82
CA ALA A 88 -0.90 -0.46 -20.33
C ALA A 88 -1.20 -0.44 -21.83
N ARG A 89 -1.82 0.63 -22.30
CA ARG A 89 -2.16 0.77 -23.71
C ARG A 89 -1.02 1.40 -24.49
N SER A 90 -0.64 0.77 -25.59
CA SER A 90 0.46 1.27 -26.43
C SER A 90 -0.04 1.57 -27.84
N GLY A 91 -0.64 0.57 -28.48
CA GLY A 91 -1.15 0.76 -29.83
C GLY A 91 -0.53 -0.21 -30.81
N PRO A 92 0.54 0.24 -31.51
CA PRO A 92 1.24 -0.57 -32.49
C PRO A 92 2.02 -1.72 -31.86
N SER A 93 1.56 -2.95 -32.09
CA SER A 93 2.21 -4.13 -31.53
C SER A 93 3.33 -4.61 -32.45
N SER A 94 4.47 -4.93 -31.86
CA SER A 94 5.62 -5.41 -32.62
C SER A 94 6.05 -6.80 -32.15
N GLY A 95 6.13 -6.97 -30.83
CA GLY A 95 6.54 -8.24 -30.27
C GLY A 95 7.93 -8.65 -30.69
N GLY A 1 -25.60 -1.73 22.97
CA GLY A 1 -24.72 -2.23 21.93
C GLY A 1 -24.94 -1.53 20.60
N SER A 2 -24.19 -0.46 20.37
CA SER A 2 -24.31 0.30 19.13
C SER A 2 -23.77 -0.49 17.95
N SER A 3 -24.68 -1.01 17.13
CA SER A 3 -24.29 -1.80 15.96
C SER A 3 -24.17 -0.91 14.72
N GLY A 4 -23.72 -1.51 13.62
CA GLY A 4 -23.57 -0.75 12.40
C GLY A 4 -24.10 -1.50 11.19
N SER A 5 -23.53 -1.24 10.02
CA SER A 5 -23.96 -1.89 8.79
C SER A 5 -22.76 -2.38 7.98
N SER A 6 -23.03 -3.19 6.96
CA SER A 6 -21.97 -3.73 6.12
C SER A 6 -22.56 -4.51 4.94
N GLY A 7 -21.70 -4.91 4.01
CA GLY A 7 -22.15 -5.64 2.85
C GLY A 7 -21.87 -7.13 2.96
N LYS A 8 -21.77 -7.80 1.82
CA LYS A 8 -21.51 -9.23 1.79
C LYS A 8 -20.13 -9.51 1.20
N GLU A 9 -19.73 -8.69 0.23
CA GLU A 9 -18.44 -8.86 -0.42
C GLU A 9 -17.63 -7.57 -0.37
N GLU A 10 -16.37 -7.66 0.04
CA GLU A 10 -15.50 -6.49 0.13
C GLU A 10 -14.06 -6.92 0.36
N THR A 11 -13.12 -6.18 -0.22
CA THR A 11 -11.71 -6.47 -0.09
C THR A 11 -11.01 -5.42 0.80
N GLU A 12 -10.56 -5.85 1.97
CA GLU A 12 -9.89 -4.96 2.91
C GLU A 12 -8.38 -4.91 2.62
N ILE A 13 -8.04 -5.00 1.34
CA ILE A 13 -6.63 -4.96 0.94
C ILE A 13 -6.46 -4.25 -0.40
N ILE A 14 -5.36 -3.52 -0.55
CA ILE A 14 -5.09 -2.79 -1.78
C ILE A 14 -3.63 -2.98 -2.21
N GLU A 15 -3.43 -3.28 -3.48
CA GLU A 15 -2.09 -3.48 -4.02
C GLU A 15 -1.80 -2.48 -5.14
N GLY A 16 -0.75 -1.68 -4.95
CA GLY A 16 -0.39 -0.69 -5.94
C GLY A 16 1.11 -0.49 -6.04
N GLU A 17 1.55 0.21 -7.08
CA GLU A 17 2.98 0.46 -7.28
C GLU A 17 3.42 1.69 -6.51
N VAL A 18 4.16 1.47 -5.43
CA VAL A 18 4.66 2.56 -4.60
C VAL A 18 5.14 3.73 -5.46
N VAL A 19 4.46 4.86 -5.35
CA VAL A 19 4.82 6.04 -6.12
C VAL A 19 5.60 7.03 -5.25
N GLU A 20 5.03 7.38 -4.11
CA GLU A 20 5.67 8.32 -3.19
C GLU A 20 5.42 7.93 -1.74
N ILE A 21 6.46 8.06 -0.91
CA ILE A 21 6.35 7.71 0.51
C ILE A 21 6.77 8.87 1.39
N GLN A 22 5.81 9.65 1.86
CA GLN A 22 6.09 10.79 2.73
C GLN A 22 5.85 10.44 4.19
N ILE A 23 6.62 11.06 5.07
CA ILE A 23 6.50 10.82 6.50
C ILE A 23 6.55 12.12 7.29
N ASP A 24 5.52 12.35 8.11
CA ASP A 24 5.47 13.56 8.91
C ASP A 24 6.16 13.36 10.26
N ARG A 25 7.24 14.09 10.48
CA ARG A 25 7.99 13.99 11.73
C ARG A 25 7.38 14.87 12.81
N PRO A 26 7.65 14.52 14.08
CA PRO A 26 7.13 15.26 15.22
C PRO A 26 7.78 16.63 15.37
N ALA A 27 7.23 17.46 16.25
CA ALA A 27 7.77 18.81 16.47
C ALA A 27 7.44 19.28 17.89
N THR A 28 8.49 19.56 18.66
CA THR A 28 8.31 20.03 20.03
C THR A 28 7.21 19.24 20.75
N GLY A 29 7.19 17.93 20.52
CA GLY A 29 6.19 17.09 21.15
C GLY A 29 5.99 15.77 20.43
N THR A 30 5.48 14.78 21.14
CA THR A 30 5.25 13.47 20.56
C THR A 30 3.81 13.02 20.75
N GLY A 31 3.30 12.22 19.82
CA GLY A 31 1.94 11.74 19.91
C GLY A 31 1.72 10.47 19.11
N SER A 32 1.10 10.60 17.94
CA SER A 32 0.83 9.46 17.08
C SER A 32 1.46 9.65 15.70
N LYS A 33 2.62 9.03 15.49
CA LYS A 33 3.32 9.13 14.21
C LYS A 33 2.35 8.98 13.05
N VAL A 34 2.55 9.77 12.01
CA VAL A 34 1.70 9.71 10.82
C VAL A 34 2.53 9.71 9.54
N GLY A 35 1.96 9.18 8.47
CA GLY A 35 2.66 9.13 7.20
C GLY A 35 1.71 9.10 6.02
N LYS A 36 2.22 9.45 4.84
CA LYS A 36 1.42 9.47 3.63
C LYS A 36 2.05 8.60 2.54
N LEU A 37 1.27 7.73 1.94
CA LEU A 37 1.76 6.85 0.88
C LEU A 37 0.87 6.95 -0.36
N THR A 38 1.51 6.93 -1.53
CA THR A 38 0.78 7.02 -2.79
C THR A 38 1.05 5.81 -3.66
N LEU A 39 -0.02 5.17 -4.13
CA LEU A 39 0.09 3.99 -4.98
C LEU A 39 -0.72 4.16 -6.27
N LYS A 40 -0.13 3.76 -7.39
CA LYS A 40 -0.80 3.85 -8.68
C LYS A 40 -1.60 2.59 -8.98
N THR A 41 -2.91 2.65 -8.75
CA THR A 41 -3.78 1.51 -8.99
C THR A 41 -4.97 1.91 -9.86
N THR A 42 -5.33 1.04 -10.80
CA THR A 42 -6.45 1.30 -11.69
C THR A 42 -6.23 2.57 -12.51
N GLU A 43 -5.10 2.62 -13.21
CA GLU A 43 -4.76 3.77 -14.03
C GLU A 43 -4.95 5.07 -13.26
N MET A 44 -4.86 4.98 -11.93
CA MET A 44 -5.01 6.14 -11.07
C MET A 44 -4.25 5.96 -9.76
N GLU A 45 -3.76 7.05 -9.20
CA GLU A 45 -3.02 7.01 -7.95
C GLU A 45 -3.87 7.49 -6.78
N THR A 46 -3.76 6.80 -5.65
CA THR A 46 -4.53 7.16 -4.46
C THR A 46 -3.63 7.25 -3.23
N ILE A 47 -3.98 8.14 -2.31
CA ILE A 47 -3.21 8.32 -1.09
C ILE A 47 -3.78 7.48 0.05
N TYR A 48 -2.90 6.99 0.91
CA TYR A 48 -3.31 6.18 2.05
C TYR A 48 -2.85 6.81 3.37
N ASP A 49 -3.75 6.83 4.35
CA ASP A 49 -3.44 7.40 5.65
C ASP A 49 -2.61 6.43 6.49
N LEU A 50 -1.36 6.79 6.75
CA LEU A 50 -0.47 5.95 7.53
C LEU A 50 -0.45 6.39 8.99
N GLY A 51 -0.20 5.43 9.89
CA GLY A 51 -0.16 5.74 11.31
C GLY A 51 1.22 5.59 11.89
N THR A 52 1.41 4.55 12.71
CA THR A 52 2.70 4.30 13.34
C THR A 52 3.22 2.91 12.97
N LYS A 53 2.38 1.91 13.14
CA LYS A 53 2.75 0.54 12.82
C LYS A 53 3.00 0.36 11.32
N MET A 54 2.23 1.08 10.52
CA MET A 54 2.37 1.02 9.08
C MET A 54 3.75 1.48 8.63
N ILE A 55 4.27 2.50 9.30
CA ILE A 55 5.59 3.03 8.98
C ILE A 55 6.69 2.05 9.38
N GLU A 56 6.57 1.52 10.60
CA GLU A 56 7.55 0.57 11.10
C GLU A 56 7.85 -0.52 10.07
N SER A 57 6.85 -0.86 9.27
CA SER A 57 6.99 -1.88 8.25
C SER A 57 7.82 -1.35 7.07
N LEU A 58 7.47 -0.16 6.59
CA LEU A 58 8.18 0.44 5.47
C LEU A 58 9.66 0.60 5.79
N THR A 59 10.02 0.47 7.07
CA THR A 59 11.40 0.59 7.50
C THR A 59 12.09 -0.77 7.51
N LYS A 60 11.51 -1.71 8.25
CA LYS A 60 12.07 -3.06 8.36
C LYS A 60 12.47 -3.58 6.98
N ASP A 61 11.74 -3.15 5.95
CA ASP A 61 12.03 -3.58 4.58
C ASP A 61 12.51 -2.40 3.74
N LYS A 62 12.51 -1.21 4.33
CA LYS A 62 12.95 -0.01 3.62
C LYS A 62 12.21 0.14 2.30
N VAL A 63 10.88 0.03 2.35
CA VAL A 63 10.07 0.16 1.15
C VAL A 63 10.23 1.55 0.53
N GLN A 64 10.47 1.57 -0.78
CA GLN A 64 10.64 2.83 -1.51
C GLN A 64 9.79 2.86 -2.77
N ALA A 65 9.87 3.96 -3.51
CA ALA A 65 9.11 4.10 -4.74
C ALA A 65 9.62 3.15 -5.82
N GLY A 66 8.73 2.76 -6.73
CA GLY A 66 9.11 1.85 -7.79
C GLY A 66 8.73 0.42 -7.50
N ASP A 67 8.68 0.07 -6.21
CA ASP A 67 8.34 -1.28 -5.79
C ASP A 67 6.84 -1.42 -5.59
N VAL A 68 6.38 -2.66 -5.37
CA VAL A 68 4.97 -2.92 -5.15
C VAL A 68 4.71 -3.44 -3.75
N ILE A 69 3.86 -2.75 -3.01
CA ILE A 69 3.53 -3.14 -1.64
C ILE A 69 2.02 -3.18 -1.44
N THR A 70 1.57 -4.08 -0.58
CA THR A 70 0.14 -4.22 -0.28
C THR A 70 -0.21 -3.57 1.05
N ILE A 71 -1.51 -3.36 1.28
CA ILE A 71 -1.97 -2.74 2.51
C ILE A 71 -3.16 -3.51 3.09
N ASP A 72 -2.92 -4.23 4.18
CA ASP A 72 -3.97 -5.01 4.83
C ASP A 72 -4.70 -4.15 5.87
N LYS A 73 -5.87 -3.67 5.52
CA LYS A 73 -6.67 -2.84 6.41
C LYS A 73 -7.11 -3.65 7.63
N ALA A 74 -7.52 -4.89 7.41
CA ALA A 74 -7.96 -5.76 8.48
C ALA A 74 -6.97 -5.75 9.64
N THR A 75 -5.70 -5.93 9.33
CA THR A 75 -4.66 -5.94 10.34
C THR A 75 -3.93 -4.60 10.40
N GLY A 76 -4.21 -3.74 9.43
CA GLY A 76 -3.58 -2.44 9.38
C GLY A 76 -2.07 -2.53 9.22
N LYS A 77 -1.61 -3.52 8.46
CA LYS A 77 -0.19 -3.71 8.23
C LYS A 77 0.14 -3.66 6.74
N ILE A 78 1.39 -3.33 6.42
CA ILE A 78 1.82 -3.24 5.04
C ILE A 78 2.81 -4.36 4.70
N SER A 79 2.54 -5.07 3.61
CA SER A 79 3.40 -6.16 3.18
C SER A 79 4.06 -5.85 1.83
N LYS A 80 5.23 -6.44 1.60
CA LYS A 80 5.96 -6.21 0.36
C LYS A 80 5.87 -7.45 -0.54
N LEU A 81 5.69 -7.21 -1.84
CA LEU A 81 5.60 -8.30 -2.81
C LEU A 81 6.66 -8.16 -3.90
N GLY A 82 7.17 -9.28 -4.36
CA GLY A 82 8.18 -9.26 -5.41
C GLY A 82 7.99 -8.12 -6.38
N ARG A 83 7.09 -8.30 -7.34
CA ARG A 83 6.81 -7.29 -8.34
C ARG A 83 5.57 -7.64 -9.16
N SER A 84 5.13 -6.71 -9.99
CA SER A 84 3.95 -6.92 -10.83
C SER A 84 4.13 -8.15 -11.71
N PHE A 85 3.13 -9.03 -11.70
CA PHE A 85 3.16 -10.25 -12.50
C PHE A 85 3.20 -9.92 -13.98
N THR A 86 2.12 -9.34 -14.48
CA THR A 86 2.03 -8.97 -15.90
C THR A 86 3.07 -7.93 -16.26
N ARG A 87 3.84 -8.20 -17.32
CA ARG A 87 4.87 -7.28 -17.77
C ARG A 87 4.56 -6.76 -19.17
N ALA A 88 3.68 -7.46 -19.88
CA ALA A 88 3.30 -7.07 -21.23
C ALA A 88 4.52 -6.62 -22.04
N ARG A 89 5.61 -7.36 -21.90
CA ARG A 89 6.84 -7.04 -22.62
C ARG A 89 7.25 -8.19 -23.54
N SER A 90 7.59 -9.32 -22.93
CA SER A 90 8.01 -10.50 -23.69
C SER A 90 6.81 -11.39 -24.00
N GLY A 91 7.04 -12.38 -24.87
CA GLY A 91 5.98 -13.29 -25.24
C GLY A 91 6.29 -14.72 -24.88
N PRO A 92 5.43 -15.65 -25.33
CA PRO A 92 5.61 -17.09 -25.07
C PRO A 92 6.79 -17.68 -25.80
N SER A 93 7.38 -18.72 -25.23
CA SER A 93 8.54 -19.38 -25.83
C SER A 93 8.15 -20.73 -26.42
N SER A 94 8.57 -20.97 -27.65
CA SER A 94 8.26 -22.23 -28.34
C SER A 94 9.42 -23.22 -28.19
N GLY A 95 9.09 -24.51 -28.24
CA GLY A 95 10.10 -25.54 -28.11
C GLY A 95 10.66 -25.96 -29.46
N GLY A 1 -25.32 -3.54 17.96
CA GLY A 1 -24.11 -3.71 17.19
C GLY A 1 -23.98 -5.08 16.57
N SER A 2 -24.33 -5.18 15.29
CA SER A 2 -24.27 -6.45 14.58
C SER A 2 -24.14 -6.24 13.08
N SER A 3 -24.00 -7.33 12.33
CA SER A 3 -23.87 -7.25 10.88
C SER A 3 -25.17 -7.65 10.19
N GLY A 4 -25.45 -7.02 9.05
CA GLY A 4 -26.66 -7.32 8.31
C GLY A 4 -26.42 -7.44 6.82
N SER A 5 -25.46 -8.27 6.45
CA SER A 5 -25.13 -8.47 5.04
C SER A 5 -24.38 -9.79 4.83
N SER A 6 -24.73 -10.48 3.75
CA SER A 6 -24.09 -11.76 3.44
C SER A 6 -23.93 -11.93 1.93
N GLY A 7 -22.72 -12.28 1.51
CA GLY A 7 -22.45 -12.47 0.10
C GLY A 7 -22.52 -11.17 -0.69
N LYS A 8 -21.53 -10.30 -0.50
CA LYS A 8 -21.49 -9.03 -1.19
C LYS A 8 -20.05 -8.63 -1.53
N GLU A 9 -19.89 -7.79 -2.54
CA GLU A 9 -18.57 -7.34 -2.95
C GLU A 9 -17.92 -6.47 -1.88
N GLU A 10 -16.77 -6.91 -1.38
CA GLU A 10 -16.05 -6.18 -0.35
C GLU A 10 -14.67 -6.78 -0.11
N THR A 11 -13.69 -5.92 0.14
CA THR A 11 -12.33 -6.36 0.37
C THR A 11 -11.61 -5.43 1.35
N GLU A 12 -10.53 -5.92 1.95
CA GLU A 12 -9.75 -5.13 2.89
C GLU A 12 -8.28 -5.12 2.52
N ILE A 13 -8.01 -5.29 1.23
CA ILE A 13 -6.63 -5.29 0.73
C ILE A 13 -6.51 -4.47 -0.55
N ILE A 14 -5.40 -3.75 -0.68
CA ILE A 14 -5.16 -2.92 -1.85
C ILE A 14 -3.68 -2.91 -2.22
N GLU A 15 -3.38 -3.31 -3.46
CA GLU A 15 -2.00 -3.34 -3.93
C GLU A 15 -1.77 -2.30 -5.02
N GLY A 16 -0.66 -1.59 -4.94
CA GLY A 16 -0.34 -0.57 -5.92
C GLY A 16 1.14 -0.34 -6.05
N GLU A 17 1.53 0.41 -7.08
CA GLU A 17 2.94 0.71 -7.32
C GLU A 17 3.39 1.91 -6.50
N VAL A 18 4.28 1.66 -5.55
CA VAL A 18 4.79 2.72 -4.69
C VAL A 18 5.24 3.92 -5.50
N VAL A 19 4.54 5.05 -5.33
CA VAL A 19 4.86 6.27 -6.05
C VAL A 19 5.67 7.23 -5.18
N GLU A 20 5.24 7.38 -3.93
CA GLU A 20 5.92 8.27 -2.99
C GLU A 20 5.63 7.87 -1.55
N ILE A 21 6.58 8.13 -0.66
CA ILE A 21 6.41 7.80 0.75
C ILE A 21 6.98 8.90 1.64
N GLN A 22 6.13 9.50 2.45
CA GLN A 22 6.54 10.57 3.36
C GLN A 22 6.15 10.25 4.79
N ILE A 23 6.91 10.78 5.74
CA ILE A 23 6.64 10.55 7.15
C ILE A 23 6.88 11.82 7.98
N ASP A 24 5.84 12.27 8.67
CA ASP A 24 5.94 13.47 9.50
C ASP A 24 6.24 13.11 10.95
N ARG A 25 7.37 13.58 11.44
CA ARG A 25 7.78 13.31 12.81
C ARG A 25 7.04 14.21 13.79
N PRO A 26 6.89 13.75 15.04
CA PRO A 26 6.20 14.50 16.10
C PRO A 26 6.99 15.72 16.54
N ALA A 27 6.29 16.84 16.70
CA ALA A 27 6.92 18.09 17.13
C ALA A 27 7.86 17.84 18.30
N THR A 28 8.68 18.85 18.63
CA THR A 28 9.63 18.74 19.72
C THR A 28 9.06 17.91 20.86
N GLY A 29 9.59 16.69 21.01
CA GLY A 29 9.12 15.81 22.06
C GLY A 29 8.73 14.44 21.55
N THR A 30 7.67 13.88 22.12
CA THR A 30 7.19 12.56 21.70
C THR A 30 5.68 12.57 21.51
N GLY A 31 5.21 11.75 20.58
CA GLY A 31 3.78 11.66 20.31
C GLY A 31 3.43 10.54 19.36
N SER A 32 2.70 10.86 18.31
CA SER A 32 2.29 9.87 17.32
C SER A 32 3.03 10.09 15.99
N LYS A 33 2.89 9.14 15.08
CA LYS A 33 3.53 9.21 13.78
C LYS A 33 2.51 9.18 12.66
N VAL A 34 2.63 10.11 11.71
CA VAL A 34 1.70 10.17 10.58
C VAL A 34 2.47 10.32 9.27
N GLY A 35 2.27 9.37 8.36
CA GLY A 35 2.94 9.41 7.07
C GLY A 35 1.96 9.43 5.91
N LYS A 36 2.48 9.69 4.71
CA LYS A 36 1.65 9.74 3.52
C LYS A 36 2.21 8.83 2.43
N LEU A 37 1.37 7.93 1.93
CA LEU A 37 1.79 7.01 0.88
C LEU A 37 0.94 7.19 -0.38
N THR A 38 1.56 7.03 -1.54
CA THR A 38 0.86 7.18 -2.82
C THR A 38 1.11 5.97 -3.72
N LEU A 39 0.06 5.20 -3.96
CA LEU A 39 0.17 4.01 -4.81
C LEU A 39 -0.61 4.21 -6.11
N LYS A 40 -0.09 3.66 -7.19
CA LYS A 40 -0.74 3.77 -8.49
C LYS A 40 -1.50 2.49 -8.83
N THR A 41 -2.81 2.52 -8.61
CA THR A 41 -3.66 1.36 -8.89
C THR A 41 -4.94 1.78 -9.61
N THR A 42 -5.48 0.87 -10.43
CA THR A 42 -6.69 1.14 -11.18
C THR A 42 -6.52 2.35 -12.09
N GLU A 43 -5.49 2.30 -12.94
CA GLU A 43 -5.21 3.40 -13.86
C GLU A 43 -5.27 4.74 -13.15
N MET A 44 -5.01 4.73 -11.85
CA MET A 44 -5.04 5.95 -11.05
C MET A 44 -4.19 5.80 -9.79
N GLU A 45 -3.94 6.91 -9.11
CA GLU A 45 -3.13 6.89 -7.90
C GLU A 45 -3.96 7.31 -6.69
N THR A 46 -3.95 6.48 -5.65
CA THR A 46 -4.70 6.76 -4.43
C THR A 46 -3.77 7.07 -3.27
N ILE A 47 -4.14 8.08 -2.47
CA ILE A 47 -3.34 8.47 -1.32
C ILE A 47 -3.83 7.79 -0.05
N TYR A 48 -2.99 6.95 0.54
CA TYR A 48 -3.35 6.25 1.77
C TYR A 48 -2.61 6.83 2.97
N ASP A 49 -3.35 7.18 4.01
CA ASP A 49 -2.78 7.74 5.22
C ASP A 49 -2.17 6.65 6.10
N LEU A 50 -0.92 6.84 6.48
CA LEU A 50 -0.21 5.87 7.31
C LEU A 50 -0.16 6.34 8.77
N GLY A 51 -0.16 5.38 9.70
CA GLY A 51 -0.10 5.72 11.10
C GLY A 51 1.28 5.51 11.70
N THR A 52 1.35 4.67 12.73
CA THR A 52 2.62 4.38 13.39
C THR A 52 3.12 3.00 13.02
N LYS A 53 2.22 2.01 13.04
CA LYS A 53 2.58 0.64 12.70
C LYS A 53 2.90 0.51 11.21
N MET A 54 2.00 1.02 10.38
CA MET A 54 2.18 0.95 8.93
C MET A 54 3.62 1.30 8.55
N ILE A 55 4.12 2.41 9.08
CA ILE A 55 5.48 2.85 8.80
C ILE A 55 6.49 1.81 9.27
N GLU A 56 6.38 1.39 10.53
CA GLU A 56 7.29 0.40 11.08
C GLU A 56 7.59 -0.70 10.07
N SER A 57 6.61 -0.98 9.22
CA SER A 57 6.76 -2.03 8.20
C SER A 57 7.55 -1.50 7.00
N LEU A 58 7.20 -0.29 6.57
CA LEU A 58 7.87 0.32 5.43
C LEU A 58 9.32 0.68 5.77
N THR A 59 9.61 0.76 7.06
CA THR A 59 10.96 1.10 7.52
C THR A 59 11.82 -0.15 7.62
N LYS A 60 11.28 -1.22 8.17
CA LYS A 60 12.00 -2.48 8.32
C LYS A 60 12.31 -3.09 6.96
N ASP A 61 11.36 -2.96 6.03
CA ASP A 61 11.52 -3.50 4.68
C ASP A 61 12.13 -2.46 3.76
N LYS A 62 12.51 -1.32 4.32
CA LYS A 62 13.10 -0.23 3.53
C LYS A 62 12.41 -0.09 2.18
N VAL A 63 11.08 0.07 2.22
CA VAL A 63 10.29 0.23 1.00
C VAL A 63 10.61 1.54 0.31
N GLN A 64 10.87 1.48 -0.99
CA GLN A 64 11.19 2.67 -1.77
C GLN A 64 10.32 2.75 -3.01
N ALA A 65 10.27 3.94 -3.62
CA ALA A 65 9.47 4.15 -4.82
C ALA A 65 9.84 3.16 -5.91
N GLY A 66 8.87 2.81 -6.74
CA GLY A 66 9.11 1.86 -7.82
C GLY A 66 8.62 0.48 -7.50
N ASP A 67 8.75 0.07 -6.25
CA ASP A 67 8.30 -1.24 -5.81
C ASP A 67 6.78 -1.29 -5.66
N VAL A 68 6.25 -2.48 -5.43
CA VAL A 68 4.81 -2.66 -5.27
C VAL A 68 4.48 -3.31 -3.93
N ILE A 69 3.85 -2.54 -3.04
CA ILE A 69 3.48 -3.05 -1.73
C ILE A 69 1.96 -3.19 -1.60
N THR A 70 1.52 -3.80 -0.50
CA THR A 70 0.10 -4.00 -0.26
C THR A 70 -0.32 -3.37 1.06
N ILE A 71 -1.63 -3.35 1.31
CA ILE A 71 -2.17 -2.78 2.55
C ILE A 71 -3.32 -3.61 3.08
N ASP A 72 -3.12 -4.20 4.25
CA ASP A 72 -4.15 -5.03 4.88
C ASP A 72 -4.89 -4.24 5.96
N LYS A 73 -6.12 -3.84 5.67
CA LYS A 73 -6.92 -3.08 6.62
C LYS A 73 -7.32 -3.95 7.81
N ALA A 74 -7.61 -5.22 7.53
CA ALA A 74 -8.00 -6.16 8.59
C ALA A 74 -7.23 -5.88 9.87
N THR A 75 -5.90 -5.87 9.77
CA THR A 75 -5.05 -5.62 10.93
C THR A 75 -4.34 -4.28 10.81
N GLY A 76 -4.14 -3.82 9.58
CA GLY A 76 -3.47 -2.55 9.36
C GLY A 76 -1.99 -2.72 9.10
N LYS A 77 -1.61 -3.87 8.55
CA LYS A 77 -0.21 -4.15 8.26
C LYS A 77 0.05 -4.07 6.76
N ILE A 78 1.31 -3.81 6.38
CA ILE A 78 1.68 -3.71 4.99
C ILE A 78 2.74 -4.75 4.63
N SER A 79 2.57 -5.40 3.48
CA SER A 79 3.51 -6.41 3.03
C SER A 79 4.17 -6.00 1.72
N LYS A 80 5.38 -6.50 1.47
CA LYS A 80 6.11 -6.18 0.26
C LYS A 80 6.01 -7.33 -0.75
N LEU A 81 5.89 -6.99 -2.02
CA LEU A 81 5.79 -7.99 -3.08
C LEU A 81 6.86 -7.76 -4.15
N GLY A 82 8.09 -7.52 -3.70
CA GLY A 82 9.19 -7.29 -4.63
C GLY A 82 8.90 -6.15 -5.58
N ARG A 83 9.38 -6.27 -6.82
CA ARG A 83 9.18 -5.24 -7.82
C ARG A 83 7.94 -5.55 -8.68
N SER A 84 7.42 -6.76 -8.53
CA SER A 84 6.24 -7.19 -9.28
C SER A 84 5.77 -8.56 -8.83
N PHE A 85 4.46 -8.76 -8.84
CA PHE A 85 3.88 -10.04 -8.44
C PHE A 85 3.65 -10.94 -9.64
N THR A 86 4.57 -11.88 -9.86
CA THR A 86 4.46 -12.81 -10.97
C THR A 86 3.25 -13.72 -10.83
N ARG A 87 2.35 -13.67 -11.80
CA ARG A 87 1.14 -14.49 -11.78
C ARG A 87 1.07 -15.39 -13.02
N ALA A 88 0.08 -16.28 -13.03
CA ALA A 88 -0.11 -17.19 -14.16
C ALA A 88 -1.32 -16.78 -15.00
N ARG A 89 -1.08 -16.01 -16.05
CA ARG A 89 -2.15 -15.56 -16.93
C ARG A 89 -1.82 -15.83 -18.39
N SER A 90 -2.72 -16.53 -19.07
CA SER A 90 -2.52 -16.87 -20.48
C SER A 90 -3.04 -15.76 -21.38
N GLY A 91 -2.13 -15.09 -22.08
CA GLY A 91 -2.53 -14.01 -22.98
C GLY A 91 -1.37 -13.53 -23.84
N PRO A 92 -1.69 -12.67 -24.81
CA PRO A 92 -0.68 -12.11 -25.73
C PRO A 92 0.26 -11.14 -25.03
N SER A 93 1.21 -10.59 -25.78
CA SER A 93 2.18 -9.65 -25.23
C SER A 93 2.59 -8.62 -26.28
N SER A 94 2.64 -7.35 -25.87
CA SER A 94 3.01 -6.28 -26.77
C SER A 94 4.40 -6.51 -27.36
N GLY A 95 4.45 -7.24 -28.47
CA GLY A 95 5.73 -7.53 -29.12
C GLY A 95 5.57 -8.30 -30.40
N GLY A 1 -2.37 -11.75 -6.19
CA GLY A 1 -2.81 -11.46 -4.84
C GLY A 1 -2.99 -12.73 -4.01
N SER A 2 -4.24 -13.11 -3.78
CA SER A 2 -4.55 -14.30 -3.00
C SER A 2 -5.92 -14.87 -3.37
N SER A 3 -6.20 -16.06 -2.89
CA SER A 3 -7.48 -16.71 -3.17
C SER A 3 -8.38 -16.71 -1.94
N GLY A 4 -9.69 -16.60 -2.16
CA GLY A 4 -10.63 -16.58 -1.07
C GLY A 4 -11.70 -17.65 -1.21
N SER A 5 -12.96 -17.25 -1.08
CA SER A 5 -14.07 -18.18 -1.19
C SER A 5 -15.36 -17.45 -1.55
N SER A 6 -16.41 -18.22 -1.83
CA SER A 6 -17.70 -17.65 -2.20
C SER A 6 -18.49 -17.27 -0.94
N GLY A 7 -19.56 -16.49 -1.14
CA GLY A 7 -20.38 -16.08 -0.02
C GLY A 7 -20.06 -14.67 0.43
N LYS A 8 -19.39 -14.56 1.57
CA LYS A 8 -19.01 -13.26 2.12
C LYS A 8 -18.22 -12.45 1.11
N GLU A 9 -18.71 -11.24 0.81
CA GLU A 9 -18.05 -10.36 -0.14
C GLU A 9 -17.45 -9.14 0.56
N GLU A 10 -16.14 -8.99 0.47
CA GLU A 10 -15.45 -7.87 1.09
C GLU A 10 -13.97 -7.86 0.72
N THR A 11 -13.46 -6.68 0.37
CA THR A 11 -12.07 -6.53 -0.01
C THR A 11 -11.32 -5.62 0.97
N GLU A 12 -10.45 -6.22 1.77
CA GLU A 12 -9.67 -5.46 2.75
C GLU A 12 -8.19 -5.45 2.38
N ILE A 13 -7.92 -5.51 1.07
CA ILE A 13 -6.54 -5.51 0.59
C ILE A 13 -6.41 -4.68 -0.69
N ILE A 14 -5.45 -3.77 -0.69
CA ILE A 14 -5.22 -2.92 -1.85
C ILE A 14 -3.74 -2.88 -2.22
N GLU A 15 -3.41 -3.38 -3.41
CA GLU A 15 -2.03 -3.40 -3.88
C GLU A 15 -1.81 -2.36 -4.97
N GLY A 16 -0.67 -1.69 -4.92
CA GLY A 16 -0.35 -0.68 -5.91
C GLY A 16 1.14 -0.44 -6.04
N GLU A 17 1.53 0.26 -7.11
CA GLU A 17 2.94 0.56 -7.35
C GLU A 17 3.39 1.76 -6.52
N VAL A 18 4.17 1.49 -5.48
CA VAL A 18 4.68 2.55 -4.62
C VAL A 18 5.14 3.76 -5.43
N VAL A 19 4.36 4.83 -5.38
CA VAL A 19 4.70 6.04 -6.11
C VAL A 19 5.60 6.95 -5.28
N GLU A 20 5.18 7.24 -4.06
CA GLU A 20 5.95 8.11 -3.18
C GLU A 20 5.64 7.79 -1.71
N ILE A 21 6.63 7.98 -0.85
CA ILE A 21 6.46 7.72 0.58
C ILE A 21 7.02 8.86 1.42
N GLN A 22 6.22 9.36 2.35
CA GLN A 22 6.63 10.45 3.22
C GLN A 22 6.21 10.18 4.66
N ILE A 23 6.99 10.73 5.59
CA ILE A 23 6.70 10.56 7.01
C ILE A 23 6.88 11.87 7.78
N ASP A 24 5.98 12.12 8.72
CA ASP A 24 6.05 13.34 9.53
C ASP A 24 6.41 13.02 10.97
N ARG A 25 7.46 13.64 11.47
CA ARG A 25 7.92 13.41 12.84
C ARG A 25 7.32 14.45 13.79
N PRO A 26 6.99 14.01 15.01
CA PRO A 26 6.40 14.88 16.03
C PRO A 26 7.40 15.91 16.56
N ALA A 27 6.90 17.09 16.94
CA ALA A 27 7.73 18.15 17.45
C ALA A 27 7.91 18.04 18.97
N THR A 28 6.79 17.95 19.68
CA THR A 28 6.82 17.83 21.13
C THR A 28 7.30 16.46 21.56
N GLY A 29 7.59 16.31 22.84
CA GLY A 29 8.06 15.04 23.37
C GLY A 29 7.16 13.88 22.96
N THR A 30 6.09 13.67 23.71
CA THR A 30 5.16 12.59 23.43
C THR A 30 4.18 12.98 22.31
N GLY A 31 4.16 12.21 21.24
CA GLY A 31 3.27 12.50 20.13
C GLY A 31 2.99 11.27 19.28
N SER A 32 2.67 11.49 18.01
CA SER A 32 2.38 10.40 17.09
C SER A 32 3.08 10.61 15.76
N LYS A 33 2.98 9.61 14.88
CA LYS A 33 3.60 9.68 13.57
C LYS A 33 2.57 9.48 12.46
N VAL A 34 2.63 10.34 11.44
CA VAL A 34 1.70 10.26 10.33
C VAL A 34 2.43 10.34 9.00
N GLY A 35 2.37 9.27 8.21
CA GLY A 35 3.03 9.25 6.92
C GLY A 35 2.05 9.27 5.77
N LYS A 36 2.52 9.73 4.61
CA LYS A 36 1.68 9.81 3.42
C LYS A 36 2.20 8.90 2.32
N LEU A 37 1.40 7.93 1.93
CA LEU A 37 1.79 6.99 0.88
C LEU A 37 0.91 7.15 -0.35
N THR A 38 1.49 6.93 -1.53
CA THR A 38 0.76 7.06 -2.78
C THR A 38 0.98 5.84 -3.67
N LEU A 39 -0.09 5.09 -3.92
CA LEU A 39 -0.01 3.91 -4.76
C LEU A 39 -0.84 4.08 -6.04
N LYS A 40 -0.29 3.63 -7.16
CA LYS A 40 -0.97 3.73 -8.44
C LYS A 40 -1.84 2.49 -8.70
N THR A 41 -3.13 2.63 -8.45
CA THR A 41 -4.08 1.54 -8.65
C THR A 41 -5.28 1.97 -9.48
N THR A 42 -5.67 1.15 -10.44
CA THR A 42 -6.80 1.46 -11.29
C THR A 42 -6.53 2.68 -12.17
N GLU A 43 -5.42 2.64 -12.90
CA GLU A 43 -5.04 3.74 -13.77
C GLU A 43 -5.12 5.07 -13.02
N MET A 44 -4.98 5.00 -11.70
CA MET A 44 -5.03 6.20 -10.86
C MET A 44 -4.31 5.98 -9.54
N GLU A 45 -3.80 7.05 -8.96
CA GLU A 45 -3.08 6.97 -7.69
C GLU A 45 -3.96 7.46 -6.54
N THR A 46 -3.87 6.76 -5.41
CA THR A 46 -4.65 7.12 -4.23
C THR A 46 -3.77 7.26 -3.00
N ILE A 47 -3.99 8.32 -2.23
CA ILE A 47 -3.20 8.57 -1.02
C ILE A 47 -3.75 7.78 0.15
N TYR A 48 -2.88 7.02 0.81
CA TYR A 48 -3.28 6.22 1.96
C TYR A 48 -2.61 6.73 3.23
N ASP A 49 -3.43 7.08 4.22
CA ASP A 49 -2.92 7.58 5.50
C ASP A 49 -2.09 6.52 6.20
N LEU A 50 -0.80 6.78 6.35
CA LEU A 50 0.11 5.85 7.00
C LEU A 50 0.18 6.13 8.50
N GLY A 51 -0.16 5.11 9.30
CA GLY A 51 -0.11 5.27 10.75
C GLY A 51 1.24 4.92 11.32
N THR A 52 1.42 5.21 12.61
CA THR A 52 2.68 4.92 13.29
C THR A 52 3.09 3.47 13.11
N LYS A 53 2.09 2.58 13.09
CA LYS A 53 2.34 1.16 12.92
C LYS A 53 2.74 0.84 11.47
N MET A 54 2.00 1.40 10.53
CA MET A 54 2.27 1.18 9.11
C MET A 54 3.73 1.52 8.78
N ILE A 55 4.18 2.68 9.24
CA ILE A 55 5.56 3.11 9.00
C ILE A 55 6.56 2.09 9.53
N GLU A 56 6.39 1.69 10.78
CA GLU A 56 7.28 0.71 11.40
C GLU A 56 7.51 -0.47 10.47
N SER A 57 6.58 -0.69 9.55
CA SER A 57 6.68 -1.80 8.61
C SER A 57 7.43 -1.37 7.35
N LEU A 58 7.18 -0.14 6.91
CA LEU A 58 7.84 0.39 5.72
C LEU A 58 9.32 0.66 5.98
N THR A 59 9.69 0.68 7.26
CA THR A 59 11.07 0.93 7.64
C THR A 59 11.86 -0.37 7.72
N LYS A 60 11.21 -1.43 8.22
CA LYS A 60 11.85 -2.73 8.35
C LYS A 60 12.16 -3.31 6.98
N ASP A 61 11.28 -3.08 6.01
CA ASP A 61 11.47 -3.58 4.66
C ASP A 61 12.14 -2.53 3.77
N LYS A 62 12.37 -1.35 4.35
CA LYS A 62 13.01 -0.26 3.62
C LYS A 62 12.25 0.03 2.33
N VAL A 63 10.93 -0.15 2.35
CA VAL A 63 10.09 0.11 1.19
C VAL A 63 10.48 1.42 0.52
N GLN A 64 10.51 1.41 -0.82
CA GLN A 64 10.85 2.59 -1.58
C GLN A 64 9.99 2.70 -2.84
N ALA A 65 10.00 3.88 -3.46
CA ALA A 65 9.23 4.11 -4.67
C ALA A 65 9.68 3.20 -5.80
N GLY A 66 8.74 2.79 -6.64
CA GLY A 66 9.07 1.90 -7.75
C GLY A 66 8.68 0.47 -7.49
N ASP A 67 8.59 0.10 -6.22
CA ASP A 67 8.22 -1.26 -5.84
C ASP A 67 6.71 -1.38 -5.66
N VAL A 68 6.23 -2.61 -5.50
CA VAL A 68 4.81 -2.87 -5.32
C VAL A 68 4.52 -3.49 -3.95
N ILE A 69 3.85 -2.73 -3.10
CA ILE A 69 3.51 -3.20 -1.76
C ILE A 69 2.00 -3.30 -1.57
N THR A 70 1.58 -4.17 -0.66
CA THR A 70 0.15 -4.36 -0.39
C THR A 70 -0.24 -3.69 0.92
N ILE A 71 -1.55 -3.54 1.13
CA ILE A 71 -2.06 -2.92 2.35
C ILE A 71 -3.24 -3.70 2.92
N ASP A 72 -3.03 -4.31 4.08
CA ASP A 72 -4.07 -5.09 4.73
C ASP A 72 -4.83 -4.24 5.76
N LYS A 73 -6.05 -3.85 5.40
CA LYS A 73 -6.87 -3.04 6.30
C LYS A 73 -7.35 -3.85 7.49
N ALA A 74 -7.45 -5.17 7.31
CA ALA A 74 -7.87 -6.04 8.39
C ALA A 74 -7.10 -5.78 9.67
N THR A 75 -5.77 -5.83 9.57
CA THR A 75 -4.92 -5.60 10.72
C THR A 75 -4.15 -4.28 10.58
N GLY A 76 -4.10 -3.75 9.36
CA GLY A 76 -3.40 -2.51 9.11
C GLY A 76 -1.92 -2.71 8.87
N LYS A 77 -1.57 -3.88 8.34
CA LYS A 77 -0.17 -4.20 8.06
C LYS A 77 0.14 -4.02 6.58
N ILE A 78 1.43 -3.84 6.27
CA ILE A 78 1.86 -3.66 4.89
C ILE A 78 2.98 -4.64 4.53
N SER A 79 2.78 -5.38 3.45
CA SER A 79 3.76 -6.36 3.00
C SER A 79 4.38 -5.94 1.67
N LYS A 80 5.60 -6.38 1.43
CA LYS A 80 6.30 -6.05 0.19
C LYS A 80 6.28 -7.23 -0.78
N LEU A 81 6.09 -6.93 -2.06
CA LEU A 81 6.06 -7.97 -3.08
C LEU A 81 7.07 -7.68 -4.18
N GLY A 82 7.12 -6.42 -4.63
CA GLY A 82 8.05 -6.04 -5.68
C GLY A 82 7.34 -5.54 -6.92
N ARG A 83 6.83 -6.46 -7.73
CA ARG A 83 6.13 -6.10 -8.95
C ARG A 83 4.66 -6.48 -8.88
N SER A 84 3.83 -5.78 -9.65
CA SER A 84 2.40 -6.03 -9.66
C SER A 84 2.07 -7.20 -10.59
N PHE A 85 0.96 -7.88 -10.30
CA PHE A 85 0.54 -9.02 -11.11
C PHE A 85 0.02 -8.56 -12.47
N THR A 86 0.34 -9.32 -13.51
CA THR A 86 -0.08 -8.99 -14.86
C THR A 86 -0.47 -10.25 -15.63
N ARG A 87 -1.68 -10.24 -16.19
CA ARG A 87 -2.18 -11.38 -16.96
C ARG A 87 -3.33 -10.96 -17.88
N ALA A 88 -3.47 -11.66 -18.99
CA ALA A 88 -4.54 -11.36 -19.95
C ALA A 88 -4.86 -12.59 -20.80
N ARG A 89 -6.14 -12.73 -21.15
CA ARG A 89 -6.58 -13.87 -21.96
C ARG A 89 -5.99 -13.78 -23.37
N SER A 90 -5.95 -12.56 -23.91
CA SER A 90 -5.42 -12.34 -25.25
C SER A 90 -4.90 -10.91 -25.41
N GLY A 91 -4.02 -10.71 -26.37
CA GLY A 91 -3.46 -9.39 -26.61
C GLY A 91 -4.51 -8.41 -27.08
N PRO A 92 -4.45 -7.18 -26.54
CA PRO A 92 -5.40 -6.11 -26.90
C PRO A 92 -5.18 -5.60 -28.31
N SER A 93 -6.15 -5.86 -29.19
CA SER A 93 -6.06 -5.43 -30.58
C SER A 93 -7.45 -5.20 -31.16
N SER A 94 -7.52 -4.38 -32.20
CA SER A 94 -8.79 -4.06 -32.86
C SER A 94 -8.61 -3.98 -34.37
N GLY A 95 -9.68 -4.30 -35.10
CA GLY A 95 -9.63 -4.25 -36.54
C GLY A 95 -8.34 -4.82 -37.09
N GLY A 1 -3.58 -25.88 5.96
CA GLY A 1 -3.15 -24.66 5.30
C GLY A 1 -4.22 -24.09 4.38
N SER A 2 -3.98 -22.90 3.87
CA SER A 2 -4.92 -22.25 2.96
C SER A 2 -4.97 -22.97 1.61
N SER A 3 -5.89 -23.91 1.49
CA SER A 3 -6.03 -24.68 0.25
C SER A 3 -6.19 -23.75 -0.95
N GLY A 4 -6.26 -24.34 -2.14
CA GLY A 4 -6.41 -23.55 -3.34
C GLY A 4 -7.83 -23.09 -3.58
N SER A 5 -8.39 -22.37 -2.61
CA SER A 5 -9.75 -21.87 -2.71
C SER A 5 -9.96 -20.65 -1.82
N SER A 6 -11.08 -19.96 -2.02
CA SER A 6 -11.39 -18.77 -1.25
C SER A 6 -12.87 -18.42 -1.37
N GLY A 7 -13.55 -18.35 -0.23
CA GLY A 7 -14.97 -18.02 -0.22
C GLY A 7 -15.23 -16.56 0.09
N LYS A 8 -15.40 -16.25 1.38
CA LYS A 8 -15.65 -14.89 1.81
C LYS A 8 -14.53 -13.96 1.35
N GLU A 9 -14.59 -13.53 0.09
CA GLU A 9 -13.59 -12.64 -0.46
C GLU A 9 -13.57 -11.30 0.29
N GLU A 10 -12.52 -11.09 1.07
CA GLU A 10 -12.37 -9.86 1.83
C GLU A 10 -11.62 -8.80 1.03
N THR A 11 -12.27 -7.65 0.83
CA THR A 11 -11.68 -6.56 0.09
C THR A 11 -11.01 -5.55 1.01
N GLU A 12 -10.53 -6.04 2.16
CA GLU A 12 -9.87 -5.18 3.14
C GLU A 12 -8.38 -5.07 2.83
N ILE A 13 -8.04 -5.10 1.55
CA ILE A 13 -6.64 -5.00 1.13
C ILE A 13 -6.53 -4.23 -0.17
N ILE A 14 -5.49 -3.38 -0.27
CA ILE A 14 -5.26 -2.59 -1.47
C ILE A 14 -3.80 -2.67 -1.91
N GLU A 15 -3.57 -3.26 -3.07
CA GLU A 15 -2.21 -3.40 -3.59
C GLU A 15 -1.97 -2.40 -4.72
N GLY A 16 -0.76 -1.86 -4.77
CA GLY A 16 -0.41 -0.90 -5.79
C GLY A 16 1.08 -0.65 -5.89
N GLU A 17 1.49 0.14 -6.87
CA GLU A 17 2.90 0.45 -7.07
C GLU A 17 3.29 1.70 -6.29
N VAL A 18 4.24 1.55 -5.37
CA VAL A 18 4.70 2.67 -4.56
C VAL A 18 5.13 3.84 -5.43
N VAL A 19 4.33 4.90 -5.41
CA VAL A 19 4.62 6.10 -6.20
C VAL A 19 5.42 7.10 -5.39
N GLU A 20 4.93 7.46 -4.21
CA GLU A 20 5.60 8.41 -3.35
C GLU A 20 5.31 8.12 -1.88
N ILE A 21 6.32 8.29 -1.04
CA ILE A 21 6.18 8.04 0.40
C ILE A 21 6.59 9.26 1.21
N GLN A 22 5.60 10.03 1.66
CA GLN A 22 5.86 11.22 2.45
C GLN A 22 5.92 10.89 3.95
N ILE A 23 6.62 11.73 4.70
CA ILE A 23 6.75 11.52 6.14
C ILE A 23 6.45 12.80 6.91
N ASP A 24 5.45 12.73 7.78
CA ASP A 24 5.06 13.88 8.59
C ASP A 24 5.78 13.88 9.94
N ARG A 25 6.77 14.74 10.08
CA ARG A 25 7.53 14.83 11.32
C ARG A 25 6.61 14.80 12.52
N PRO A 26 7.12 14.27 13.64
CA PRO A 26 6.35 14.17 14.90
C PRO A 26 6.12 15.53 15.54
N ALA A 27 6.60 16.59 14.87
CA ALA A 27 6.44 17.94 15.38
C ALA A 27 5.12 18.11 16.12
N THR A 28 4.05 17.55 15.53
CA THR A 28 2.73 17.63 16.14
C THR A 28 2.59 16.68 17.32
N GLY A 29 2.29 17.25 18.49
CA GLY A 29 2.14 16.43 19.68
C GLY A 29 1.10 15.35 19.52
N THR A 30 -0.05 15.71 18.96
CA THR A 30 -1.13 14.76 18.75
C THR A 30 -0.59 13.37 18.42
N GLY A 31 -0.09 13.21 17.20
CA GLY A 31 0.45 11.93 16.79
C GLY A 31 1.94 11.81 17.07
N SER A 32 2.40 10.59 17.30
CA SER A 32 3.81 10.34 17.59
C SER A 32 4.57 10.00 16.31
N LYS A 33 3.84 9.60 15.28
CA LYS A 33 4.44 9.25 14.00
C LYS A 33 3.37 8.96 12.95
N VAL A 34 3.58 9.48 11.75
CA VAL A 34 2.63 9.28 10.65
C VAL A 34 3.32 9.42 9.30
N GLY A 35 2.66 8.91 8.26
CA GLY A 35 3.22 8.98 6.93
C GLY A 35 2.17 8.88 5.84
N LYS A 36 2.44 9.49 4.69
CA LYS A 36 1.50 9.46 3.57
C LYS A 36 2.06 8.65 2.41
N LEU A 37 1.37 7.57 2.05
CA LEU A 37 1.81 6.71 0.96
C LEU A 37 0.85 6.83 -0.23
N THR A 38 1.42 6.89 -1.43
CA THR A 38 0.63 7.01 -2.65
C THR A 38 1.00 5.92 -3.64
N LEU A 39 0.00 5.16 -4.09
CA LEU A 39 0.22 4.09 -5.05
C LEU A 39 -0.51 4.38 -6.36
N LYS A 40 0.02 3.84 -7.45
CA LYS A 40 -0.57 4.02 -8.77
C LYS A 40 -1.58 2.93 -9.07
N THR A 41 -2.87 3.26 -8.91
CA THR A 41 -3.93 2.30 -9.17
C THR A 41 -4.42 2.39 -10.62
N THR A 42 -5.24 1.43 -11.02
CA THR A 42 -5.77 1.40 -12.38
C THR A 42 -6.08 2.80 -12.88
N GLU A 43 -5.37 3.22 -13.92
CA GLU A 43 -5.57 4.55 -14.49
C GLU A 43 -6.00 5.55 -13.42
N MET A 44 -5.37 5.46 -12.25
CA MET A 44 -5.68 6.35 -11.14
C MET A 44 -4.63 6.25 -10.04
N GLU A 45 -4.54 7.28 -9.21
CA GLU A 45 -3.57 7.30 -8.13
C GLU A 45 -4.27 7.52 -6.78
N THR A 46 -4.16 6.52 -5.91
CA THR A 46 -4.78 6.61 -4.59
C THR A 46 -3.74 6.86 -3.50
N ILE A 47 -4.16 7.53 -2.44
CA ILE A 47 -3.26 7.84 -1.32
C ILE A 47 -3.71 7.14 -0.04
N TYR A 48 -2.87 6.25 0.47
CA TYR A 48 -3.17 5.52 1.68
C TYR A 48 -2.53 6.18 2.90
N ASP A 49 -3.24 6.18 4.02
CA ASP A 49 -2.74 6.77 5.25
C ASP A 49 -1.86 5.80 6.01
N LEU A 50 -0.65 6.23 6.37
CA LEU A 50 0.29 5.39 7.10
C LEU A 50 0.26 5.70 8.59
N GLY A 51 -0.11 4.70 9.39
CA GLY A 51 -0.16 4.90 10.83
C GLY A 51 1.15 4.59 11.51
N THR A 52 1.25 4.96 12.79
CA THR A 52 2.48 4.74 13.55
C THR A 52 2.91 3.28 13.47
N LYS A 53 1.98 2.40 13.09
CA LYS A 53 2.27 0.98 12.97
C LYS A 53 2.66 0.63 11.54
N MET A 54 2.03 1.29 10.58
CA MET A 54 2.31 1.05 9.17
C MET A 54 3.76 1.43 8.83
N ILE A 55 4.19 2.58 9.32
CA ILE A 55 5.54 3.06 9.07
C ILE A 55 6.58 2.11 9.65
N GLU A 56 6.36 1.71 10.91
CA GLU A 56 7.27 0.80 11.59
C GLU A 56 7.61 -0.39 10.71
N SER A 57 6.75 -0.67 9.72
CA SER A 57 6.96 -1.78 8.81
C SER A 57 7.73 -1.34 7.58
N LEU A 58 7.46 -0.11 7.12
CA LEU A 58 8.13 0.44 5.95
C LEU A 58 9.62 0.70 6.24
N THR A 59 9.98 0.62 7.51
CA THR A 59 11.37 0.84 7.91
C THR A 59 12.15 -0.47 7.91
N LYS A 60 11.55 -1.52 8.43
CA LYS A 60 12.19 -2.83 8.48
C LYS A 60 12.46 -3.36 7.08
N ASP A 61 11.55 -3.06 6.16
CA ASP A 61 11.70 -3.51 4.78
C ASP A 61 12.19 -2.37 3.89
N LYS A 62 12.53 -1.25 4.50
CA LYS A 62 13.01 -0.08 3.77
C LYS A 62 12.26 0.07 2.45
N VAL A 63 10.93 -0.02 2.51
CA VAL A 63 10.11 0.11 1.31
C VAL A 63 10.39 1.43 0.59
N GLN A 64 10.73 1.33 -0.69
CA GLN A 64 11.03 2.51 -1.49
C GLN A 64 10.09 2.60 -2.70
N ALA A 65 10.12 3.73 -3.39
CA ALA A 65 9.28 3.94 -4.56
C ALA A 65 9.64 2.97 -5.67
N GLY A 66 8.74 2.83 -6.64
CA GLY A 66 8.98 1.92 -7.75
C GLY A 66 8.62 0.49 -7.41
N ASP A 67 8.66 0.15 -6.13
CA ASP A 67 8.34 -1.20 -5.68
C ASP A 67 6.83 -1.36 -5.50
N VAL A 68 6.40 -2.59 -5.26
CA VAL A 68 4.98 -2.88 -5.06
C VAL A 68 4.71 -3.39 -3.65
N ILE A 69 3.89 -2.66 -2.92
CA ILE A 69 3.55 -3.04 -1.55
C ILE A 69 2.04 -3.16 -1.37
N THR A 70 1.63 -3.88 -0.34
CA THR A 70 0.21 -4.07 -0.06
C THR A 70 -0.18 -3.45 1.28
N ILE A 71 -1.47 -3.21 1.45
CA ILE A 71 -1.97 -2.62 2.69
C ILE A 71 -3.22 -3.33 3.18
N ASP A 72 -3.09 -4.05 4.29
CA ASP A 72 -4.21 -4.78 4.86
C ASP A 72 -4.96 -3.94 5.89
N LYS A 73 -6.13 -3.44 5.51
CA LYS A 73 -6.93 -2.61 6.40
C LYS A 73 -7.42 -3.42 7.60
N ALA A 74 -7.59 -4.72 7.41
CA ALA A 74 -8.05 -5.60 8.47
C ALA A 74 -7.00 -5.70 9.58
N THR A 75 -5.80 -6.14 9.23
CA THR A 75 -4.72 -6.28 10.20
C THR A 75 -3.93 -4.99 10.33
N GLY A 76 -4.17 -4.06 9.41
CA GLY A 76 -3.47 -2.79 9.45
C GLY A 76 -1.97 -2.95 9.27
N LYS A 77 -1.57 -3.96 8.51
CA LYS A 77 -0.16 -4.22 8.27
C LYS A 77 0.16 -4.11 6.78
N ILE A 78 1.43 -3.86 6.47
CA ILE A 78 1.87 -3.73 5.08
C ILE A 78 2.94 -4.76 4.75
N SER A 79 2.84 -5.33 3.55
CA SER A 79 3.80 -6.34 3.11
C SER A 79 4.30 -6.03 1.70
N LYS A 80 5.52 -6.46 1.40
CA LYS A 80 6.10 -6.24 0.09
C LYS A 80 5.95 -7.46 -0.80
N LEU A 81 5.72 -7.24 -2.08
CA LEU A 81 5.55 -8.33 -3.04
C LEU A 81 6.46 -8.15 -4.24
N GLY A 82 6.89 -9.26 -4.83
CA GLY A 82 7.77 -9.20 -5.99
C GLY A 82 7.35 -8.14 -6.98
N ARG A 83 6.07 -8.15 -7.35
CA ARG A 83 5.54 -7.19 -8.31
C ARG A 83 4.02 -7.28 -8.39
N SER A 84 3.41 -6.34 -9.11
CA SER A 84 1.96 -6.32 -9.27
C SER A 84 1.51 -7.28 -10.35
N PHE A 85 0.46 -8.04 -10.07
CA PHE A 85 -0.07 -9.01 -11.01
C PHE A 85 -1.46 -8.59 -11.50
N THR A 86 -1.70 -8.72 -12.80
CA THR A 86 -2.98 -8.36 -13.38
C THR A 86 -3.44 -9.41 -14.40
N ARG A 87 -4.73 -9.39 -14.72
CA ARG A 87 -5.29 -10.34 -15.67
C ARG A 87 -5.80 -9.61 -16.91
N ALA A 88 -5.89 -10.34 -18.02
CA ALA A 88 -6.36 -9.77 -19.28
C ALA A 88 -7.88 -9.72 -19.32
N ARG A 89 -8.43 -8.58 -19.70
CA ARG A 89 -9.87 -8.40 -19.79
C ARG A 89 -10.28 -7.82 -21.13
N SER A 90 -10.54 -8.69 -22.09
CA SER A 90 -10.93 -8.26 -23.44
C SER A 90 -11.89 -7.08 -23.37
N GLY A 91 -11.62 -6.07 -24.20
CA GLY A 91 -12.48 -4.89 -24.21
C GLY A 91 -13.95 -5.23 -24.17
N PRO A 92 -14.73 -4.41 -23.44
CA PRO A 92 -16.17 -4.62 -23.30
C PRO A 92 -16.92 -4.34 -24.60
N SER A 93 -17.06 -5.37 -25.43
CA SER A 93 -17.76 -5.25 -26.70
C SER A 93 -19.20 -4.79 -26.49
N SER A 94 -19.82 -4.27 -27.55
CA SER A 94 -21.19 -3.79 -27.48
C SER A 94 -22.12 -4.90 -26.98
N GLY A 95 -22.32 -4.93 -25.67
CA GLY A 95 -23.19 -5.94 -25.08
C GLY A 95 -24.65 -5.54 -25.10
N GLY A 1 -8.15 -29.55 -1.54
CA GLY A 1 -9.43 -29.12 -2.06
C GLY A 1 -9.28 -27.98 -3.06
N SER A 2 -10.41 -27.39 -3.45
CA SER A 2 -10.40 -26.29 -4.42
C SER A 2 -10.81 -24.99 -3.75
N SER A 3 -10.44 -23.87 -4.37
CA SER A 3 -10.76 -22.55 -3.84
C SER A 3 -12.00 -21.98 -4.52
N GLY A 4 -12.87 -21.36 -3.73
CA GLY A 4 -14.09 -20.78 -4.27
C GLY A 4 -14.27 -19.33 -3.88
N SER A 5 -15.52 -18.88 -3.84
CA SER A 5 -15.81 -17.49 -3.47
C SER A 5 -17.31 -17.29 -3.30
N SER A 6 -17.68 -16.19 -2.66
CA SER A 6 -19.10 -15.88 -2.43
C SER A 6 -19.62 -14.89 -3.46
N GLY A 7 -18.83 -13.83 -3.70
CA GLY A 7 -19.23 -12.82 -4.66
C GLY A 7 -18.96 -11.42 -4.17
N LYS A 8 -19.91 -10.86 -3.42
CA LYS A 8 -19.77 -9.51 -2.88
C LYS A 8 -19.07 -9.53 -1.53
N GLU A 9 -17.95 -8.83 -1.44
CA GLU A 9 -17.19 -8.76 -0.20
C GLU A 9 -16.12 -7.68 -0.27
N GLU A 10 -16.27 -6.65 0.56
CA GLU A 10 -15.30 -5.55 0.59
C GLU A 10 -13.91 -6.06 0.94
N THR A 11 -13.07 -6.20 -0.08
CA THR A 11 -11.70 -6.67 0.12
C THR A 11 -10.93 -5.76 1.06
N GLU A 12 -10.44 -6.33 2.17
CA GLU A 12 -9.68 -5.57 3.15
C GLU A 12 -8.21 -5.49 2.77
N ILE A 13 -7.94 -5.51 1.47
CA ILE A 13 -6.57 -5.43 0.97
C ILE A 13 -6.49 -4.62 -0.31
N ILE A 14 -5.47 -3.78 -0.42
CA ILE A 14 -5.28 -2.95 -1.61
C ILE A 14 -3.82 -2.95 -2.04
N GLU A 15 -3.57 -3.39 -3.27
CA GLU A 15 -2.21 -3.43 -3.81
C GLU A 15 -2.03 -2.36 -4.88
N GLY A 16 -0.85 -1.74 -4.88
CA GLY A 16 -0.56 -0.70 -5.86
C GLY A 16 0.93 -0.47 -6.02
N GLU A 17 1.28 0.37 -6.99
CA GLU A 17 2.69 0.67 -7.26
C GLU A 17 3.15 1.88 -6.43
N VAL A 18 4.00 1.61 -5.44
CA VAL A 18 4.51 2.66 -4.58
C VAL A 18 5.08 3.82 -5.40
N VAL A 19 4.43 4.97 -5.32
CA VAL A 19 4.87 6.15 -6.05
C VAL A 19 5.67 7.09 -5.15
N GLU A 20 5.09 7.45 -4.01
CA GLU A 20 5.74 8.35 -3.06
C GLU A 20 5.43 7.94 -1.63
N ILE A 21 6.42 8.09 -0.75
CA ILE A 21 6.25 7.74 0.65
C ILE A 21 6.75 8.86 1.56
N GLN A 22 5.83 9.70 2.01
CA GLN A 22 6.17 10.81 2.89
C GLN A 22 6.23 10.36 4.35
N ILE A 23 7.18 10.91 5.09
CA ILE A 23 7.34 10.57 6.50
C ILE A 23 7.67 11.80 7.34
N ASP A 24 6.78 12.12 8.28
CA ASP A 24 6.98 13.28 9.15
C ASP A 24 7.44 12.84 10.53
N ARG A 25 8.70 13.12 10.86
CA ARG A 25 9.26 12.76 12.15
C ARG A 25 8.56 13.51 13.28
N PRO A 26 8.49 12.88 14.46
CA PRO A 26 7.85 13.46 15.64
C PRO A 26 8.63 14.64 16.21
N ALA A 27 7.92 15.64 16.69
CA ALA A 27 8.55 16.83 17.25
C ALA A 27 8.77 16.66 18.76
N THR A 28 9.45 17.64 19.36
CA THR A 28 9.74 17.60 20.79
C THR A 28 8.48 17.89 21.60
N GLY A 29 8.05 16.89 22.37
CA GLY A 29 6.86 17.05 23.19
C GLY A 29 5.95 15.84 23.14
N THR A 30 4.72 16.05 22.68
CA THR A 30 3.75 14.96 22.58
C THR A 30 3.07 14.95 21.22
N GLY A 31 2.85 13.76 20.67
CA GLY A 31 2.22 13.63 19.37
C GLY A 31 2.28 12.22 18.84
N SER A 32 1.68 12.00 17.67
CA SER A 32 1.67 10.68 17.04
C SER A 32 2.28 10.73 15.65
N LYS A 33 3.03 9.70 15.30
CA LYS A 33 3.68 9.62 14.00
C LYS A 33 2.66 9.70 12.88
N VAL A 34 3.06 10.27 11.76
CA VAL A 34 2.18 10.41 10.61
C VAL A 34 2.93 10.16 9.30
N GLY A 35 2.22 9.57 8.33
CA GLY A 35 2.84 9.28 7.05
C GLY A 35 1.85 9.34 5.90
N LYS A 36 2.35 9.60 4.70
CA LYS A 36 1.50 9.68 3.51
C LYS A 36 2.06 8.82 2.39
N LEU A 37 1.27 7.83 1.96
CA LEU A 37 1.68 6.93 0.89
C LEU A 37 0.81 7.12 -0.35
N THR A 38 1.41 7.01 -1.52
CA THR A 38 0.69 7.17 -2.78
C THR A 38 0.99 6.02 -3.73
N LEU A 39 -0.05 5.27 -4.09
CA LEU A 39 0.11 4.14 -5.00
C LEU A 39 -0.57 4.42 -6.34
N LYS A 40 0.10 4.05 -7.43
CA LYS A 40 -0.44 4.25 -8.76
C LYS A 40 -1.28 3.06 -9.21
N THR A 41 -2.60 3.19 -9.12
CA THR A 41 -3.50 2.13 -9.51
C THR A 41 -3.99 2.31 -10.94
N THR A 42 -4.65 1.30 -11.48
CA THR A 42 -5.17 1.35 -12.84
C THR A 42 -5.71 2.74 -13.16
N GLU A 43 -5.03 3.44 -14.06
CA GLU A 43 -5.43 4.78 -14.46
C GLU A 43 -6.05 5.53 -13.28
N MET A 44 -5.44 5.40 -12.11
CA MET A 44 -5.93 6.06 -10.91
C MET A 44 -4.88 6.03 -9.80
N GLU A 45 -4.64 7.18 -9.18
CA GLU A 45 -3.67 7.28 -8.11
C GLU A 45 -4.35 7.56 -6.77
N THR A 46 -4.24 6.62 -5.84
CA THR A 46 -4.85 6.76 -4.53
C THR A 46 -3.79 7.02 -3.46
N ILE A 47 -4.06 7.97 -2.58
CA ILE A 47 -3.13 8.31 -1.51
C ILE A 47 -3.60 7.74 -0.17
N TYR A 48 -2.88 6.74 0.32
CA TYR A 48 -3.23 6.11 1.59
C TYR A 48 -2.48 6.77 2.74
N ASP A 49 -3.18 6.95 3.86
CA ASP A 49 -2.58 7.57 5.04
C ASP A 49 -1.85 6.53 5.88
N LEU A 50 -0.91 7.01 6.70
CA LEU A 50 -0.13 6.13 7.56
C LEU A 50 -0.11 6.63 9.00
N GLY A 51 0.23 5.75 9.93
CA GLY A 51 0.29 6.13 11.32
C GLY A 51 1.64 5.86 11.95
N THR A 52 1.64 5.12 13.06
CA THR A 52 2.88 4.78 13.75
C THR A 52 3.32 3.36 13.45
N LYS A 53 2.36 2.44 13.42
CA LYS A 53 2.64 1.04 13.14
C LYS A 53 2.87 0.82 11.64
N MET A 54 1.98 1.38 10.83
CA MET A 54 2.09 1.25 9.38
C MET A 54 3.49 1.64 8.90
N ILE A 55 4.08 2.63 9.55
CA ILE A 55 5.41 3.09 9.20
C ILE A 55 6.47 2.05 9.54
N GLU A 56 6.43 1.55 10.77
CA GLU A 56 7.38 0.55 11.23
C GLU A 56 7.55 -0.55 10.18
N SER A 57 6.51 -0.76 9.38
CA SER A 57 6.55 -1.79 8.34
C SER A 57 7.37 -1.31 7.14
N LEU A 58 7.21 -0.04 6.78
CA LEU A 58 7.94 0.53 5.66
C LEU A 58 9.40 0.79 6.03
N THR A 59 9.70 0.73 7.32
CA THR A 59 11.05 0.94 7.80
C THR A 59 11.80 -0.38 7.95
N LYS A 60 11.10 -1.39 8.45
CA LYS A 60 11.71 -2.71 8.65
C LYS A 60 12.01 -3.37 7.30
N ASP A 61 11.19 -3.05 6.30
CA ASP A 61 11.37 -3.63 4.96
C ASP A 61 11.97 -2.59 4.01
N LYS A 62 12.29 -1.41 4.55
CA LYS A 62 12.87 -0.34 3.75
C LYS A 62 12.15 -0.22 2.41
N VAL A 63 10.82 -0.16 2.46
CA VAL A 63 10.02 -0.04 1.26
C VAL A 63 10.30 1.28 0.54
N GLN A 64 10.53 1.20 -0.77
CA GLN A 64 10.80 2.39 -1.57
C GLN A 64 9.92 2.43 -2.82
N ALA A 65 9.95 3.56 -3.51
CA ALA A 65 9.15 3.74 -4.72
C ALA A 65 9.55 2.73 -5.78
N GLY A 66 8.58 2.32 -6.59
CA GLY A 66 8.84 1.35 -7.66
C GLY A 66 8.37 -0.05 -7.30
N ASP A 67 8.48 -0.39 -6.02
CA ASP A 67 8.05 -1.71 -5.56
C ASP A 67 6.58 -1.70 -5.16
N VAL A 68 5.83 -2.67 -5.68
CA VAL A 68 4.41 -2.78 -5.38
C VAL A 68 4.17 -3.43 -4.02
N ILE A 69 3.63 -2.66 -3.08
CA ILE A 69 3.36 -3.16 -1.74
C ILE A 69 1.86 -3.24 -1.48
N THR A 70 1.46 -4.20 -0.65
CA THR A 70 0.05 -4.38 -0.31
C THR A 70 -0.28 -3.74 1.03
N ILE A 71 -1.57 -3.66 1.34
CA ILE A 71 -2.02 -3.08 2.59
C ILE A 71 -3.22 -3.84 3.16
N ASP A 72 -2.99 -4.57 4.24
CA ASP A 72 -4.06 -5.34 4.88
C ASP A 72 -4.77 -4.52 5.94
N LYS A 73 -5.98 -4.08 5.63
CA LYS A 73 -6.76 -3.28 6.57
C LYS A 73 -7.17 -4.09 7.78
N ALA A 74 -7.38 -5.39 7.57
CA ALA A 74 -7.77 -6.29 8.66
C ALA A 74 -6.73 -6.29 9.77
N THR A 75 -5.48 -6.55 9.41
CA THR A 75 -4.39 -6.58 10.38
C THR A 75 -3.69 -5.23 10.46
N GLY A 76 -3.95 -4.38 9.48
CA GLY A 76 -3.33 -3.06 9.46
C GLY A 76 -1.83 -3.13 9.26
N LYS A 77 -1.38 -4.13 8.51
CA LYS A 77 0.04 -4.30 8.24
C LYS A 77 0.33 -4.13 6.75
N ILE A 78 1.56 -3.71 6.44
CA ILE A 78 1.97 -3.52 5.06
C ILE A 78 3.04 -4.53 4.65
N SER A 79 2.81 -5.22 3.55
CA SER A 79 3.76 -6.21 3.06
C SER A 79 4.23 -5.87 1.65
N LYS A 80 5.54 -5.94 1.42
CA LYS A 80 6.11 -5.65 0.11
C LYS A 80 6.17 -6.90 -0.76
N LEU A 81 5.93 -6.72 -2.05
CA LEU A 81 5.96 -7.84 -3.00
C LEU A 81 6.98 -7.59 -4.10
N GLY A 82 6.94 -6.39 -4.67
CA GLY A 82 7.88 -6.05 -5.73
C GLY A 82 7.18 -5.86 -7.07
N ARG A 83 7.63 -6.60 -8.08
CA ARG A 83 7.05 -6.50 -9.42
C ARG A 83 5.65 -7.08 -9.44
N SER A 84 4.72 -6.36 -10.05
CA SER A 84 3.33 -6.79 -10.15
C SER A 84 3.19 -7.96 -11.12
N PHE A 85 3.32 -9.18 -10.61
CA PHE A 85 3.21 -10.37 -11.44
C PHE A 85 1.82 -10.46 -12.08
N THR A 86 1.80 -10.49 -13.41
CA THR A 86 0.55 -10.56 -14.15
C THR A 86 0.74 -11.26 -15.49
N ARG A 87 -0.35 -11.50 -16.19
CA ARG A 87 -0.30 -12.16 -17.50
C ARG A 87 -0.52 -11.15 -18.62
N ALA A 88 0.16 -11.39 -19.75
CA ALA A 88 0.05 -10.51 -20.91
C ALA A 88 -1.39 -10.47 -21.43
N ARG A 89 -2.00 -11.65 -21.55
CA ARG A 89 -3.37 -11.75 -22.03
C ARG A 89 -4.29 -12.34 -20.98
N SER A 90 -5.46 -11.74 -20.81
CA SER A 90 -6.42 -12.20 -19.82
C SER A 90 -7.46 -13.12 -20.46
N GLY A 91 -8.15 -12.61 -21.47
CA GLY A 91 -9.16 -13.39 -22.15
C GLY A 91 -8.57 -14.57 -22.91
N PRO A 92 -9.31 -15.68 -22.96
CA PRO A 92 -8.87 -16.89 -23.66
C PRO A 92 -8.85 -16.72 -25.17
N SER A 93 -7.72 -17.07 -25.79
CA SER A 93 -7.58 -16.95 -27.24
C SER A 93 -8.76 -17.60 -27.96
N SER A 94 -9.47 -16.80 -28.75
CA SER A 94 -10.62 -17.30 -29.50
C SER A 94 -10.25 -18.51 -30.33
N GLY A 95 -11.13 -19.51 -30.36
CA GLY A 95 -10.87 -20.71 -31.13
C GLY A 95 -11.02 -20.49 -32.62
N GLY A 1 -22.94 -22.38 2.67
CA GLY A 1 -23.93 -21.35 2.84
C GLY A 1 -24.03 -20.42 1.64
N SER A 2 -24.07 -21.00 0.45
CA SER A 2 -24.15 -20.21 -0.77
C SER A 2 -25.07 -19.01 -0.59
N SER A 3 -24.48 -17.83 -0.52
CA SER A 3 -25.25 -16.60 -0.34
C SER A 3 -25.93 -16.19 -1.65
N GLY A 4 -27.23 -16.45 -1.73
CA GLY A 4 -27.99 -16.11 -2.93
C GLY A 4 -27.73 -14.68 -3.39
N SER A 5 -28.18 -13.72 -2.59
CA SER A 5 -28.00 -12.31 -2.93
C SER A 5 -26.78 -11.74 -2.22
N SER A 6 -25.74 -11.44 -2.98
CA SER A 6 -24.51 -10.89 -2.42
C SER A 6 -24.43 -9.38 -2.66
N GLY A 7 -24.10 -8.64 -1.61
CA GLY A 7 -24.01 -7.19 -1.73
C GLY A 7 -22.91 -6.77 -2.69
N LYS A 8 -21.85 -6.18 -2.16
CA LYS A 8 -20.74 -5.73 -2.98
C LYS A 8 -19.45 -6.48 -2.62
N GLU A 9 -18.63 -6.77 -3.63
CA GLU A 9 -17.38 -7.47 -3.42
C GLU A 9 -16.26 -6.49 -3.07
N GLU A 10 -15.97 -6.39 -1.77
CA GLU A 10 -14.92 -5.48 -1.29
C GLU A 10 -14.03 -6.19 -0.28
N THR A 11 -12.72 -6.13 -0.51
CA THR A 11 -11.76 -6.76 0.39
C THR A 11 -11.03 -5.71 1.22
N GLU A 12 -10.51 -6.14 2.38
CA GLU A 12 -9.78 -5.24 3.26
C GLU A 12 -8.30 -5.18 2.88
N ILE A 13 -8.03 -5.25 1.58
CA ILE A 13 -6.66 -5.19 1.09
C ILE A 13 -6.59 -4.44 -0.24
N ILE A 14 -5.50 -3.71 -0.44
CA ILE A 14 -5.30 -2.96 -1.68
C ILE A 14 -3.84 -2.95 -2.09
N GLU A 15 -3.57 -3.31 -3.34
CA GLU A 15 -2.22 -3.34 -3.86
C GLU A 15 -2.00 -2.23 -4.89
N GLY A 16 -0.83 -1.58 -4.82
CA GLY A 16 -0.53 -0.52 -5.74
C GLY A 16 0.97 -0.31 -5.91
N GLU A 17 1.35 0.37 -6.98
CA GLU A 17 2.76 0.64 -7.26
C GLU A 17 3.25 1.84 -6.46
N VAL A 18 4.05 1.57 -5.43
CA VAL A 18 4.59 2.62 -4.59
C VAL A 18 5.16 3.77 -5.43
N VAL A 19 4.46 4.90 -5.43
CA VAL A 19 4.89 6.05 -6.19
C VAL A 19 5.72 7.00 -5.33
N GLU A 20 5.18 7.38 -4.18
CA GLU A 20 5.87 8.29 -3.26
C GLU A 20 5.63 7.88 -1.81
N ILE A 21 6.63 8.12 -0.97
CA ILE A 21 6.52 7.77 0.44
C ILE A 21 7.01 8.92 1.32
N GLN A 22 6.07 9.62 1.95
CA GLN A 22 6.40 10.74 2.82
C GLN A 22 6.27 10.35 4.29
N ILE A 23 7.20 10.83 5.11
CA ILE A 23 7.19 10.53 6.53
C ILE A 23 7.30 11.81 7.36
N ASP A 24 6.22 12.17 8.04
CA ASP A 24 6.20 13.37 8.87
C ASP A 24 6.99 13.14 10.15
N ARG A 25 8.16 13.77 10.25
CA ARG A 25 9.01 13.64 11.42
C ARG A 25 8.54 14.57 12.54
N PRO A 26 8.66 14.10 13.78
CA PRO A 26 8.26 14.87 14.97
C PRO A 26 9.17 16.07 15.22
N ALA A 27 8.59 17.26 15.21
CA ALA A 27 9.35 18.48 15.44
C ALA A 27 9.22 18.95 16.89
N THR A 28 7.97 19.09 17.34
CA THR A 28 7.70 19.53 18.71
C THR A 28 6.51 18.78 19.30
N GLY A 29 6.50 18.65 20.62
CA GLY A 29 5.42 17.95 21.30
C GLY A 29 5.30 16.51 20.86
N THR A 30 4.82 15.66 21.76
CA THR A 30 4.66 14.25 21.46
C THR A 30 3.20 13.90 21.13
N GLY A 31 3.01 12.95 20.23
CA GLY A 31 1.67 12.55 19.84
C GLY A 31 1.63 11.16 19.25
N SER A 32 1.46 11.09 17.93
CA SER A 32 1.38 9.80 17.24
C SER A 32 2.00 9.90 15.85
N LYS A 33 3.02 9.10 15.60
CA LYS A 33 3.70 9.09 14.31
C LYS A 33 2.69 9.10 13.17
N VAL A 34 2.99 9.88 12.13
CA VAL A 34 2.10 9.99 10.98
C VAL A 34 2.90 10.00 9.67
N GLY A 35 2.28 9.56 8.59
CA GLY A 35 2.94 9.52 7.31
C GLY A 35 1.96 9.44 6.15
N LYS A 36 2.46 9.65 4.94
CA LYS A 36 1.62 9.60 3.74
C LYS A 36 2.25 8.69 2.68
N LEU A 37 1.39 7.99 1.94
CA LEU A 37 1.87 7.10 0.89
C LEU A 37 0.98 7.21 -0.36
N THR A 38 1.61 7.14 -1.52
CA THR A 38 0.89 7.24 -2.79
C THR A 38 1.14 6.01 -3.65
N LEU A 39 0.06 5.43 -4.17
CA LEU A 39 0.16 4.25 -5.02
C LEU A 39 -0.68 4.42 -6.28
N LYS A 40 -0.05 4.18 -7.43
CA LYS A 40 -0.74 4.30 -8.71
C LYS A 40 -1.38 2.98 -9.11
N THR A 41 -2.71 2.98 -9.18
CA THR A 41 -3.45 1.77 -9.56
C THR A 41 -3.57 1.64 -11.06
N THR A 42 -4.03 0.49 -11.52
CA THR A 42 -4.19 0.23 -12.96
C THR A 42 -4.83 1.43 -13.66
N GLU A 43 -5.51 2.27 -12.87
CA GLU A 43 -6.16 3.45 -13.43
C GLU A 43 -5.50 4.72 -12.91
N MET A 44 -5.80 5.08 -11.66
CA MET A 44 -5.25 6.28 -11.06
C MET A 44 -4.59 5.96 -9.72
N GLU A 45 -3.99 6.97 -9.09
CA GLU A 45 -3.34 6.78 -7.80
C GLU A 45 -4.25 7.23 -6.66
N THR A 46 -3.90 6.80 -5.45
CA THR A 46 -4.69 7.16 -4.27
C THR A 46 -3.82 7.22 -3.03
N ILE A 47 -4.05 8.22 -2.19
CA ILE A 47 -3.29 8.39 -0.96
C ILE A 47 -3.83 7.52 0.15
N TYR A 48 -2.94 6.96 0.96
CA TYR A 48 -3.34 6.10 2.06
C TYR A 48 -2.84 6.64 3.40
N ASP A 49 -3.78 7.00 4.27
CA ASP A 49 -3.43 7.54 5.58
C ASP A 49 -2.65 6.53 6.40
N LEU A 50 -1.39 6.85 6.69
CA LEU A 50 -0.53 5.96 7.47
C LEU A 50 -0.50 6.38 8.93
N GLY A 51 -0.33 5.41 9.82
CA GLY A 51 -0.28 5.71 11.24
C GLY A 51 1.09 5.44 11.84
N THR A 52 1.15 4.50 12.79
CA THR A 52 2.39 4.16 13.44
C THR A 52 2.87 2.78 13.04
N LYS A 53 2.00 1.78 13.20
CA LYS A 53 2.33 0.40 12.86
C LYS A 53 2.63 0.29 11.37
N MET A 54 1.87 1.00 10.55
CA MET A 54 2.06 0.98 9.11
C MET A 54 3.49 1.32 8.74
N ILE A 55 4.00 2.42 9.30
CA ILE A 55 5.36 2.86 9.02
C ILE A 55 6.38 1.82 9.52
N GLU A 56 6.15 1.31 10.73
CA GLU A 56 7.04 0.32 11.32
C GLU A 56 7.41 -0.74 10.30
N SER A 57 6.54 -0.95 9.33
CA SER A 57 6.77 -1.95 8.29
C SER A 57 7.57 -1.36 7.13
N LEU A 58 7.23 -0.13 6.75
CA LEU A 58 7.91 0.56 5.66
C LEU A 58 9.37 0.85 6.02
N THR A 59 9.68 0.73 7.31
CA THR A 59 11.04 0.99 7.78
C THR A 59 11.85 -0.30 7.80
N LYS A 60 11.25 -1.37 8.31
CA LYS A 60 11.93 -2.66 8.39
C LYS A 60 12.25 -3.19 7.00
N ASP A 61 11.29 -3.08 6.10
CA ASP A 61 11.46 -3.56 4.73
C ASP A 61 11.98 -2.44 3.83
N LYS A 62 12.36 -1.32 4.45
CA LYS A 62 12.89 -0.17 3.71
C LYS A 62 12.15 -0.01 2.38
N VAL A 63 10.81 0.01 2.44
CA VAL A 63 10.00 0.16 1.25
C VAL A 63 10.26 1.51 0.57
N GLN A 64 10.23 1.51 -0.76
CA GLN A 64 10.46 2.72 -1.52
C GLN A 64 9.70 2.70 -2.85
N ALA A 65 9.85 3.75 -3.64
CA ALA A 65 9.17 3.84 -4.92
C ALA A 65 9.72 2.82 -5.91
N GLY A 66 8.83 2.20 -6.67
CA GLY A 66 9.24 1.20 -7.64
C GLY A 66 8.76 -0.18 -7.29
N ASP A 67 8.64 -0.46 -5.99
CA ASP A 67 8.18 -1.77 -5.53
C ASP A 67 6.69 -1.73 -5.19
N VAL A 68 5.96 -2.72 -5.71
CA VAL A 68 4.53 -2.80 -5.47
C VAL A 68 4.23 -3.41 -4.10
N ILE A 69 3.67 -2.59 -3.21
CA ILE A 69 3.33 -3.05 -1.87
C ILE A 69 1.82 -3.12 -1.67
N THR A 70 1.41 -3.87 -0.65
CA THR A 70 -0.01 -4.03 -0.35
C THR A 70 -0.38 -3.37 0.97
N ILE A 71 -1.67 -3.26 1.24
CA ILE A 71 -2.15 -2.65 2.47
C ILE A 71 -3.33 -3.42 3.05
N ASP A 72 -3.09 -4.13 4.14
CA ASP A 72 -4.12 -4.91 4.81
C ASP A 72 -4.74 -4.13 5.97
N LYS A 73 -5.97 -3.67 5.78
CA LYS A 73 -6.67 -2.92 6.82
C LYS A 73 -6.93 -3.78 8.04
N ALA A 74 -7.30 -5.04 7.80
CA ALA A 74 -7.58 -5.97 8.88
C ALA A 74 -6.63 -5.74 10.06
N THR A 75 -5.34 -5.86 9.82
CA THR A 75 -4.34 -5.67 10.87
C THR A 75 -3.61 -4.34 10.68
N GLY A 76 -3.69 -3.79 9.48
CA GLY A 76 -3.03 -2.52 9.20
C GLY A 76 -1.56 -2.69 8.87
N LYS A 77 -1.21 -3.84 8.31
CA LYS A 77 0.18 -4.13 7.95
C LYS A 77 0.41 -3.90 6.47
N ILE A 78 1.65 -3.58 6.11
CA ILE A 78 2.01 -3.34 4.72
C ILE A 78 3.13 -4.28 4.26
N SER A 79 2.82 -5.14 3.29
CA SER A 79 3.81 -6.08 2.77
C SER A 79 4.29 -5.65 1.39
N LYS A 80 5.51 -6.06 1.04
CA LYS A 80 6.09 -5.72 -0.25
C LYS A 80 6.04 -6.92 -1.19
N LEU A 81 5.70 -6.65 -2.45
CA LEU A 81 5.62 -7.71 -3.46
C LEU A 81 6.60 -7.46 -4.60
N GLY A 82 6.93 -8.51 -5.34
CA GLY A 82 7.86 -8.38 -6.45
C GLY A 82 7.36 -7.41 -7.51
N ARG A 83 7.13 -7.92 -8.71
CA ARG A 83 6.65 -7.09 -9.81
C ARG A 83 5.21 -7.44 -10.16
N SER A 84 4.31 -6.47 -9.99
CA SER A 84 2.89 -6.68 -10.28
C SER A 84 2.60 -6.36 -11.74
N PHE A 85 2.86 -7.31 -12.62
CA PHE A 85 2.63 -7.13 -14.05
C PHE A 85 2.10 -8.41 -14.68
N THR A 86 0.84 -8.39 -15.10
CA THR A 86 0.22 -9.55 -15.73
C THR A 86 0.15 -9.40 -17.23
N ARG A 87 0.16 -10.53 -17.94
CA ARG A 87 0.10 -10.52 -19.39
C ARG A 87 -1.27 -10.95 -19.89
N ALA A 88 -2.07 -9.98 -20.33
CA ALA A 88 -3.40 -10.26 -20.84
C ALA A 88 -4.01 -9.03 -21.50
N ARG A 89 -4.33 -9.15 -22.79
CA ARG A 89 -4.92 -8.04 -23.53
C ARG A 89 -6.36 -7.80 -23.09
N SER A 90 -6.84 -6.58 -23.33
CA SER A 90 -8.21 -6.21 -22.95
C SER A 90 -8.84 -5.33 -24.02
N GLY A 91 -10.17 -5.30 -24.03
CA GLY A 91 -10.88 -4.49 -25.01
C GLY A 91 -12.26 -5.05 -25.31
N PRO A 92 -12.32 -6.02 -26.23
CA PRO A 92 -13.58 -6.65 -26.63
C PRO A 92 -14.18 -7.51 -25.53
N SER A 93 -15.16 -6.96 -24.81
CA SER A 93 -15.81 -7.67 -23.72
C SER A 93 -16.90 -8.59 -24.26
N SER A 94 -16.52 -9.83 -24.57
CA SER A 94 -17.47 -10.81 -25.09
C SER A 94 -18.80 -10.75 -24.33
N GLY A 95 -19.82 -10.19 -24.98
CA GLY A 95 -21.12 -10.08 -24.36
C GLY A 95 -22.25 -10.13 -25.37
N GLY A 1 6.11 -18.68 10.64
CA GLY A 1 5.31 -19.29 9.59
C GLY A 1 3.83 -18.97 9.73
N SER A 2 2.98 -19.86 9.23
CA SER A 2 1.54 -19.67 9.30
C SER A 2 0.80 -20.97 9.05
N SER A 3 -0.39 -21.09 9.62
CA SER A 3 -1.20 -22.30 9.46
C SER A 3 -2.46 -22.01 8.66
N GLY A 4 -2.89 -20.75 8.67
CA GLY A 4 -4.08 -20.35 7.94
C GLY A 4 -5.35 -20.53 8.76
N SER A 5 -6.08 -19.44 8.95
CA SER A 5 -7.31 -19.47 9.72
C SER A 5 -8.40 -18.63 9.06
N SER A 6 -9.62 -19.15 9.03
CA SER A 6 -10.74 -18.45 8.43
C SER A 6 -10.62 -16.93 8.65
N GLY A 7 -11.07 -16.16 7.67
CA GLY A 7 -11.01 -14.72 7.78
C GLY A 7 -12.34 -14.05 7.46
N LYS A 8 -12.31 -12.73 7.30
CA LYS A 8 -13.51 -11.98 6.99
C LYS A 8 -13.76 -11.92 5.49
N GLU A 9 -12.75 -12.31 4.71
CA GLU A 9 -12.86 -12.32 3.26
C GLU A 9 -13.71 -11.14 2.78
N GLU A 10 -13.44 -9.96 3.33
CA GLU A 10 -14.18 -8.76 2.96
C GLU A 10 -13.31 -7.81 2.15
N THR A 11 -12.59 -8.35 1.17
CA THR A 11 -11.71 -7.55 0.34
C THR A 11 -11.01 -6.47 1.14
N GLU A 12 -10.53 -6.84 2.32
CA GLU A 12 -9.84 -5.91 3.20
C GLU A 12 -8.36 -5.80 2.82
N ILE A 13 -8.09 -5.88 1.53
CA ILE A 13 -6.72 -5.80 1.02
C ILE A 13 -6.63 -4.84 -0.17
N ILE A 14 -5.67 -3.92 -0.10
CA ILE A 14 -5.47 -2.94 -1.17
C ILE A 14 -3.99 -2.73 -1.45
N GLU A 15 -3.56 -3.14 -2.63
CA GLU A 15 -2.17 -2.99 -3.04
C GLU A 15 -2.03 -2.02 -4.20
N GLY A 16 -0.80 -1.59 -4.46
CA GLY A 16 -0.56 -0.65 -5.55
C GLY A 16 0.92 -0.37 -5.75
N GLU A 17 1.24 0.27 -6.87
CA GLU A 17 2.63 0.59 -7.18
C GLU A 17 3.06 1.87 -6.47
N VAL A 18 3.86 1.72 -5.41
CA VAL A 18 4.34 2.85 -4.65
C VAL A 18 4.95 3.91 -5.57
N VAL A 19 4.51 5.16 -5.39
CA VAL A 19 5.01 6.26 -6.20
C VAL A 19 5.78 7.26 -5.34
N GLU A 20 5.19 7.65 -4.21
CA GLU A 20 5.83 8.60 -3.30
C GLU A 20 5.55 8.24 -1.85
N ILE A 21 6.57 8.35 -1.01
CA ILE A 21 6.43 8.03 0.41
C ILE A 21 6.99 9.15 1.27
N GLN A 22 6.11 9.88 1.96
CA GLN A 22 6.52 10.97 2.82
C GLN A 22 6.44 10.56 4.29
N ILE A 23 7.35 11.11 5.09
CA ILE A 23 7.39 10.79 6.52
C ILE A 23 7.67 12.04 7.35
N ASP A 24 6.71 12.41 8.19
CA ASP A 24 6.86 13.59 9.04
C ASP A 24 7.40 13.20 10.41
N ARG A 25 8.45 13.90 10.83
CA ARG A 25 9.07 13.63 12.14
C ARG A 25 8.38 14.42 13.24
N PRO A 26 8.27 13.81 14.43
CA PRO A 26 7.64 14.44 15.58
C PRO A 26 8.47 15.58 16.15
N ALA A 27 7.91 16.31 17.11
CA ALA A 27 8.59 17.44 17.74
C ALA A 27 9.22 17.02 19.06
N THR A 28 9.87 17.98 19.72
CA THR A 28 10.52 17.72 21.00
C THR A 28 9.49 17.51 22.11
N GLY A 29 8.25 17.91 21.83
CA GLY A 29 7.18 17.76 22.81
C GLY A 29 6.49 16.42 22.73
N THR A 30 5.45 16.34 21.91
CA THR A 30 4.70 15.11 21.74
C THR A 30 3.99 15.09 20.38
N GLY A 31 3.95 13.91 19.76
CA GLY A 31 3.31 13.77 18.47
C GLY A 31 3.60 12.45 17.80
N SER A 32 2.57 11.76 17.35
CA SER A 32 2.73 10.47 16.69
C SER A 32 3.33 10.63 15.31
N LYS A 33 3.92 9.56 14.78
CA LYS A 33 4.54 9.58 13.47
C LYS A 33 3.48 9.49 12.37
N VAL A 34 3.54 10.40 11.40
CA VAL A 34 2.60 10.40 10.30
C VAL A 34 3.32 10.35 8.96
N GLY A 35 2.78 9.55 8.04
CA GLY A 35 3.39 9.42 6.72
C GLY A 35 2.36 9.34 5.61
N LYS A 36 2.68 9.90 4.45
CA LYS A 36 1.78 9.89 3.31
C LYS A 36 2.32 8.99 2.20
N LEU A 37 1.54 7.98 1.83
CA LEU A 37 1.94 7.06 0.78
C LEU A 37 1.01 7.15 -0.42
N THR A 38 1.59 7.29 -1.61
CA THR A 38 0.80 7.40 -2.83
C THR A 38 1.12 6.26 -3.79
N LEU A 39 0.09 5.50 -4.17
CA LEU A 39 0.25 4.38 -5.08
C LEU A 39 -0.44 4.64 -6.41
N LYS A 40 0.13 4.11 -7.48
CA LYS A 40 -0.44 4.28 -8.82
C LYS A 40 -1.24 3.06 -9.24
N THR A 41 -2.56 3.14 -9.09
CA THR A 41 -3.44 2.03 -9.46
C THR A 41 -3.91 2.16 -10.90
N THR A 42 -4.54 1.11 -11.41
CA THR A 42 -5.04 1.10 -12.78
C THR A 42 -5.50 2.49 -13.20
N GLU A 43 -4.76 3.12 -14.10
CA GLU A 43 -5.09 4.45 -14.58
C GLU A 43 -5.71 5.29 -13.47
N MET A 44 -5.06 5.29 -12.31
CA MET A 44 -5.54 6.06 -11.17
C MET A 44 -4.47 6.14 -10.08
N GLU A 45 -4.66 7.06 -9.14
CA GLU A 45 -3.71 7.25 -8.05
C GLU A 45 -4.44 7.48 -6.73
N THR A 46 -4.00 6.78 -5.69
CA THR A 46 -4.61 6.91 -4.37
C THR A 46 -3.55 7.14 -3.30
N ILE A 47 -3.91 7.91 -2.28
CA ILE A 47 -3.00 8.22 -1.19
C ILE A 47 -3.45 7.55 0.11
N TYR A 48 -2.69 6.56 0.56
CA TYR A 48 -3.01 5.84 1.78
C TYR A 48 -2.33 6.48 2.99
N ASP A 49 -3.12 6.98 3.92
CA ASP A 49 -2.59 7.62 5.13
C ASP A 49 -1.86 6.61 6.00
N LEU A 50 -0.66 6.97 6.43
CA LEU A 50 0.13 6.08 7.28
C LEU A 50 0.12 6.56 8.73
N GLY A 51 -0.25 5.66 9.63
CA GLY A 51 -0.30 6.00 11.05
C GLY A 51 1.06 5.89 11.72
N THR A 52 1.12 5.11 12.78
CA THR A 52 2.36 4.91 13.52
C THR A 52 2.87 3.49 13.39
N LYS A 53 1.94 2.53 13.34
CA LYS A 53 2.29 1.12 13.22
C LYS A 53 2.61 0.77 11.77
N MET A 54 1.79 1.27 10.85
CA MET A 54 1.99 1.00 9.43
C MET A 54 3.40 1.37 9.00
N ILE A 55 3.91 2.47 9.55
CA ILE A 55 5.26 2.92 9.23
C ILE A 55 6.31 1.94 9.73
N GLU A 56 6.24 1.61 11.02
CA GLU A 56 7.19 0.69 11.62
C GLU A 56 7.51 -0.47 10.67
N SER A 57 6.56 -0.78 9.79
CA SER A 57 6.74 -1.86 8.83
C SER A 57 7.47 -1.37 7.58
N LEU A 58 7.04 -0.22 7.08
CA LEU A 58 7.65 0.37 5.89
C LEU A 58 9.14 0.60 6.09
N THR A 59 9.58 0.49 7.34
CA THR A 59 10.99 0.69 7.69
C THR A 59 11.75 -0.63 7.68
N LYS A 60 11.14 -1.66 8.26
CA LYS A 60 11.76 -2.98 8.33
C LYS A 60 11.93 -3.58 6.94
N ASP A 61 11.11 -3.10 6.00
CA ASP A 61 11.17 -3.58 4.63
C ASP A 61 11.80 -2.53 3.71
N LYS A 62 12.19 -1.41 4.29
CA LYS A 62 12.81 -0.33 3.54
C LYS A 62 12.04 -0.05 2.25
N VAL A 63 10.71 -0.03 2.37
CA VAL A 63 9.85 0.23 1.21
C VAL A 63 10.21 1.56 0.55
N GLN A 64 10.06 1.61 -0.77
CA GLN A 64 10.37 2.82 -1.52
C GLN A 64 9.56 2.88 -2.81
N ALA A 65 9.69 3.99 -3.54
CA ALA A 65 8.98 4.16 -4.80
C ALA A 65 9.51 3.21 -5.87
N GLY A 66 8.60 2.66 -6.67
CA GLY A 66 8.99 1.74 -7.71
C GLY A 66 8.55 0.32 -7.44
N ASP A 67 8.43 -0.02 -6.16
CA ASP A 67 8.01 -1.36 -5.76
C ASP A 67 6.50 -1.42 -5.54
N VAL A 68 5.98 -2.62 -5.34
CA VAL A 68 4.55 -2.81 -5.12
C VAL A 68 4.29 -3.43 -3.76
N ILE A 69 3.65 -2.66 -2.88
CA ILE A 69 3.33 -3.13 -1.53
C ILE A 69 1.83 -3.28 -1.35
N THR A 70 1.43 -4.16 -0.42
CA THR A 70 0.02 -4.40 -0.15
C THR A 70 -0.38 -3.80 1.19
N ILE A 71 -1.69 -3.70 1.42
CA ILE A 71 -2.21 -3.14 2.67
C ILE A 71 -3.35 -3.99 3.21
N ASP A 72 -3.11 -4.64 4.34
CA ASP A 72 -4.13 -5.48 4.97
C ASP A 72 -4.87 -4.72 6.06
N LYS A 73 -6.11 -4.33 5.78
CA LYS A 73 -6.91 -3.59 6.73
C LYS A 73 -7.29 -4.47 7.93
N ALA A 74 -7.53 -5.75 7.66
CA ALA A 74 -7.89 -6.69 8.71
C ALA A 74 -7.04 -6.48 9.96
N THR A 75 -5.73 -6.49 9.77
CA THR A 75 -4.80 -6.30 10.89
C THR A 75 -4.13 -4.94 10.82
N GLY A 76 -3.81 -4.49 9.60
CA GLY A 76 -3.18 -3.20 9.42
C GLY A 76 -1.69 -3.33 9.16
N LYS A 77 -1.30 -4.41 8.48
CA LYS A 77 0.11 -4.64 8.17
C LYS A 77 0.37 -4.41 6.68
N ILE A 78 1.61 -4.05 6.35
CA ILE A 78 1.99 -3.81 4.97
C ILE A 78 3.12 -4.74 4.54
N SER A 79 2.93 -5.43 3.42
CA SER A 79 3.93 -6.35 2.90
C SER A 79 4.39 -5.93 1.51
N LYS A 80 5.62 -6.30 1.16
CA LYS A 80 6.17 -5.97 -0.15
C LYS A 80 6.05 -7.14 -1.11
N LEU A 81 5.79 -6.83 -2.38
CA LEU A 81 5.64 -7.87 -3.40
C LEU A 81 6.71 -7.71 -4.48
N GLY A 82 6.81 -6.50 -5.02
CA GLY A 82 7.79 -6.23 -6.06
C GLY A 82 7.18 -5.60 -7.30
N ARG A 83 6.37 -6.38 -8.02
CA ARG A 83 5.71 -5.87 -9.22
C ARG A 83 4.23 -6.23 -9.22
N SER A 84 3.49 -5.63 -10.15
CA SER A 84 2.06 -5.89 -10.26
C SER A 84 1.73 -6.68 -11.52
N PHE A 85 2.09 -6.12 -12.67
CA PHE A 85 1.85 -6.78 -13.95
C PHE A 85 0.35 -6.93 -14.20
N THR A 86 -0.42 -5.91 -13.81
CA THR A 86 -1.86 -5.92 -13.99
C THR A 86 -2.33 -4.66 -14.70
N ARG A 87 -2.82 -4.83 -15.93
CA ARG A 87 -3.30 -3.71 -16.73
C ARG A 87 -4.51 -4.11 -17.56
N ALA A 88 -5.54 -3.28 -17.53
CA ALA A 88 -6.76 -3.55 -18.29
C ALA A 88 -6.60 -3.15 -19.75
N ARG A 89 -7.49 -3.65 -20.60
CA ARG A 89 -7.45 -3.35 -22.03
C ARG A 89 -8.73 -2.64 -22.47
N SER A 90 -9.86 -3.18 -22.05
CA SER A 90 -11.16 -2.61 -22.41
C SER A 90 -12.27 -3.15 -21.51
N GLY A 91 -13.07 -2.24 -20.96
CA GLY A 91 -14.16 -2.65 -20.09
C GLY A 91 -13.69 -2.93 -18.67
N PRO A 92 -14.55 -2.62 -17.69
CA PRO A 92 -14.24 -2.82 -16.27
C PRO A 92 -14.19 -4.30 -15.90
N SER A 93 -15.13 -5.07 -16.44
CA SER A 93 -15.19 -6.51 -16.17
C SER A 93 -13.79 -7.12 -16.18
N SER A 94 -13.23 -7.25 -17.39
CA SER A 94 -11.90 -7.83 -17.55
C SER A 94 -10.83 -6.87 -17.07
N GLY A 95 -9.67 -7.42 -16.72
CA GLY A 95 -8.57 -6.59 -16.24
C GLY A 95 -7.76 -7.27 -15.15
N GLY A 1 -20.99 -8.67 10.18
CA GLY A 1 -21.67 -7.50 9.67
C GLY A 1 -23.17 -7.59 9.81
N SER A 2 -23.68 -7.22 10.98
CA SER A 2 -25.11 -7.27 11.25
C SER A 2 -25.89 -6.73 10.06
N SER A 3 -25.50 -5.56 9.58
CA SER A 3 -26.17 -4.93 8.44
C SER A 3 -25.78 -5.61 7.14
N GLY A 4 -26.62 -6.54 6.69
CA GLY A 4 -26.35 -7.25 5.45
C GLY A 4 -26.92 -6.54 4.24
N SER A 5 -26.05 -5.88 3.48
CA SER A 5 -26.46 -5.16 2.30
C SER A 5 -25.33 -5.07 1.28
N SER A 6 -25.68 -4.79 0.02
CA SER A 6 -24.70 -4.70 -1.04
C SER A 6 -24.07 -3.30 -1.08
N GLY A 7 -22.93 -3.17 -0.42
CA GLY A 7 -22.24 -1.90 -0.38
C GLY A 7 -21.31 -1.77 0.82
N LYS A 8 -20.56 -0.67 0.86
CA LYS A 8 -19.63 -0.43 1.96
C LYS A 8 -18.88 -1.71 2.33
N GLU A 9 -18.76 -2.62 1.37
CA GLU A 9 -18.07 -3.88 1.60
C GLU A 9 -17.10 -4.18 0.46
N GLU A 10 -15.83 -3.88 0.69
CA GLU A 10 -14.79 -4.12 -0.32
C GLU A 10 -13.58 -4.81 0.29
N THR A 11 -12.94 -5.67 -0.49
CA THR A 11 -11.77 -6.40 -0.02
C THR A 11 -10.88 -5.51 0.85
N GLU A 12 -10.53 -6.01 2.02
CA GLU A 12 -9.68 -5.27 2.95
C GLU A 12 -8.21 -5.41 2.58
N ILE A 13 -7.92 -5.32 1.29
CA ILE A 13 -6.54 -5.44 0.80
C ILE A 13 -6.31 -4.52 -0.39
N ILE A 14 -5.18 -3.80 -0.36
CA ILE A 14 -4.84 -2.89 -1.44
C ILE A 14 -3.53 -3.30 -2.10
N GLU A 15 -3.37 -2.93 -3.37
CA GLU A 15 -2.16 -3.26 -4.12
C GLU A 15 -1.85 -2.18 -5.16
N GLY A 16 -0.70 -1.55 -5.02
CA GLY A 16 -0.30 -0.50 -5.95
C GLY A 16 1.20 -0.34 -6.05
N GLU A 17 1.66 0.31 -7.11
CA GLU A 17 3.09 0.53 -7.32
C GLU A 17 3.57 1.75 -6.53
N VAL A 18 4.26 1.49 -5.43
CA VAL A 18 4.78 2.56 -4.59
C VAL A 18 5.26 3.74 -5.44
N VAL A 19 4.49 4.83 -5.42
CA VAL A 19 4.84 6.01 -6.18
C VAL A 19 5.69 6.97 -5.36
N GLU A 20 5.21 7.31 -4.16
CA GLU A 20 5.93 8.21 -3.28
C GLU A 20 5.69 7.85 -1.82
N ILE A 21 6.70 8.07 -0.98
CA ILE A 21 6.59 7.77 0.44
C ILE A 21 7.10 8.93 1.29
N GLN A 22 6.17 9.76 1.76
CA GLN A 22 6.53 10.91 2.59
C GLN A 22 6.33 10.58 4.07
N ILE A 23 7.04 11.31 4.92
CA ILE A 23 6.95 11.11 6.36
C ILE A 23 6.64 12.42 7.08
N ASP A 24 5.49 12.47 7.74
CA ASP A 24 5.09 13.67 8.47
C ASP A 24 5.92 13.84 9.74
N ARG A 25 6.39 15.06 9.96
CA ARG A 25 7.20 15.36 11.14
C ARG A 25 6.34 15.91 12.28
N PRO A 26 6.67 15.53 13.51
CA PRO A 26 5.94 15.97 14.70
C PRO A 26 6.16 17.45 15.00
N ALA A 27 7.03 18.09 14.22
CA ALA A 27 7.32 19.49 14.39
C ALA A 27 6.04 20.30 14.60
N THR A 28 5.14 20.23 13.63
CA THR A 28 3.88 20.94 13.71
C THR A 28 3.23 20.79 15.08
N GLY A 29 3.24 19.56 15.59
CA GLY A 29 2.66 19.30 16.89
C GLY A 29 2.13 17.88 17.01
N THR A 30 1.51 17.39 15.94
CA THR A 30 0.96 16.05 15.93
C THR A 30 1.83 15.08 16.73
N GLY A 31 1.25 14.48 17.76
CA GLY A 31 2.00 13.54 18.58
C GLY A 31 2.24 12.22 17.88
N SER A 32 1.18 11.42 17.73
CA SER A 32 1.29 10.12 17.08
C SER A 32 2.01 10.24 15.74
N LYS A 33 2.63 9.15 15.31
CA LYS A 33 3.37 9.13 14.05
C LYS A 33 2.41 8.98 12.87
N VAL A 34 2.62 9.79 11.84
CA VAL A 34 1.78 9.75 10.65
C VAL A 34 2.61 9.90 9.39
N GLY A 35 2.15 9.28 8.30
CA GLY A 35 2.87 9.35 7.04
C GLY A 35 1.95 9.42 5.85
N LYS A 36 2.49 9.76 4.69
CA LYS A 36 1.70 9.85 3.47
C LYS A 36 2.28 8.97 2.37
N LEU A 37 1.48 7.99 1.93
CA LEU A 37 1.92 7.06 0.88
C LEU A 37 1.06 7.22 -0.37
N THR A 38 1.68 7.05 -1.53
CA THR A 38 0.97 7.16 -2.80
C THR A 38 1.19 5.93 -3.67
N LEU A 39 0.08 5.32 -4.09
CA LEU A 39 0.16 4.12 -4.92
C LEU A 39 -0.71 4.28 -6.16
N LYS A 40 -0.19 3.83 -7.30
CA LYS A 40 -0.92 3.92 -8.56
C LYS A 40 -1.76 2.68 -8.79
N THR A 41 -3.05 2.78 -8.52
CA THR A 41 -3.97 1.65 -8.69
C THR A 41 -5.21 2.07 -9.50
N THR A 42 -5.62 1.21 -10.41
CA THR A 42 -6.79 1.49 -11.25
C THR A 42 -6.56 2.72 -12.11
N GLU A 43 -5.42 2.75 -12.81
CA GLU A 43 -5.08 3.88 -13.67
C GLU A 43 -5.21 5.19 -12.91
N MET A 44 -5.07 5.13 -11.60
CA MET A 44 -5.16 6.33 -10.76
C MET A 44 -4.38 6.14 -9.46
N GLU A 45 -3.75 7.22 -9.00
CA GLU A 45 -2.98 7.17 -7.77
C GLU A 45 -3.81 7.66 -6.58
N THR A 46 -3.78 6.91 -5.49
CA THR A 46 -4.52 7.28 -4.29
C THR A 46 -3.61 7.32 -3.07
N ILE A 47 -3.81 8.33 -2.23
CA ILE A 47 -3.01 8.49 -1.02
C ILE A 47 -3.61 7.70 0.14
N TYR A 48 -2.75 6.98 0.86
CA TYR A 48 -3.19 6.18 2.00
C TYR A 48 -2.56 6.67 3.29
N ASP A 49 -3.40 7.03 4.26
CA ASP A 49 -2.92 7.53 5.54
C ASP A 49 -2.06 6.48 6.24
N LEU A 50 -0.80 6.82 6.49
CA LEU A 50 0.12 5.90 7.15
C LEU A 50 0.06 6.05 8.66
N GLY A 51 -0.26 4.96 9.35
CA GLY A 51 -0.35 5.00 10.80
C GLY A 51 0.96 4.65 11.48
N THR A 52 1.09 5.05 12.73
CA THR A 52 2.32 4.79 13.50
C THR A 52 2.79 3.36 13.29
N LYS A 53 1.84 2.45 13.07
CA LYS A 53 2.16 1.05 12.86
C LYS A 53 2.60 0.79 11.42
N MET A 54 1.79 1.25 10.48
CA MET A 54 2.10 1.08 9.06
C MET A 54 3.55 1.46 8.77
N ILE A 55 3.96 2.64 9.23
CA ILE A 55 5.32 3.10 9.02
C ILE A 55 6.34 2.07 9.49
N GLU A 56 6.21 1.64 10.74
CA GLU A 56 7.11 0.65 11.31
C GLU A 56 7.42 -0.46 10.30
N SER A 57 6.46 -0.71 9.40
CA SER A 57 6.63 -1.75 8.38
C SER A 57 7.45 -1.22 7.22
N LEU A 58 7.06 -0.08 6.67
CA LEU A 58 7.76 0.52 5.54
C LEU A 58 9.21 0.86 5.92
N THR A 59 9.51 0.76 7.21
CA THR A 59 10.84 1.05 7.70
C THR A 59 11.70 -0.21 7.75
N LYS A 60 11.14 -1.28 8.32
CA LYS A 60 11.84 -2.54 8.43
C LYS A 60 12.32 -3.02 7.06
N ASP A 61 11.48 -2.83 6.04
CA ASP A 61 11.82 -3.25 4.69
C ASP A 61 12.26 -2.04 3.85
N LYS A 62 12.43 -0.90 4.51
CA LYS A 62 12.85 0.32 3.83
C LYS A 62 12.18 0.43 2.46
N VAL A 63 10.90 0.06 2.40
CA VAL A 63 10.15 0.13 1.16
C VAL A 63 10.51 1.37 0.36
N GLN A 64 10.87 1.18 -0.90
CA GLN A 64 11.24 2.28 -1.77
C GLN A 64 10.32 2.35 -2.99
N ALA A 65 10.30 3.50 -3.65
CA ALA A 65 9.47 3.70 -4.84
C ALA A 65 9.81 2.67 -5.92
N GLY A 66 8.85 2.40 -6.79
CA GLY A 66 9.07 1.44 -7.86
C GLY A 66 8.59 0.05 -7.49
N ASP A 67 8.62 -0.26 -6.19
CA ASP A 67 8.20 -1.56 -5.70
C ASP A 67 6.68 -1.61 -5.52
N VAL A 68 6.15 -2.82 -5.37
CA VAL A 68 4.71 -3.00 -5.18
C VAL A 68 4.40 -3.57 -3.80
N ILE A 69 3.76 -2.75 -2.96
CA ILE A 69 3.41 -3.17 -1.61
C ILE A 69 1.89 -3.23 -1.44
N THR A 70 1.44 -4.14 -0.58
CA THR A 70 0.02 -4.30 -0.32
C THR A 70 -0.37 -3.67 1.02
N ILE A 71 -1.67 -3.51 1.22
CA ILE A 71 -2.18 -2.92 2.46
C ILE A 71 -3.30 -3.75 3.05
N ASP A 72 -3.02 -4.43 4.16
CA ASP A 72 -4.02 -5.26 4.82
C ASP A 72 -4.78 -4.46 5.88
N LYS A 73 -6.02 -4.10 5.58
CA LYS A 73 -6.85 -3.33 6.49
C LYS A 73 -7.22 -4.17 7.71
N ALA A 74 -7.49 -5.45 7.48
CA ALA A 74 -7.85 -6.37 8.56
C ALA A 74 -7.01 -6.10 9.81
N THR A 75 -5.70 -6.18 9.65
CA THR A 75 -4.78 -5.96 10.77
C THR A 75 -4.04 -4.63 10.62
N GLY A 76 -4.11 -4.06 9.41
CA GLY A 76 -3.45 -2.79 9.16
C GLY A 76 -1.97 -2.95 8.92
N LYS A 77 -1.58 -4.09 8.34
CA LYS A 77 -0.18 -4.37 8.05
C LYS A 77 0.12 -4.16 6.57
N ILE A 78 1.38 -3.89 6.26
CA ILE A 78 1.81 -3.66 4.89
C ILE A 78 2.89 -4.64 4.47
N SER A 79 2.63 -5.39 3.41
CA SER A 79 3.59 -6.37 2.91
C SER A 79 4.18 -5.94 1.57
N LYS A 80 5.39 -6.39 1.29
CA LYS A 80 6.06 -6.06 0.04
C LYS A 80 6.10 -7.25 -0.91
N LEU A 81 5.86 -6.99 -2.19
CA LEU A 81 5.86 -8.05 -3.19
C LEU A 81 6.97 -7.82 -4.21
N GLY A 82 7.02 -6.61 -4.77
CA GLY A 82 8.05 -6.30 -5.75
C GLY A 82 7.46 -5.88 -7.08
N ARG A 83 8.29 -5.27 -7.93
CA ARG A 83 7.84 -4.81 -9.24
C ARG A 83 6.80 -5.76 -9.82
N SER A 84 5.89 -5.22 -10.62
CA SER A 84 4.83 -6.02 -11.23
C SER A 84 5.34 -6.69 -12.50
N PHE A 85 5.77 -7.94 -12.37
CA PHE A 85 6.29 -8.70 -13.51
C PHE A 85 5.18 -9.52 -14.15
N THR A 86 5.01 -9.37 -15.45
CA THR A 86 3.98 -10.10 -16.19
C THR A 86 4.32 -10.16 -17.68
N ARG A 87 3.94 -11.27 -18.32
CA ARG A 87 4.20 -11.45 -19.74
C ARG A 87 3.26 -10.57 -20.58
N ALA A 88 3.76 -10.12 -21.72
CA ALA A 88 2.98 -9.27 -22.61
C ALA A 88 1.68 -9.95 -23.02
N ARG A 89 1.80 -11.09 -23.70
CA ARG A 89 0.64 -11.85 -24.15
C ARG A 89 0.15 -12.79 -23.07
N SER A 90 -1.06 -12.55 -22.57
CA SER A 90 -1.64 -13.38 -21.53
C SER A 90 -1.35 -14.86 -21.77
N GLY A 91 -1.65 -15.32 -22.98
CA GLY A 91 -1.41 -16.71 -23.33
C GLY A 91 -0.35 -16.87 -24.39
N PRO A 92 0.44 -17.95 -24.31
CA PRO A 92 1.50 -18.24 -25.27
C PRO A 92 0.97 -18.62 -26.63
N SER A 93 1.67 -18.20 -27.69
CA SER A 93 1.27 -18.51 -29.05
C SER A 93 -0.10 -17.90 -29.36
N SER A 94 -0.29 -16.65 -28.94
CA SER A 94 -1.55 -15.95 -29.16
C SER A 94 -1.46 -15.03 -30.37
N GLY A 95 -2.31 -15.29 -31.37
CA GLY A 95 -2.31 -14.48 -32.57
C GLY A 95 -1.08 -14.71 -33.43
N GLY A 1 -10.85 -20.43 18.82
CA GLY A 1 -11.39 -19.14 19.22
C GLY A 1 -11.61 -18.22 18.04
N SER A 2 -12.67 -18.47 17.28
CA SER A 2 -13.00 -17.66 16.11
C SER A 2 -14.32 -16.93 16.30
N SER A 3 -14.69 -16.11 15.33
CA SER A 3 -15.93 -15.34 15.39
C SER A 3 -16.79 -15.59 14.15
N GLY A 4 -16.14 -15.56 12.99
CA GLY A 4 -16.86 -15.78 11.74
C GLY A 4 -17.95 -14.74 11.51
N SER A 5 -17.66 -13.77 10.66
CA SER A 5 -18.62 -12.71 10.36
C SER A 5 -18.86 -12.61 8.86
N SER A 6 -20.02 -13.12 8.42
CA SER A 6 -20.37 -13.08 7.00
C SER A 6 -21.26 -11.89 6.69
N GLY A 7 -21.44 -11.62 5.40
CA GLY A 7 -22.28 -10.50 4.99
C GLY A 7 -22.27 -10.30 3.49
N LYS A 8 -21.25 -9.61 2.98
CA LYS A 8 -21.13 -9.35 1.56
C LYS A 8 -19.66 -9.31 1.13
N GLU A 9 -19.41 -9.73 -0.11
CA GLU A 9 -18.05 -9.76 -0.63
C GLU A 9 -17.34 -8.42 -0.40
N GLU A 10 -16.13 -8.48 0.14
CA GLU A 10 -15.36 -7.28 0.42
C GLU A 10 -13.87 -7.58 0.47
N THR A 11 -13.06 -6.62 0.03
CA THR A 11 -11.61 -6.80 0.02
C THR A 11 -10.93 -5.72 0.85
N GLU A 12 -10.32 -6.13 1.96
CA GLU A 12 -9.63 -5.21 2.85
C GLU A 12 -8.13 -5.17 2.54
N ILE A 13 -7.81 -5.20 1.25
CA ILE A 13 -6.42 -5.17 0.82
C ILE A 13 -6.26 -4.37 -0.48
N ILE A 14 -5.19 -3.60 -0.57
CA ILE A 14 -4.92 -2.80 -1.75
C ILE A 14 -3.45 -2.87 -2.15
N GLU A 15 -3.19 -3.34 -3.37
CA GLU A 15 -1.83 -3.45 -3.86
C GLU A 15 -1.58 -2.49 -5.02
N GLY A 16 -0.58 -1.63 -4.86
CA GLY A 16 -0.26 -0.67 -5.91
C GLY A 16 1.22 -0.40 -6.03
N GLU A 17 1.63 0.23 -7.12
CA GLU A 17 3.04 0.54 -7.34
C GLU A 17 3.45 1.80 -6.57
N VAL A 18 4.25 1.61 -5.52
CA VAL A 18 4.70 2.72 -4.70
C VAL A 18 5.12 3.91 -5.57
N VAL A 19 4.29 4.95 -5.56
CA VAL A 19 4.57 6.15 -6.34
C VAL A 19 5.38 7.16 -5.54
N GLU A 20 4.96 7.39 -4.30
CA GLU A 20 5.64 8.33 -3.42
C GLU A 20 5.44 7.96 -1.95
N ILE A 21 6.41 8.33 -1.12
CA ILE A 21 6.33 8.04 0.31
C ILE A 21 6.85 9.21 1.14
N GLN A 22 5.94 9.89 1.83
CA GLN A 22 6.31 11.03 2.66
C GLN A 22 6.05 10.73 4.14
N ILE A 23 6.80 11.39 5.01
CA ILE A 23 6.65 11.20 6.45
C ILE A 23 6.45 12.54 7.16
N ASP A 24 5.23 12.76 7.66
CA ASP A 24 4.91 13.98 8.36
C ASP A 24 5.50 13.97 9.77
N ARG A 25 6.58 14.73 9.97
CA ARG A 25 7.24 14.81 11.26
C ARG A 25 6.78 16.03 12.04
N PRO A 26 6.52 15.85 13.34
CA PRO A 26 6.07 16.93 14.22
C PRO A 26 7.16 17.96 14.48
N ALA A 27 6.79 19.23 14.44
CA ALA A 27 7.74 20.31 14.68
C ALA A 27 7.89 20.59 16.17
N THR A 28 9.02 20.19 16.73
CA THR A 28 9.29 20.39 18.15
C THR A 28 8.18 19.80 19.01
N GLY A 29 7.70 18.62 18.62
CA GLY A 29 6.64 17.96 19.37
C GLY A 29 6.80 16.46 19.42
N THR A 30 7.01 15.92 20.61
CA THR A 30 7.18 14.49 20.79
C THR A 30 5.84 13.77 20.78
N GLY A 31 5.58 13.02 19.70
CA GLY A 31 4.33 12.29 19.59
C GLY A 31 4.35 11.29 18.45
N SER A 32 3.24 10.57 18.27
CA SER A 32 3.14 9.57 17.22
C SER A 32 3.65 10.12 15.89
N LYS A 33 3.89 9.23 14.95
CA LYS A 33 4.38 9.62 13.62
C LYS A 33 3.40 9.20 12.54
N VAL A 34 3.27 10.03 11.51
CA VAL A 34 2.37 9.73 10.39
C VAL A 34 3.07 9.95 9.06
N GLY A 35 2.68 9.16 8.06
CA GLY A 35 3.27 9.29 6.74
C GLY A 35 2.24 9.19 5.63
N LYS A 36 2.51 9.85 4.51
CA LYS A 36 1.61 9.83 3.37
C LYS A 36 2.15 8.95 2.26
N LEU A 37 1.37 7.94 1.88
CA LEU A 37 1.77 7.02 0.83
C LEU A 37 0.87 7.15 -0.39
N THR A 38 1.45 6.98 -1.58
CA THR A 38 0.69 7.07 -2.83
C THR A 38 0.94 5.86 -3.72
N LEU A 39 -0.14 5.16 -4.08
CA LEU A 39 -0.03 3.99 -4.93
C LEU A 39 -0.88 4.16 -6.20
N LYS A 40 -0.34 3.73 -7.32
CA LYS A 40 -1.04 3.82 -8.60
C LYS A 40 -1.88 2.58 -8.85
N THR A 41 -3.18 2.69 -8.61
CA THR A 41 -4.10 1.57 -8.82
C THR A 41 -5.21 1.94 -9.79
N THR A 42 -5.66 0.95 -10.56
CA THR A 42 -6.72 1.17 -11.54
C THR A 42 -6.44 2.41 -12.38
N GLU A 43 -5.21 2.52 -12.88
CA GLU A 43 -4.83 3.65 -13.70
C GLU A 43 -5.06 4.97 -12.95
N MET A 44 -5.05 4.90 -11.63
CA MET A 44 -5.27 6.09 -10.81
C MET A 44 -4.52 5.97 -9.49
N GLU A 45 -3.88 7.06 -9.08
CA GLU A 45 -3.12 7.08 -7.83
C GLU A 45 -3.99 7.57 -6.68
N THR A 46 -3.94 6.83 -5.56
CA THR A 46 -4.72 7.19 -4.39
C THR A 46 -3.84 7.28 -3.15
N ILE A 47 -4.09 8.29 -2.31
CA ILE A 47 -3.32 8.48 -1.09
C ILE A 47 -3.85 7.61 0.04
N TYR A 48 -2.94 7.13 0.88
CA TYR A 48 -3.33 6.27 2.00
C TYR A 48 -2.64 6.73 3.29
N ASP A 49 -3.44 7.12 4.26
CA ASP A 49 -2.92 7.58 5.55
C ASP A 49 -2.14 6.46 6.26
N LEU A 50 -0.86 6.69 6.48
CA LEU A 50 -0.01 5.70 7.13
C LEU A 50 0.13 6.01 8.62
N GLY A 51 -0.30 5.07 9.46
CA GLY A 51 -0.21 5.27 10.89
C GLY A 51 1.13 4.83 11.46
N THR A 52 1.44 5.30 12.66
CA THR A 52 2.70 4.96 13.32
C THR A 52 3.11 3.52 13.01
N LYS A 53 2.28 2.57 13.42
CA LYS A 53 2.55 1.16 13.19
C LYS A 53 2.86 0.90 11.72
N MET A 54 1.90 1.24 10.86
CA MET A 54 2.07 1.05 9.42
C MET A 54 3.51 1.33 9.00
N ILE A 55 4.04 2.47 9.45
CA ILE A 55 5.40 2.85 9.11
C ILE A 55 6.40 1.80 9.56
N GLU A 56 6.29 1.37 10.82
CA GLU A 56 7.18 0.37 11.37
C GLU A 56 7.47 -0.73 10.33
N SER A 57 6.51 -0.96 9.44
CA SER A 57 6.66 -1.97 8.40
C SER A 57 7.51 -1.45 7.26
N LEU A 58 7.17 -0.27 6.76
CA LEU A 58 7.91 0.34 5.66
C LEU A 58 9.40 0.46 5.99
N THR A 59 9.73 0.27 7.27
CA THR A 59 11.11 0.36 7.72
C THR A 59 11.78 -1.01 7.69
N LYS A 60 11.12 -2.00 8.29
CA LYS A 60 11.65 -3.35 8.33
C LYS A 60 12.13 -3.79 6.95
N ASP A 61 11.33 -3.50 5.93
CA ASP A 61 11.68 -3.87 4.56
C ASP A 61 12.23 -2.66 3.80
N LYS A 62 12.29 -1.51 4.47
CA LYS A 62 12.80 -0.29 3.87
C LYS A 62 12.11 -0.03 2.53
N VAL A 63 10.79 -0.18 2.51
CA VAL A 63 10.02 0.06 1.29
C VAL A 63 10.35 1.41 0.68
N GLN A 64 10.47 1.43 -0.65
CA GLN A 64 10.79 2.67 -1.36
C GLN A 64 9.94 2.82 -2.61
N ALA A 65 10.12 3.91 -3.33
CA ALA A 65 9.36 4.17 -4.55
C ALA A 65 9.83 3.27 -5.69
N GLY A 66 8.90 2.90 -6.56
CA GLY A 66 9.25 2.05 -7.68
C GLY A 66 8.87 0.60 -7.44
N ASP A 67 8.67 0.25 -6.17
CA ASP A 67 8.32 -1.11 -5.81
C ASP A 67 6.81 -1.25 -5.64
N VAL A 68 6.34 -2.49 -5.50
CA VAL A 68 4.92 -2.76 -5.34
C VAL A 68 4.63 -3.37 -3.97
N ILE A 69 3.91 -2.62 -3.13
CA ILE A 69 3.57 -3.09 -1.80
C ILE A 69 2.06 -3.19 -1.62
N THR A 70 1.63 -3.83 -0.53
CA THR A 70 0.21 -3.99 -0.26
C THR A 70 -0.16 -3.37 1.09
N ILE A 71 -1.46 -3.29 1.36
CA ILE A 71 -1.94 -2.73 2.62
C ILE A 71 -3.16 -3.48 3.13
N ASP A 72 -2.98 -4.21 4.21
CA ASP A 72 -4.07 -4.98 4.81
C ASP A 72 -4.83 -4.15 5.83
N LYS A 73 -6.02 -3.72 5.47
CA LYS A 73 -6.86 -2.91 6.35
C LYS A 73 -7.37 -3.75 7.53
N ALA A 74 -7.56 -5.04 7.29
CA ALA A 74 -8.04 -5.94 8.33
C ALA A 74 -7.05 -6.04 9.48
N THR A 75 -5.78 -6.25 9.15
CA THR A 75 -4.74 -6.36 10.16
C THR A 75 -3.98 -5.05 10.31
N GLY A 76 -4.19 -4.14 9.37
CA GLY A 76 -3.51 -2.85 9.42
C GLY A 76 -2.01 -2.97 9.25
N LYS A 77 -1.59 -4.01 8.55
CA LYS A 77 -0.17 -4.23 8.31
C LYS A 77 0.17 -4.09 6.83
N ILE A 78 1.41 -3.72 6.54
CA ILE A 78 1.86 -3.54 5.16
C ILE A 78 2.91 -4.58 4.79
N SER A 79 2.74 -5.20 3.62
CA SER A 79 3.68 -6.22 3.15
C SER A 79 4.26 -5.83 1.79
N LYS A 80 5.48 -6.27 1.53
CA LYS A 80 6.15 -5.97 0.27
C LYS A 80 6.18 -7.20 -0.63
N LEU A 81 5.90 -7.01 -1.91
CA LEU A 81 5.90 -8.11 -2.87
C LEU A 81 7.04 -7.94 -3.88
N GLY A 82 7.15 -6.75 -4.45
CA GLY A 82 8.20 -6.49 -5.41
C GLY A 82 7.65 -6.24 -6.81
N ARG A 83 8.54 -5.94 -7.75
CA ARG A 83 8.14 -5.69 -9.13
C ARG A 83 7.00 -6.62 -9.55
N SER A 84 5.86 -6.02 -9.88
CA SER A 84 4.69 -6.79 -10.30
C SER A 84 5.05 -7.74 -11.44
N PHE A 85 4.37 -8.89 -11.49
CA PHE A 85 4.61 -9.88 -12.53
C PHE A 85 4.10 -9.37 -13.88
N THR A 86 2.81 -9.10 -13.95
CA THR A 86 2.20 -8.62 -15.19
C THR A 86 2.86 -7.33 -15.66
N ARG A 87 3.22 -7.28 -16.94
CA ARG A 87 3.85 -6.09 -17.51
C ARG A 87 2.87 -5.32 -18.38
N ALA A 88 2.68 -4.04 -18.05
CA ALA A 88 1.78 -3.19 -18.80
C ALA A 88 2.52 -2.04 -19.48
N ARG A 89 2.88 -2.24 -20.73
CA ARG A 89 3.61 -1.23 -21.49
C ARG A 89 2.65 -0.36 -22.30
N SER A 90 2.04 0.62 -21.64
CA SER A 90 1.10 1.52 -22.30
C SER A 90 1.69 2.91 -22.45
N GLY A 91 1.00 3.77 -23.20
CA GLY A 91 1.48 5.12 -23.41
C GLY A 91 2.41 5.24 -24.61
N PRO A 92 3.17 6.34 -24.67
CA PRO A 92 4.11 6.59 -25.76
C PRO A 92 5.31 5.65 -25.71
N SER A 93 5.16 4.49 -26.35
CA SER A 93 6.22 3.49 -26.38
C SER A 93 6.45 2.99 -27.81
N SER A 94 7.48 3.54 -28.46
CA SER A 94 7.81 3.14 -29.83
C SER A 94 8.70 1.90 -29.84
N GLY A 95 8.33 0.93 -30.65
CA GLY A 95 9.10 -0.30 -30.75
C GLY A 95 8.62 -1.37 -29.80
N GLY A 1 -8.17 -4.35 21.33
CA GLY A 1 -8.44 -5.12 20.12
C GLY A 1 -9.26 -4.35 19.10
N SER A 2 -8.92 -4.50 17.83
CA SER A 2 -9.63 -3.80 16.77
C SER A 2 -10.49 -4.77 15.97
N SER A 3 -11.80 -4.56 16.03
CA SER A 3 -12.74 -5.43 15.32
C SER A 3 -13.57 -4.61 14.32
N GLY A 4 -13.48 -4.99 13.05
CA GLY A 4 -14.23 -4.29 12.01
C GLY A 4 -15.16 -5.20 11.25
N SER A 5 -15.79 -4.66 10.21
CA SER A 5 -16.73 -5.44 9.40
C SER A 5 -16.06 -5.92 8.12
N SER A 6 -16.65 -6.94 7.50
CA SER A 6 -16.10 -7.48 6.26
C SER A 6 -17.14 -7.44 5.14
N GLY A 7 -16.67 -7.20 3.92
CA GLY A 7 -17.57 -7.13 2.78
C GLY A 7 -17.59 -8.42 1.97
N LYS A 8 -18.78 -8.82 1.54
CA LYS A 8 -18.94 -10.04 0.77
C LYS A 8 -17.98 -10.04 -0.44
N GLU A 9 -17.95 -8.93 -1.15
CA GLU A 9 -17.09 -8.80 -2.32
C GLU A 9 -15.94 -7.84 -2.05
N GLU A 10 -15.33 -7.98 -0.88
CA GLU A 10 -14.22 -7.12 -0.50
C GLU A 10 -13.18 -7.89 0.31
N THR A 11 -11.94 -7.90 -0.19
CA THR A 11 -10.86 -8.61 0.48
C THR A 11 -10.17 -7.72 1.51
N GLU A 12 -10.54 -6.44 1.52
CA GLU A 12 -9.95 -5.49 2.45
C GLU A 12 -8.45 -5.35 2.22
N ILE A 13 -8.05 -5.29 0.95
CA ILE A 13 -6.64 -5.17 0.59
C ILE A 13 -6.46 -4.31 -0.65
N ILE A 14 -5.43 -3.47 -0.64
CA ILE A 14 -5.14 -2.59 -1.77
C ILE A 14 -3.67 -2.65 -2.15
N GLU A 15 -3.41 -3.03 -3.40
CA GLU A 15 -2.04 -3.13 -3.90
C GLU A 15 -1.79 -2.10 -5.00
N GLY A 16 -0.58 -1.55 -5.03
CA GLY A 16 -0.24 -0.56 -6.03
C GLY A 16 1.26 -0.37 -6.17
N GLU A 17 1.66 0.43 -7.15
CA GLU A 17 3.08 0.69 -7.38
C GLU A 17 3.54 1.90 -6.58
N VAL A 18 4.30 1.65 -5.51
CA VAL A 18 4.81 2.71 -4.65
C VAL A 18 5.25 3.91 -5.48
N VAL A 19 4.45 4.97 -5.46
CA VAL A 19 4.75 6.18 -6.21
C VAL A 19 5.56 7.16 -5.36
N GLU A 20 5.01 7.50 -4.20
CA GLU A 20 5.67 8.43 -3.29
C GLU A 20 5.47 8.02 -1.84
N ILE A 21 6.50 8.21 -1.02
CA ILE A 21 6.42 7.86 0.40
C ILE A 21 6.86 9.03 1.28
N GLN A 22 5.89 9.81 1.74
CA GLN A 22 6.18 10.95 2.60
C GLN A 22 6.21 10.54 4.06
N ILE A 23 7.13 11.14 4.82
CA ILE A 23 7.27 10.84 6.24
C ILE A 23 7.42 12.11 7.06
N ASP A 24 6.65 12.20 8.15
CA ASP A 24 6.69 13.37 9.02
C ASP A 24 7.64 13.12 10.19
N ARG A 25 8.54 14.08 10.42
CA ARG A 25 9.50 13.98 11.52
C ARG A 25 9.04 14.77 12.73
N PRO A 26 9.41 14.30 13.93
CA PRO A 26 9.05 14.95 15.19
C PRO A 26 9.76 16.28 15.37
N ALA A 27 10.73 16.56 14.51
CA ALA A 27 11.48 17.80 14.58
C ALA A 27 10.59 18.97 14.99
N THR A 28 9.52 19.19 14.23
CA THR A 28 8.58 20.26 14.50
C THR A 28 7.42 19.78 15.35
N GLY A 29 6.74 18.75 14.87
CA GLY A 29 5.60 18.20 15.59
C GLY A 29 5.90 16.84 16.19
N THR A 30 6.69 16.81 17.26
CA THR A 30 7.05 15.57 17.92
C THR A 30 5.84 14.94 18.61
N GLY A 31 5.82 13.62 18.67
CA GLY A 31 4.72 12.92 19.30
C GLY A 31 4.36 11.63 18.58
N SER A 32 3.22 11.65 17.88
CA SER A 32 2.76 10.48 17.15
C SER A 32 3.27 10.50 15.70
N LYS A 33 4.04 9.49 15.34
CA LYS A 33 4.59 9.39 13.99
C LYS A 33 3.47 9.40 12.95
N VAL A 34 3.71 10.11 11.84
CA VAL A 34 2.72 10.20 10.77
C VAL A 34 3.40 10.27 9.41
N GLY A 35 2.82 9.58 8.43
CA GLY A 35 3.37 9.57 7.10
C GLY A 35 2.33 9.37 6.03
N LYS A 36 2.66 9.70 4.79
CA LYS A 36 1.74 9.56 3.67
C LYS A 36 2.32 8.64 2.60
N LEU A 37 1.44 7.93 1.88
CA LEU A 37 1.88 7.02 0.83
C LEU A 37 0.98 7.15 -0.40
N THR A 38 1.58 6.98 -1.57
CA THR A 38 0.84 7.06 -2.83
C THR A 38 1.06 5.84 -3.69
N LEU A 39 -0.03 5.22 -4.14
CA LEU A 39 0.05 4.03 -4.98
C LEU A 39 -0.86 4.16 -6.20
N LYS A 40 -0.29 3.91 -7.37
CA LYS A 40 -1.05 4.00 -8.61
C LYS A 40 -1.59 2.62 -9.01
N THR A 41 -2.88 2.41 -8.75
CA THR A 41 -3.52 1.14 -9.09
C THR A 41 -4.85 1.36 -9.80
N THR A 42 -5.24 0.40 -10.62
CA THR A 42 -6.50 0.50 -11.36
C THR A 42 -6.66 1.88 -11.99
N GLU A 43 -5.67 2.29 -12.78
CA GLU A 43 -5.71 3.59 -13.44
C GLU A 43 -6.13 4.68 -12.46
N MET A 44 -5.90 4.45 -11.18
CA MET A 44 -6.27 5.41 -10.15
C MET A 44 -5.25 5.39 -9.01
N GLU A 45 -4.64 6.55 -8.76
CA GLU A 45 -3.64 6.67 -7.70
C GLU A 45 -4.25 7.29 -6.45
N THR A 46 -4.32 6.50 -5.38
CA THR A 46 -4.88 6.96 -4.11
C THR A 46 -3.78 7.22 -3.09
N ILE A 47 -4.03 8.18 -2.19
CA ILE A 47 -3.07 8.53 -1.16
C ILE A 47 -3.46 7.91 0.19
N TYR A 48 -2.77 6.86 0.57
CA TYR A 48 -3.05 6.18 1.84
C TYR A 48 -2.33 6.89 3.00
N ASP A 49 -3.08 7.16 4.07
CA ASP A 49 -2.52 7.81 5.24
C ASP A 49 -1.91 6.80 6.19
N LEU A 50 -0.73 7.12 6.71
CA LEU A 50 -0.03 6.24 7.65
C LEU A 50 -0.06 6.81 9.06
N GLY A 51 0.42 6.01 10.01
CA GLY A 51 0.44 6.45 11.40
C GLY A 51 1.73 6.09 12.10
N THR A 52 1.68 5.04 12.93
CA THR A 52 2.85 4.59 13.67
C THR A 52 3.13 3.11 13.40
N LYS A 53 2.09 2.30 13.48
CA LYS A 53 2.22 0.86 13.24
C LYS A 53 2.46 0.57 11.77
N MET A 54 1.77 1.30 10.91
CA MET A 54 1.91 1.12 9.46
C MET A 54 3.34 1.42 9.02
N ILE A 55 3.89 2.54 9.50
CA ILE A 55 5.24 2.94 9.14
C ILE A 55 6.26 1.94 9.68
N GLU A 56 6.09 1.55 10.94
CA GLU A 56 6.99 0.60 11.57
C GLU A 56 7.32 -0.55 10.62
N SER A 57 6.40 -0.85 9.72
CA SER A 57 6.59 -1.93 8.75
C SER A 57 7.40 -1.45 7.55
N LEU A 58 7.02 -0.30 7.02
CA LEU A 58 7.71 0.28 5.86
C LEU A 58 9.20 0.45 6.16
N THR A 59 9.57 0.33 7.43
CA THR A 59 10.97 0.48 7.83
C THR A 59 11.68 -0.86 7.80
N LYS A 60 11.00 -1.91 8.28
CA LYS A 60 11.58 -3.25 8.30
C LYS A 60 12.00 -3.69 6.90
N ASP A 61 11.09 -3.54 5.95
CA ASP A 61 11.38 -3.92 4.57
C ASP A 61 11.99 -2.76 3.80
N LYS A 62 12.16 -1.63 4.48
CA LYS A 62 12.73 -0.44 3.85
C LYS A 62 12.08 -0.16 2.50
N VAL A 63 10.76 -0.16 2.48
CA VAL A 63 10.02 0.10 1.24
C VAL A 63 10.51 1.36 0.55
N GLN A 64 10.40 1.40 -0.77
CA GLN A 64 10.84 2.55 -1.55
C GLN A 64 10.07 2.64 -2.86
N ALA A 65 10.19 3.79 -3.52
CA ALA A 65 9.50 4.01 -4.80
C ALA A 65 9.98 3.02 -5.85
N GLY A 66 9.05 2.57 -6.70
CA GLY A 66 9.41 1.62 -7.74
C GLY A 66 8.92 0.22 -7.44
N ASP A 67 8.82 -0.11 -6.15
CA ASP A 67 8.37 -1.43 -5.74
C ASP A 67 6.87 -1.43 -5.45
N VAL A 68 6.25 -2.61 -5.55
CA VAL A 68 4.83 -2.73 -5.31
C VAL A 68 4.55 -3.34 -3.93
N ILE A 69 3.93 -2.55 -3.06
CA ILE A 69 3.61 -3.01 -1.71
C ILE A 69 2.10 -3.08 -1.50
N THR A 70 1.66 -4.09 -0.76
CA THR A 70 0.24 -4.27 -0.48
C THR A 70 -0.14 -3.67 0.87
N ILE A 71 -1.43 -3.52 1.10
CA ILE A 71 -1.92 -2.94 2.35
C ILE A 71 -3.17 -3.67 2.83
N ASP A 72 -3.04 -4.43 3.91
CA ASP A 72 -4.16 -5.17 4.47
C ASP A 72 -4.92 -4.32 5.47
N LYS A 73 -6.12 -3.87 5.08
CA LYS A 73 -6.95 -3.04 5.94
C LYS A 73 -7.41 -3.82 7.16
N ALA A 74 -7.72 -5.10 6.96
CA ALA A 74 -8.18 -5.96 8.04
C ALA A 74 -7.08 -6.14 9.10
N THR A 75 -5.86 -6.41 8.64
CA THR A 75 -4.73 -6.61 9.53
C THR A 75 -4.01 -5.29 9.79
N GLY A 76 -4.33 -4.27 9.00
CA GLY A 76 -3.70 -2.99 9.17
C GLY A 76 -2.19 -3.05 9.07
N LYS A 77 -1.69 -3.92 8.19
CA LYS A 77 -0.27 -4.09 7.99
C LYS A 77 0.13 -3.83 6.54
N ILE A 78 1.40 -3.51 6.32
CA ILE A 78 1.89 -3.24 4.97
C ILE A 78 2.98 -4.24 4.59
N SER A 79 2.77 -4.92 3.47
CA SER A 79 3.73 -5.91 2.98
C SER A 79 4.36 -5.46 1.67
N LYS A 80 5.67 -5.66 1.54
CA LYS A 80 6.39 -5.28 0.33
C LYS A 80 6.51 -6.46 -0.62
N LEU A 81 6.32 -6.19 -1.91
CA LEU A 81 6.41 -7.23 -2.93
C LEU A 81 7.51 -6.91 -3.94
N GLY A 82 7.70 -7.81 -4.91
CA GLY A 82 8.71 -7.59 -5.92
C GLY A 82 8.19 -6.79 -7.10
N ARG A 83 7.62 -7.47 -8.07
CA ARG A 83 7.08 -6.81 -9.26
C ARG A 83 5.68 -7.33 -9.59
N SER A 84 4.74 -6.40 -9.72
CA SER A 84 3.37 -6.75 -10.02
C SER A 84 3.26 -7.44 -11.38
N PHE A 85 2.13 -8.10 -11.61
CA PHE A 85 1.90 -8.81 -12.87
C PHE A 85 2.24 -7.92 -14.06
N THR A 86 1.81 -6.67 -14.00
CA THR A 86 2.06 -5.72 -15.08
C THR A 86 3.56 -5.52 -15.29
N ARG A 87 3.91 -4.86 -16.39
CA ARG A 87 5.30 -4.60 -16.71
C ARG A 87 5.88 -3.51 -15.81
N ALA A 88 6.51 -3.93 -14.71
CA ALA A 88 7.10 -2.99 -13.77
C ALA A 88 8.31 -2.30 -14.38
N ARG A 89 8.71 -1.17 -13.77
CA ARG A 89 9.85 -0.41 -14.26
C ARG A 89 10.95 -1.33 -14.77
N SER A 90 11.52 -1.00 -15.92
CA SER A 90 12.57 -1.79 -16.52
C SER A 90 13.44 -0.94 -17.45
N GLY A 91 14.75 -1.02 -17.25
CA GLY A 91 15.66 -0.25 -18.07
C GLY A 91 17.12 -0.51 -17.72
N PRO A 92 18.03 0.04 -18.54
CA PRO A 92 19.48 -0.12 -18.33
C PRO A 92 19.98 0.62 -17.10
N SER A 93 19.07 1.35 -16.45
CA SER A 93 19.42 2.11 -15.25
C SER A 93 20.28 1.28 -14.31
N SER A 94 21.23 1.94 -13.65
CA SER A 94 22.12 1.26 -12.72
C SER A 94 21.34 0.62 -11.57
N GLY A 95 22.05 -0.08 -10.70
CA GLY A 95 21.40 -0.71 -9.55
C GLY A 95 20.21 -1.55 -9.97
N GLY A 1 -1.53 -33.97 7.34
CA GLY A 1 -1.20 -32.78 6.58
C GLY A 1 -2.38 -31.83 6.47
N SER A 2 -2.38 -30.79 7.30
CA SER A 2 -3.45 -29.81 7.29
C SER A 2 -2.98 -28.49 6.67
N SER A 3 -2.25 -28.59 5.58
CA SER A 3 -1.73 -27.41 4.89
C SER A 3 -2.06 -27.46 3.40
N GLY A 4 -1.84 -26.34 2.71
CA GLY A 4 -2.13 -26.28 1.30
C GLY A 4 -3.50 -25.74 0.99
N SER A 5 -3.78 -24.53 1.47
CA SER A 5 -5.08 -23.89 1.25
C SER A 5 -5.11 -23.16 -0.09
N SER A 6 -6.32 -22.95 -0.60
CA SER A 6 -6.49 -22.27 -1.87
C SER A 6 -7.29 -20.98 -1.71
N GLY A 7 -6.88 -19.94 -2.42
CA GLY A 7 -7.57 -18.66 -2.33
C GLY A 7 -6.98 -17.76 -1.26
N LYS A 8 -5.66 -17.73 -1.19
CA LYS A 8 -4.98 -16.90 -0.20
C LYS A 8 -5.54 -15.48 -0.19
N GLU A 9 -5.79 -14.93 -1.38
CA GLU A 9 -6.33 -13.59 -1.50
C GLU A 9 -7.58 -13.43 -0.63
N GLU A 10 -7.82 -12.20 -0.18
CA GLU A 10 -8.99 -11.91 0.65
C GLU A 10 -9.37 -10.44 0.57
N THR A 11 -10.41 -10.05 1.30
CA THR A 11 -10.89 -8.68 1.30
C THR A 11 -10.09 -7.83 2.29
N GLU A 12 -10.45 -6.55 2.38
CA GLU A 12 -9.76 -5.63 3.29
C GLU A 12 -8.28 -5.51 2.94
N ILE A 13 -7.98 -5.61 1.65
CA ILE A 13 -6.60 -5.51 1.18
C ILE A 13 -6.52 -4.82 -0.16
N ILE A 14 -5.51 -3.96 -0.33
CA ILE A 14 -5.32 -3.24 -1.58
C ILE A 14 -3.86 -3.22 -1.99
N GLU A 15 -3.60 -3.50 -3.26
CA GLU A 15 -2.24 -3.51 -3.78
C GLU A 15 -2.04 -2.40 -4.81
N GLY A 16 -0.82 -1.85 -4.84
CA GLY A 16 -0.52 -0.78 -5.77
C GLY A 16 0.97 -0.49 -5.85
N GLU A 17 1.38 0.16 -6.94
CA GLU A 17 2.79 0.49 -7.13
C GLU A 17 3.16 1.76 -6.35
N VAL A 18 3.95 1.59 -5.30
CA VAL A 18 4.37 2.70 -4.47
C VAL A 18 4.97 3.82 -5.32
N VAL A 19 4.43 5.02 -5.18
CA VAL A 19 4.91 6.17 -5.93
C VAL A 19 5.65 7.15 -5.03
N GLU A 20 5.05 7.47 -3.89
CA GLU A 20 5.63 8.40 -2.93
C GLU A 20 5.33 7.98 -1.50
N ILE A 21 6.34 8.06 -0.64
CA ILE A 21 6.17 7.69 0.76
C ILE A 21 6.68 8.80 1.68
N GLN A 22 5.75 9.64 2.15
CA GLN A 22 6.10 10.74 3.04
C GLN A 22 6.02 10.30 4.50
N ILE A 23 6.98 10.76 5.30
CA ILE A 23 7.02 10.42 6.72
C ILE A 23 7.27 11.65 7.57
N ASP A 24 6.19 12.22 8.11
CA ASP A 24 6.29 13.40 8.95
C ASP A 24 6.79 13.04 10.35
N ARG A 25 7.96 13.54 10.69
CA ARG A 25 8.55 13.26 12.00
C ARG A 25 7.80 14.00 13.11
N PRO A 26 7.67 13.35 14.27
CA PRO A 26 6.97 13.92 15.42
C PRO A 26 7.73 15.09 16.04
N ALA A 27 7.01 15.96 16.75
CA ALA A 27 7.61 17.12 17.38
C ALA A 27 7.17 17.23 18.84
N THR A 28 6.88 16.09 19.45
CA THR A 28 6.44 16.06 20.84
C THR A 28 6.82 14.74 21.51
N GLY A 29 6.72 14.70 22.83
CA GLY A 29 7.06 13.49 23.57
C GLY A 29 5.94 12.47 23.53
N THR A 30 5.67 11.94 22.34
CA THR A 30 4.63 10.94 22.17
C THR A 30 4.98 9.96 21.05
N GLY A 31 4.73 8.68 21.29
CA GLY A 31 5.02 7.67 20.30
C GLY A 31 3.98 7.61 19.20
N SER A 32 3.62 8.78 18.67
CA SER A 32 2.62 8.87 17.61
C SER A 32 3.26 9.34 16.31
N LYS A 33 3.35 8.45 15.33
CA LYS A 33 3.94 8.78 14.04
C LYS A 33 2.87 8.88 12.97
N VAL A 34 3.20 9.55 11.86
CA VAL A 34 2.25 9.71 10.76
C VAL A 34 2.99 9.81 9.43
N GLY A 35 2.30 9.43 8.36
CA GLY A 35 2.90 9.48 7.04
C GLY A 35 1.86 9.45 5.93
N LYS A 36 2.31 9.70 4.70
CA LYS A 36 1.41 9.71 3.55
C LYS A 36 1.97 8.84 2.42
N LEU A 37 1.21 7.80 2.05
CA LEU A 37 1.64 6.90 0.99
C LEU A 37 0.75 7.06 -0.24
N THR A 38 1.35 7.03 -1.42
CA THR A 38 0.62 7.16 -2.67
C THR A 38 0.96 6.03 -3.64
N LEU A 39 -0.05 5.29 -4.05
CA LEU A 39 0.14 4.18 -4.97
C LEU A 39 -0.54 4.46 -6.31
N LYS A 40 0.14 4.12 -7.40
CA LYS A 40 -0.39 4.34 -8.74
C LYS A 40 -1.18 3.11 -9.21
N THR A 41 -2.50 3.21 -9.12
CA THR A 41 -3.37 2.12 -9.54
C THR A 41 -3.80 2.28 -11.00
N THR A 42 -4.43 1.24 -11.54
CA THR A 42 -4.88 1.26 -12.92
C THR A 42 -5.44 2.64 -13.29
N GLU A 43 -4.76 3.32 -14.21
CA GLU A 43 -5.18 4.64 -14.64
C GLU A 43 -5.84 5.40 -13.50
N MET A 44 -5.27 5.29 -12.31
CA MET A 44 -5.80 5.96 -11.14
C MET A 44 -4.77 5.97 -10.00
N GLU A 45 -4.75 7.07 -9.24
CA GLU A 45 -3.82 7.20 -8.13
C GLU A 45 -4.56 7.30 -6.81
N THR A 46 -4.05 6.61 -5.79
CA THR A 46 -4.66 6.62 -4.47
C THR A 46 -3.70 7.13 -3.41
N ILE A 47 -4.23 7.73 -2.35
CA ILE A 47 -3.42 8.26 -1.27
C ILE A 47 -3.82 7.64 0.07
N TYR A 48 -2.99 6.71 0.55
CA TYR A 48 -3.26 6.05 1.83
C TYR A 48 -2.56 6.79 2.98
N ASP A 49 -3.27 6.91 4.09
CA ASP A 49 -2.73 7.59 5.27
C ASP A 49 -1.95 6.61 6.14
N LEU A 50 -0.66 6.90 6.34
CA LEU A 50 0.19 6.06 7.16
C LEU A 50 0.15 6.48 8.62
N GLY A 51 0.46 5.54 9.52
CA GLY A 51 0.46 5.84 10.94
C GLY A 51 1.76 5.48 11.61
N THR A 52 1.67 4.70 12.69
CA THR A 52 2.86 4.28 13.43
C THR A 52 3.23 2.85 13.10
N LYS A 53 2.23 1.99 12.99
CA LYS A 53 2.45 0.58 12.67
C LYS A 53 2.80 0.41 11.20
N MET A 54 2.06 1.10 10.33
CA MET A 54 2.28 1.02 8.89
C MET A 54 3.74 1.34 8.56
N ILE A 55 4.28 2.37 9.20
CA ILE A 55 5.65 2.78 8.96
C ILE A 55 6.63 1.68 9.38
N GLU A 56 6.44 1.16 10.58
CA GLU A 56 7.31 0.09 11.08
C GLU A 56 7.59 -0.94 9.99
N SER A 57 6.66 -1.09 9.07
CA SER A 57 6.81 -2.05 7.98
C SER A 57 7.60 -1.44 6.82
N LEU A 58 7.36 -0.16 6.57
CA LEU A 58 8.05 0.55 5.49
C LEU A 58 9.51 0.79 5.85
N THR A 59 9.81 0.77 7.15
CA THR A 59 11.17 1.00 7.62
C THR A 59 11.93 -0.32 7.74
N LYS A 60 11.31 -1.30 8.39
CA LYS A 60 11.92 -2.61 8.56
C LYS A 60 12.43 -3.16 7.24
N ASP A 61 11.76 -2.78 6.15
CA ASP A 61 12.14 -3.23 4.82
C ASP A 61 12.67 -2.07 3.98
N LYS A 62 12.47 -0.86 4.48
CA LYS A 62 12.93 0.33 3.77
C LYS A 62 12.21 0.49 2.43
N VAL A 63 10.92 0.16 2.42
CA VAL A 63 10.11 0.27 1.21
C VAL A 63 10.34 1.60 0.51
N GLN A 64 10.45 1.56 -0.81
CA GLN A 64 10.68 2.76 -1.60
C GLN A 64 9.87 2.72 -2.90
N ALA A 65 9.71 3.88 -3.53
CA ALA A 65 8.98 3.97 -4.78
C ALA A 65 9.50 2.97 -5.81
N GLY A 66 8.57 2.34 -6.53
CA GLY A 66 8.96 1.37 -7.54
C GLY A 66 8.49 -0.04 -7.19
N ASP A 67 8.53 -0.36 -5.90
CA ASP A 67 8.11 -1.68 -5.43
C ASP A 67 6.62 -1.69 -5.09
N VAL A 68 5.92 -2.70 -5.57
CA VAL A 68 4.49 -2.83 -5.30
C VAL A 68 4.23 -3.41 -3.92
N ILE A 69 3.66 -2.59 -3.03
CA ILE A 69 3.37 -3.03 -1.67
C ILE A 69 1.87 -3.17 -1.45
N THR A 70 1.49 -4.00 -0.49
CA THR A 70 0.09 -4.24 -0.19
C THR A 70 -0.30 -3.55 1.12
N ILE A 71 -1.61 -3.43 1.35
CA ILE A 71 -2.12 -2.80 2.56
C ILE A 71 -3.27 -3.60 3.15
N ASP A 72 -3.01 -4.23 4.30
CA ASP A 72 -4.03 -5.03 4.97
C ASP A 72 -4.79 -4.20 5.99
N LYS A 73 -6.02 -3.83 5.66
CA LYS A 73 -6.85 -3.03 6.55
C LYS A 73 -7.30 -3.84 7.76
N ALA A 74 -7.50 -5.14 7.54
CA ALA A 74 -7.94 -6.03 8.62
C ALA A 74 -7.13 -5.78 9.89
N THR A 75 -5.80 -5.84 9.77
CA THR A 75 -4.93 -5.62 10.90
C THR A 75 -4.22 -4.27 10.81
N GLY A 76 -4.11 -3.75 9.59
CA GLY A 76 -3.46 -2.46 9.39
C GLY A 76 -1.97 -2.60 9.13
N LYS A 77 -1.57 -3.73 8.58
CA LYS A 77 -0.17 -3.99 8.29
C LYS A 77 0.09 -3.96 6.78
N ILE A 78 1.33 -3.66 6.40
CA ILE A 78 1.70 -3.59 4.99
C ILE A 78 2.74 -4.66 4.66
N SER A 79 2.57 -5.30 3.51
CA SER A 79 3.49 -6.35 3.07
C SER A 79 4.04 -6.03 1.68
N LYS A 80 5.35 -6.16 1.53
CA LYS A 80 6.00 -5.90 0.25
C LYS A 80 6.08 -7.16 -0.59
N LEU A 81 5.82 -7.01 -1.89
CA LEU A 81 5.85 -8.15 -2.81
C LEU A 81 6.96 -7.97 -3.84
N GLY A 82 6.91 -6.87 -4.58
CA GLY A 82 7.92 -6.60 -5.59
C GLY A 82 7.31 -6.15 -6.91
N ARG A 83 8.08 -5.37 -7.66
CA ARG A 83 7.61 -4.87 -8.95
C ARG A 83 6.81 -5.94 -9.70
N SER A 84 5.55 -5.63 -9.97
CA SER A 84 4.67 -6.56 -10.68
C SER A 84 4.45 -6.11 -12.12
N PHE A 85 5.21 -6.70 -13.04
CA PHE A 85 5.09 -6.37 -14.45
C PHE A 85 4.02 -7.23 -15.13
N THR A 86 3.78 -6.96 -16.42
CA THR A 86 2.79 -7.71 -17.17
C THR A 86 2.82 -7.30 -18.65
N ARG A 87 2.22 -8.13 -19.49
CA ARG A 87 2.17 -7.87 -20.92
C ARG A 87 1.84 -6.39 -21.19
N ALA A 88 2.22 -5.92 -22.38
CA ALA A 88 1.96 -4.54 -22.76
C ALA A 88 0.91 -4.46 -23.87
N ARG A 89 0.18 -3.35 -23.89
CA ARG A 89 -0.87 -3.15 -24.88
C ARG A 89 -0.36 -2.27 -26.03
N SER A 90 0.25 -2.91 -27.03
CA SER A 90 0.79 -2.18 -28.17
C SER A 90 -0.31 -1.36 -28.85
N GLY A 91 -0.11 -0.05 -28.91
CA GLY A 91 -1.08 0.83 -29.54
C GLY A 91 -0.46 2.10 -30.08
N PRO A 92 -1.30 2.97 -30.66
CA PRO A 92 -0.84 4.23 -31.23
C PRO A 92 -0.39 5.23 -30.16
N SER A 93 0.91 5.27 -29.91
CA SER A 93 1.46 6.16 -28.90
C SER A 93 1.03 7.61 -29.15
N SER A 94 1.18 8.45 -28.14
CA SER A 94 0.79 9.86 -28.26
C SER A 94 1.44 10.50 -29.48
N GLY A 95 0.63 10.78 -30.49
CA GLY A 95 1.14 11.39 -31.70
C GLY A 95 0.48 12.73 -32.00
N GLY A 1 -28.26 -15.48 14.75
CA GLY A 1 -28.09 -14.23 14.02
C GLY A 1 -27.94 -14.47 12.53
N SER A 2 -26.68 -14.55 12.07
CA SER A 2 -26.40 -14.75 10.66
C SER A 2 -27.40 -14.01 9.78
N SER A 3 -27.71 -12.77 10.17
CA SER A 3 -28.65 -11.95 9.43
C SER A 3 -27.97 -10.68 8.91
N GLY A 4 -27.70 -10.65 7.60
CA GLY A 4 -27.07 -9.50 7.01
C GLY A 4 -27.58 -9.20 5.61
N SER A 5 -28.14 -8.00 5.44
CA SER A 5 -28.69 -7.60 4.15
C SER A 5 -28.23 -6.19 3.79
N SER A 6 -26.95 -5.91 4.02
CA SER A 6 -26.40 -4.58 3.72
C SER A 6 -25.48 -4.65 2.50
N GLY A 7 -24.47 -5.52 2.57
CA GLY A 7 -23.54 -5.67 1.47
C GLY A 7 -22.11 -5.43 1.89
N LYS A 8 -21.74 -5.92 3.06
CA LYS A 8 -20.39 -5.76 3.58
C LYS A 8 -19.52 -6.97 3.23
N GLU A 9 -18.95 -6.94 2.03
CA GLU A 9 -18.09 -8.03 1.56
C GLU A 9 -16.85 -7.49 0.87
N GLU A 10 -15.68 -7.82 1.43
CA GLU A 10 -14.42 -7.36 0.86
C GLU A 10 -13.26 -8.18 1.40
N THR A 11 -12.09 -8.02 0.78
CA THR A 11 -10.90 -8.76 1.19
C THR A 11 -10.09 -7.96 2.21
N GLU A 12 -10.40 -6.67 2.33
CA GLU A 12 -9.69 -5.81 3.27
C GLU A 12 -8.22 -5.69 2.91
N ILE A 13 -7.94 -5.69 1.62
CA ILE A 13 -6.56 -5.58 1.13
C ILE A 13 -6.49 -4.77 -0.15
N ILE A 14 -5.47 -3.92 -0.26
CA ILE A 14 -5.29 -3.09 -1.44
C ILE A 14 -3.83 -3.07 -1.87
N GLU A 15 -3.58 -3.41 -3.13
CA GLU A 15 -2.23 -3.44 -3.68
C GLU A 15 -2.06 -2.37 -4.75
N GLY A 16 -0.87 -1.77 -4.80
CA GLY A 16 -0.60 -0.73 -5.79
C GLY A 16 0.89 -0.45 -5.93
N GLU A 17 1.26 0.24 -7.01
CA GLU A 17 2.65 0.58 -7.25
C GLU A 17 3.05 1.82 -6.46
N VAL A 18 4.02 1.65 -5.56
CA VAL A 18 4.50 2.75 -4.73
C VAL A 18 5.06 3.87 -5.59
N VAL A 19 4.53 5.07 -5.40
CA VAL A 19 4.98 6.24 -6.16
C VAL A 19 5.70 7.23 -5.25
N GLU A 20 5.07 7.57 -4.13
CA GLU A 20 5.65 8.52 -3.18
C GLU A 20 5.36 8.10 -1.75
N ILE A 21 6.33 8.29 -0.86
CA ILE A 21 6.17 7.94 0.54
C ILE A 21 6.66 9.06 1.45
N GLN A 22 5.73 9.89 1.92
CA GLN A 22 6.07 11.00 2.79
C GLN A 22 6.23 10.53 4.24
N ILE A 23 7.24 11.05 4.92
CA ILE A 23 7.49 10.68 6.31
C ILE A 23 7.88 11.89 7.14
N ASP A 24 7.02 12.24 8.10
CA ASP A 24 7.26 13.39 8.96
C ASP A 24 8.37 13.08 9.96
N ARG A 25 9.35 13.97 10.04
CA ARG A 25 10.48 13.80 10.95
C ARG A 25 10.34 14.70 12.17
N PRO A 26 10.82 14.22 13.32
CA PRO A 26 10.76 14.97 14.58
C PRO A 26 11.68 16.19 14.58
N ALA A 27 11.16 17.33 15.02
CA ALA A 27 11.94 18.56 15.06
C ALA A 27 11.80 19.24 16.42
N THR A 28 10.57 19.57 16.79
CA THR A 28 10.31 20.23 18.06
C THR A 28 9.61 19.28 19.03
N GLY A 29 8.65 18.52 18.52
CA GLY A 29 7.92 17.58 19.36
C GLY A 29 6.47 17.44 18.96
N THR A 30 6.12 16.26 18.43
CA THR A 30 4.75 16.00 17.99
C THR A 30 4.10 14.91 18.84
N GLY A 31 4.72 13.73 18.85
CA GLY A 31 4.18 12.63 19.62
C GLY A 31 4.26 11.31 18.88
N SER A 32 3.36 11.12 17.92
CA SER A 32 3.31 9.90 17.13
C SER A 32 3.83 10.14 15.72
N LYS A 33 4.42 9.11 15.13
CA LYS A 33 4.96 9.21 13.78
C LYS A 33 3.84 9.20 12.74
N VAL A 34 3.99 10.03 11.70
CA VAL A 34 2.98 10.11 10.65
C VAL A 34 3.64 10.13 9.27
N GLY A 35 2.98 9.52 8.30
CA GLY A 35 3.51 9.48 6.95
C GLY A 35 2.43 9.27 5.90
N LYS A 36 2.72 9.66 4.66
CA LYS A 36 1.78 9.52 3.57
C LYS A 36 2.33 8.60 2.48
N LEU A 37 1.45 7.89 1.80
CA LEU A 37 1.85 6.99 0.73
C LEU A 37 0.91 7.10 -0.46
N THR A 38 1.48 7.15 -1.66
CA THR A 38 0.69 7.26 -2.89
C THR A 38 0.99 6.10 -3.83
N LEU A 39 -0.05 5.37 -4.20
CA LEU A 39 0.11 4.24 -5.12
C LEU A 39 -0.59 4.50 -6.44
N LYS A 40 0.09 4.21 -7.54
CA LYS A 40 -0.46 4.42 -8.88
C LYS A 40 -1.20 3.18 -9.35
N THR A 41 -2.53 3.20 -9.24
CA THR A 41 -3.35 2.08 -9.66
C THR A 41 -3.80 2.23 -11.11
N THR A 42 -4.37 1.17 -11.65
CA THR A 42 -4.84 1.18 -13.04
C THR A 42 -5.45 2.52 -13.40
N GLU A 43 -4.80 3.25 -14.31
CA GLU A 43 -5.29 4.56 -14.74
C GLU A 43 -5.98 5.29 -13.58
N MET A 44 -5.38 5.19 -12.40
CA MET A 44 -5.93 5.85 -11.22
C MET A 44 -4.92 5.85 -10.08
N GLU A 45 -4.88 6.95 -9.33
CA GLU A 45 -3.95 7.07 -8.21
C GLU A 45 -4.70 7.31 -6.91
N THR A 46 -4.30 6.59 -5.86
CA THR A 46 -4.93 6.70 -4.56
C THR A 46 -3.90 6.99 -3.46
N ILE A 47 -4.35 7.64 -2.40
CA ILE A 47 -3.47 7.98 -1.29
C ILE A 47 -3.87 7.22 -0.03
N TYR A 48 -2.86 6.76 0.72
CA TYR A 48 -3.11 6.02 1.95
C TYR A 48 -2.45 6.70 3.14
N ASP A 49 -3.15 6.72 4.27
CA ASP A 49 -2.62 7.34 5.48
C ASP A 49 -1.83 6.35 6.31
N LEU A 50 -0.75 6.82 6.92
CA LEU A 50 0.10 5.96 7.74
C LEU A 50 0.21 6.50 9.17
N GLY A 51 -0.04 5.64 10.15
CA GLY A 51 0.05 6.06 11.53
C GLY A 51 1.44 5.87 12.11
N THR A 52 1.52 5.07 13.17
CA THR A 52 2.81 4.81 13.83
C THR A 52 3.28 3.39 13.56
N LYS A 53 2.36 2.44 13.67
CA LYS A 53 2.69 1.04 13.44
C LYS A 53 2.86 0.76 11.95
N MET A 54 2.04 1.41 11.13
CA MET A 54 2.11 1.23 9.69
C MET A 54 3.48 1.65 9.15
N ILE A 55 4.08 2.65 9.79
CA ILE A 55 5.38 3.14 9.38
C ILE A 55 6.49 2.16 9.77
N GLU A 56 6.37 1.62 10.97
CA GLU A 56 7.36 0.67 11.48
C GLU A 56 7.57 -0.48 10.49
N SER A 57 6.58 -0.68 9.62
CA SER A 57 6.65 -1.75 8.63
C SER A 57 7.41 -1.30 7.40
N LEU A 58 7.09 -0.11 6.92
CA LEU A 58 7.75 0.45 5.74
C LEU A 58 9.26 0.53 5.93
N THR A 59 9.68 0.68 7.19
CA THR A 59 11.09 0.76 7.53
C THR A 59 11.74 -0.62 7.53
N LYS A 60 11.08 -1.58 8.18
CA LYS A 60 11.59 -2.94 8.26
C LYS A 60 11.99 -3.45 6.88
N ASP A 61 11.06 -3.36 5.93
CA ASP A 61 11.32 -3.82 4.57
C ASP A 61 11.92 -2.70 3.73
N LYS A 62 12.12 -1.55 4.35
CA LYS A 62 12.69 -0.40 3.66
C LYS A 62 11.94 -0.12 2.36
N VAL A 63 10.61 -0.25 2.40
CA VAL A 63 9.79 -0.01 1.23
C VAL A 63 10.19 1.29 0.53
N GLN A 64 10.40 1.21 -0.77
CA GLN A 64 10.79 2.37 -1.57
C GLN A 64 9.90 2.51 -2.80
N ALA A 65 9.94 3.68 -3.41
CA ALA A 65 9.15 3.95 -4.60
C ALA A 65 9.52 3.00 -5.74
N GLY A 66 8.52 2.46 -6.42
CA GLY A 66 8.77 1.55 -7.52
C GLY A 66 8.28 0.14 -7.23
N ASP A 67 8.47 -0.31 -5.99
CA ASP A 67 8.04 -1.64 -5.60
C ASP A 67 6.56 -1.65 -5.23
N VAL A 68 5.88 -2.74 -5.56
CA VAL A 68 4.46 -2.87 -5.28
C VAL A 68 4.24 -3.47 -3.88
N ILE A 69 3.69 -2.65 -2.99
CA ILE A 69 3.43 -3.10 -1.62
C ILE A 69 1.93 -3.19 -1.36
N THR A 70 1.53 -4.17 -0.54
CA THR A 70 0.13 -4.37 -0.21
C THR A 70 -0.20 -3.76 1.15
N ILE A 71 -1.50 -3.56 1.41
CA ILE A 71 -1.94 -2.98 2.66
C ILE A 71 -3.13 -3.75 3.23
N ASP A 72 -2.88 -4.51 4.29
CA ASP A 72 -3.94 -5.30 4.93
C ASP A 72 -4.73 -4.44 5.91
N LYS A 73 -5.96 -4.11 5.52
CA LYS A 73 -6.83 -3.30 6.37
C LYS A 73 -7.38 -4.12 7.53
N ALA A 74 -7.65 -5.39 7.28
CA ALA A 74 -8.18 -6.28 8.31
C ALA A 74 -7.16 -6.49 9.43
N THR A 75 -5.88 -6.42 9.09
CA THR A 75 -4.82 -6.60 10.06
C THR A 75 -4.03 -5.31 10.26
N GLY A 76 -4.28 -4.33 9.40
CA GLY A 76 -3.59 -3.06 9.50
C GLY A 76 -2.09 -3.20 9.34
N LYS A 77 -1.67 -4.03 8.40
CA LYS A 77 -0.25 -4.26 8.15
C LYS A 77 0.12 -3.88 6.71
N ILE A 78 1.40 -3.62 6.49
CA ILE A 78 1.88 -3.25 5.16
C ILE A 78 2.99 -4.18 4.71
N SER A 79 2.73 -4.93 3.64
CA SER A 79 3.72 -5.86 3.10
C SER A 79 4.26 -5.37 1.77
N LYS A 80 5.50 -5.76 1.46
CA LYS A 80 6.13 -5.36 0.21
C LYS A 80 6.26 -6.55 -0.74
N LEU A 81 6.02 -6.31 -2.03
CA LEU A 81 6.11 -7.36 -3.03
C LEU A 81 7.06 -6.96 -4.15
N GLY A 82 7.57 -7.95 -4.88
CA GLY A 82 8.48 -7.68 -5.97
C GLY A 82 7.94 -6.64 -6.94
N ARG A 83 7.24 -7.10 -7.97
CA ARG A 83 6.67 -6.20 -8.96
C ARG A 83 5.50 -6.85 -9.68
N SER A 84 4.34 -6.20 -9.64
CA SER A 84 3.14 -6.72 -10.28
C SER A 84 2.90 -6.04 -11.63
N PHE A 85 3.49 -6.59 -12.68
CA PHE A 85 3.35 -6.04 -14.02
C PHE A 85 2.32 -6.82 -14.82
N THR A 86 2.54 -8.13 -14.95
CA THR A 86 1.63 -9.00 -15.68
C THR A 86 0.30 -9.16 -14.95
N ARG A 87 -0.79 -9.15 -15.71
CA ARG A 87 -2.12 -9.30 -15.13
C ARG A 87 -2.36 -8.25 -14.05
N ALA A 88 -2.14 -6.99 -14.40
CA ALA A 88 -2.33 -5.88 -13.47
C ALA A 88 -3.81 -5.54 -13.32
N ARG A 89 -4.50 -5.44 -14.45
CA ARG A 89 -5.93 -5.12 -14.44
C ARG A 89 -6.70 -6.10 -13.57
N SER A 90 -7.70 -5.59 -12.85
CA SER A 90 -8.51 -6.42 -11.96
C SER A 90 -9.88 -5.80 -11.75
N GLY A 91 -10.82 -6.60 -11.24
CA GLY A 91 -12.17 -6.11 -10.99
C GLY A 91 -13.06 -6.27 -12.20
N PRO A 92 -14.38 -6.31 -11.96
CA PRO A 92 -15.38 -6.47 -13.03
C PRO A 92 -15.48 -5.22 -13.90
N SER A 93 -15.22 -4.06 -13.30
CA SER A 93 -15.29 -2.80 -14.04
C SER A 93 -16.49 -2.78 -14.97
N SER A 94 -17.63 -3.26 -14.48
CA SER A 94 -18.85 -3.31 -15.27
C SER A 94 -19.56 -1.95 -15.25
N GLY A 95 -20.17 -1.60 -16.37
CA GLY A 95 -20.88 -0.33 -16.47
C GLY A 95 -21.47 -0.09 -17.84
N GLY A 1 -8.54 -22.33 -4.40
CA GLY A 1 -7.45 -22.88 -5.18
C GLY A 1 -6.31 -21.91 -5.37
N SER A 2 -5.56 -22.08 -6.45
CA SER A 2 -4.43 -21.21 -6.74
C SER A 2 -4.79 -20.20 -7.83
N SER A 3 -4.70 -18.92 -7.50
CA SER A 3 -5.01 -17.85 -8.44
C SER A 3 -4.08 -16.66 -8.26
N GLY A 4 -3.98 -15.83 -9.28
CA GLY A 4 -3.11 -14.66 -9.22
C GLY A 4 -3.89 -13.36 -9.29
N SER A 5 -4.39 -13.04 -10.49
CA SER A 5 -5.15 -11.82 -10.69
C SER A 5 -6.26 -11.69 -9.67
N SER A 6 -6.43 -10.49 -9.12
CA SER A 6 -7.47 -10.24 -8.12
C SER A 6 -8.85 -10.57 -8.67
N GLY A 7 -9.69 -11.18 -7.83
CA GLY A 7 -11.02 -11.54 -8.26
C GLY A 7 -12.01 -11.59 -7.10
N LYS A 8 -11.87 -10.65 -6.18
CA LYS A 8 -12.74 -10.59 -5.02
C LYS A 8 -13.30 -9.19 -4.83
N GLU A 9 -14.41 -9.08 -4.10
CA GLU A 9 -15.05 -7.79 -3.85
C GLU A 9 -14.98 -7.44 -2.36
N GLU A 10 -15.33 -6.19 -2.05
CA GLU A 10 -15.32 -5.73 -0.67
C GLU A 10 -14.17 -6.37 0.10
N THR A 11 -12.95 -6.22 -0.41
CA THR A 11 -11.77 -6.78 0.23
C THR A 11 -11.04 -5.74 1.06
N GLU A 12 -10.49 -6.17 2.19
CA GLU A 12 -9.76 -5.26 3.07
C GLU A 12 -8.26 -5.26 2.74
N ILE A 13 -7.95 -5.43 1.46
CA ILE A 13 -6.56 -5.44 1.01
C ILE A 13 -6.39 -4.65 -0.28
N ILE A 14 -5.44 -3.72 -0.28
CA ILE A 14 -5.17 -2.90 -1.44
C ILE A 14 -3.72 -3.04 -1.90
N GLU A 15 -3.53 -3.19 -3.21
CA GLU A 15 -2.19 -3.33 -3.77
C GLU A 15 -1.93 -2.29 -4.86
N GLY A 16 -0.74 -1.72 -4.86
CA GLY A 16 -0.39 -0.72 -5.85
C GLY A 16 1.10 -0.51 -5.96
N GLU A 17 1.51 0.25 -6.98
CA GLU A 17 2.92 0.52 -7.20
C GLU A 17 3.36 1.76 -6.43
N VAL A 18 4.07 1.54 -5.32
CA VAL A 18 4.54 2.63 -4.49
C VAL A 18 5.08 3.77 -5.34
N VAL A 19 4.56 4.98 -5.11
CA VAL A 19 4.98 6.15 -5.86
C VAL A 19 5.66 7.16 -4.94
N GLU A 20 5.01 7.49 -3.84
CA GLU A 20 5.55 8.45 -2.88
C GLU A 20 5.21 8.04 -1.45
N ILE A 21 6.20 8.10 -0.56
CA ILE A 21 6.01 7.75 0.84
C ILE A 21 6.46 8.87 1.76
N GLN A 22 5.52 9.72 2.17
CA GLN A 22 5.83 10.83 3.05
C GLN A 22 5.87 10.37 4.51
N ILE A 23 6.84 10.89 5.26
CA ILE A 23 7.00 10.52 6.66
C ILE A 23 7.25 11.77 7.51
N ASP A 24 6.20 12.24 8.18
CA ASP A 24 6.31 13.41 9.03
C ASP A 24 7.09 13.09 10.31
N ARG A 25 8.09 13.91 10.61
CA ARG A 25 8.91 13.71 11.79
C ARG A 25 8.30 14.41 13.00
N PRO A 26 8.43 13.78 14.18
CA PRO A 26 7.90 14.32 15.43
C PRO A 26 8.67 15.56 15.89
N ALA A 27 7.93 16.55 16.40
CA ALA A 27 8.54 17.79 16.87
C ALA A 27 8.14 18.06 18.32
N THR A 28 6.85 18.23 18.55
CA THR A 28 6.34 18.51 19.89
C THR A 28 6.55 17.32 20.82
N GLY A 29 6.62 17.58 22.12
CA GLY A 29 6.82 16.52 23.09
C GLY A 29 6.05 15.27 22.73
N THR A 30 4.79 15.21 23.17
CA THR A 30 3.95 14.05 22.91
C THR A 30 3.55 13.99 21.44
N GLY A 31 4.52 13.69 20.58
CA GLY A 31 4.25 13.60 19.16
C GLY A 31 4.08 12.18 18.69
N SER A 32 3.22 11.98 17.69
CA SER A 32 2.96 10.64 17.16
C SER A 32 3.45 10.53 15.71
N LYS A 33 3.93 9.36 15.35
CA LYS A 33 4.43 9.12 14.00
C LYS A 33 3.29 9.12 12.99
N VAL A 34 3.49 9.82 11.87
CA VAL A 34 2.49 9.91 10.83
C VAL A 34 3.12 10.06 9.46
N GLY A 35 2.47 9.51 8.43
CA GLY A 35 2.99 9.59 7.08
C GLY A 35 1.93 9.34 6.04
N LYS A 36 2.27 9.59 4.78
CA LYS A 36 1.34 9.38 3.67
C LYS A 36 1.96 8.50 2.59
N LEU A 37 1.15 7.63 2.00
CA LEU A 37 1.62 6.74 0.95
C LEU A 37 0.77 6.87 -0.30
N THR A 38 1.43 7.00 -1.45
CA THR A 38 0.73 7.15 -2.73
C THR A 38 1.06 5.99 -3.66
N LEU A 39 0.03 5.33 -4.16
CA LEU A 39 0.21 4.19 -5.08
C LEU A 39 -0.47 4.47 -6.42
N LYS A 40 0.21 4.13 -7.50
CA LYS A 40 -0.33 4.32 -8.84
C LYS A 40 -1.11 3.10 -9.30
N THR A 41 -2.44 3.20 -9.23
CA THR A 41 -3.32 2.10 -9.63
C THR A 41 -3.76 2.27 -11.08
N THR A 42 -4.38 1.21 -11.63
CA THR A 42 -4.86 1.25 -13.01
C THR A 42 -5.34 2.63 -13.39
N GLU A 43 -4.57 3.31 -14.24
CA GLU A 43 -4.94 4.65 -14.69
C GLU A 43 -5.54 5.46 -13.56
N MET A 44 -4.90 5.42 -12.40
CA MET A 44 -5.39 6.15 -11.23
C MET A 44 -4.32 6.20 -10.14
N GLU A 45 -4.52 7.07 -9.16
CA GLU A 45 -3.58 7.21 -8.06
C GLU A 45 -4.31 7.26 -6.72
N THR A 46 -4.11 6.23 -5.91
CA THR A 46 -4.75 6.15 -4.60
C THR A 46 -3.79 6.58 -3.49
N ILE A 47 -4.36 7.09 -2.40
CA ILE A 47 -3.55 7.55 -1.27
C ILE A 47 -3.97 6.83 0.02
N TYR A 48 -2.98 6.45 0.82
CA TYR A 48 -3.25 5.76 2.08
C TYR A 48 -2.55 6.46 3.23
N ASP A 49 -3.25 6.58 4.36
CA ASP A 49 -2.69 7.22 5.54
C ASP A 49 -1.98 6.21 6.43
N LEU A 50 -0.76 6.56 6.85
CA LEU A 50 0.02 5.69 7.71
C LEU A 50 0.10 6.23 9.13
N GLY A 51 -0.04 5.35 10.11
CA GLY A 51 0.01 5.75 11.49
C GLY A 51 1.38 5.54 12.11
N THR A 52 1.50 4.53 12.96
CA THR A 52 2.76 4.23 13.62
C THR A 52 3.24 2.82 13.27
N LYS A 53 2.29 1.93 13.02
CA LYS A 53 2.61 0.55 12.68
C LYS A 53 2.89 0.41 11.19
N MET A 54 2.03 1.00 10.37
CA MET A 54 2.18 0.94 8.92
C MET A 54 3.60 1.34 8.51
N ILE A 55 4.16 2.32 9.21
CA ILE A 55 5.51 2.79 8.91
C ILE A 55 6.55 1.73 9.28
N GLU A 56 6.45 1.22 10.49
CA GLU A 56 7.39 0.20 10.97
C GLU A 56 7.70 -0.81 9.86
N SER A 57 6.72 -1.03 8.99
CA SER A 57 6.88 -1.98 7.88
C SER A 57 7.70 -1.35 6.76
N LEU A 58 7.31 -0.15 6.35
CA LEU A 58 8.00 0.55 5.27
C LEU A 58 9.42 0.90 5.68
N THR A 59 9.71 0.75 6.96
CA THR A 59 11.05 1.05 7.48
C THR A 59 11.92 -0.20 7.50
N LYS A 60 11.40 -1.28 8.07
CA LYS A 60 12.12 -2.54 8.15
C LYS A 60 12.62 -2.98 6.77
N ASP A 61 11.86 -2.61 5.74
CA ASP A 61 12.22 -2.96 4.37
C ASP A 61 12.56 -1.71 3.56
N LYS A 62 12.61 -0.57 4.23
CA LYS A 62 12.92 0.69 3.59
C LYS A 62 12.18 0.81 2.25
N VAL A 63 10.96 0.27 2.21
CA VAL A 63 10.15 0.31 0.99
C VAL A 63 10.28 1.66 0.30
N GLN A 64 10.69 1.63 -0.97
CA GLN A 64 10.86 2.85 -1.75
C GLN A 64 9.94 2.85 -2.96
N ALA A 65 9.79 4.01 -3.59
CA ALA A 65 8.94 4.14 -4.77
C ALA A 65 9.39 3.20 -5.88
N GLY A 66 8.43 2.53 -6.51
CA GLY A 66 8.76 1.61 -7.58
C GLY A 66 8.32 0.19 -7.28
N ASP A 67 8.41 -0.20 -6.01
CA ASP A 67 8.01 -1.54 -5.59
C ASP A 67 6.50 -1.64 -5.43
N VAL A 68 6.00 -2.86 -5.29
CA VAL A 68 4.57 -3.10 -5.13
C VAL A 68 4.26 -3.65 -3.75
N ILE A 69 3.72 -2.81 -2.88
CA ILE A 69 3.37 -3.22 -1.53
C ILE A 69 1.86 -3.17 -1.31
N THR A 70 1.35 -4.10 -0.51
CA THR A 70 -0.07 -4.16 -0.21
C THR A 70 -0.39 -3.52 1.14
N ILE A 71 -1.67 -3.39 1.45
CA ILE A 71 -2.10 -2.81 2.71
C ILE A 71 -3.30 -3.55 3.28
N ASP A 72 -3.08 -4.29 4.37
CA ASP A 72 -4.15 -5.03 5.01
C ASP A 72 -4.88 -4.18 6.04
N LYS A 73 -6.07 -3.72 5.68
CA LYS A 73 -6.87 -2.88 6.57
C LYS A 73 -7.24 -3.64 7.83
N ALA A 74 -7.54 -4.93 7.68
CA ALA A 74 -7.92 -5.77 8.80
C ALA A 74 -7.10 -5.42 10.05
N THR A 75 -5.78 -5.40 9.89
CA THR A 75 -4.89 -5.08 11.01
C THR A 75 -3.99 -3.91 10.66
N GLY A 76 -4.25 -3.27 9.53
CA GLY A 76 -3.46 -2.13 9.10
C GLY A 76 -2.00 -2.49 8.91
N LYS A 77 -1.74 -3.73 8.51
CA LYS A 77 -0.38 -4.20 8.29
C LYS A 77 0.00 -4.11 6.82
N ILE A 78 1.26 -3.78 6.55
CA ILE A 78 1.74 -3.67 5.17
C ILE A 78 2.73 -4.79 4.85
N SER A 79 2.53 -5.42 3.70
CA SER A 79 3.39 -6.51 3.26
C SER A 79 3.98 -6.24 1.89
N LYS A 80 5.23 -6.63 1.69
CA LYS A 80 5.92 -6.41 0.42
C LYS A 80 5.80 -7.65 -0.47
N LEU A 81 5.60 -7.42 -1.77
CA LEU A 81 5.47 -8.52 -2.73
C LEU A 81 6.56 -8.44 -3.79
N GLY A 82 6.75 -7.25 -4.35
CA GLY A 82 7.76 -7.05 -5.37
C GLY A 82 7.17 -6.57 -6.68
N ARG A 83 8.03 -6.16 -7.60
CA ARG A 83 7.59 -5.66 -8.90
C ARG A 83 6.47 -6.53 -9.45
N SER A 84 5.60 -5.93 -10.26
CA SER A 84 4.48 -6.65 -10.85
C SER A 84 4.93 -7.45 -12.08
N PHE A 85 5.00 -8.76 -11.92
CA PHE A 85 5.41 -9.64 -13.01
C PHE A 85 4.21 -10.18 -13.76
N THR A 86 4.39 -10.42 -15.06
CA THR A 86 3.31 -10.95 -15.90
C THR A 86 3.86 -11.72 -17.09
N ARG A 87 3.18 -12.80 -17.45
CA ARG A 87 3.59 -13.62 -18.57
C ARG A 87 2.74 -13.34 -19.82
N ALA A 88 3.26 -12.51 -20.70
CA ALA A 88 2.55 -12.15 -21.93
C ALA A 88 3.52 -11.65 -22.99
N ARG A 89 3.16 -11.87 -24.25
CA ARG A 89 4.00 -11.43 -25.37
C ARG A 89 3.14 -10.87 -26.50
N SER A 90 3.37 -9.60 -26.83
CA SER A 90 2.61 -8.95 -27.89
C SER A 90 3.12 -9.37 -29.26
N GLY A 91 4.45 -9.31 -29.44
CA GLY A 91 5.04 -9.69 -30.70
C GLY A 91 5.97 -8.62 -31.25
N PRO A 92 6.26 -8.68 -32.56
CA PRO A 92 7.13 -7.72 -33.23
C PRO A 92 6.50 -6.34 -33.34
N SER A 93 6.63 -5.55 -32.27
CA SER A 93 6.07 -4.21 -32.24
C SER A 93 7.12 -3.18 -32.64
N SER A 94 7.12 -2.78 -33.90
CA SER A 94 8.06 -1.80 -34.41
C SER A 94 9.46 -2.04 -33.83
N GLY A 95 9.95 -3.26 -33.98
CA GLY A 95 11.26 -3.61 -33.46
C GLY A 95 11.18 -4.51 -32.25
N GLY A 1 -35.46 6.15 7.56
CA GLY A 1 -34.08 5.73 7.69
C GLY A 1 -33.92 4.23 7.74
N SER A 2 -32.82 3.73 7.20
CA SER A 2 -32.55 2.30 7.18
C SER A 2 -31.08 2.02 6.91
N SER A 3 -30.65 0.80 7.23
CA SER A 3 -29.26 0.40 7.01
C SER A 3 -29.16 -1.06 6.56
N GLY A 4 -27.99 -1.45 6.07
CA GLY A 4 -27.80 -2.80 5.62
C GLY A 4 -26.97 -2.88 4.35
N SER A 5 -25.91 -3.67 4.37
CA SER A 5 -25.03 -3.83 3.22
C SER A 5 -24.84 -5.30 2.88
N SER A 6 -25.69 -5.81 1.98
CA SER A 6 -25.60 -7.21 1.57
C SER A 6 -24.33 -7.47 0.78
N GLY A 7 -23.73 -8.63 1.00
CA GLY A 7 -22.51 -8.98 0.31
C GLY A 7 -21.89 -10.26 0.84
N LYS A 8 -21.15 -10.96 -0.02
CA LYS A 8 -20.50 -12.20 0.38
C LYS A 8 -19.18 -11.92 1.08
N GLU A 9 -18.25 -11.29 0.37
CA GLU A 9 -16.95 -10.96 0.93
C GLU A 9 -16.58 -9.50 0.66
N GLU A 10 -15.95 -8.86 1.63
CA GLU A 10 -15.55 -7.46 1.50
C GLU A 10 -14.04 -7.35 1.30
N THR A 11 -13.64 -6.52 0.34
CA THR A 11 -12.22 -6.32 0.06
C THR A 11 -11.58 -5.39 1.08
N GLU A 12 -10.57 -5.89 1.77
CA GLU A 12 -9.87 -5.11 2.78
C GLU A 12 -8.38 -5.02 2.46
N ILE A 13 -8.04 -5.15 1.19
CA ILE A 13 -6.65 -5.08 0.75
C ILE A 13 -6.51 -4.29 -0.54
N ILE A 14 -5.38 -3.63 -0.71
CA ILE A 14 -5.13 -2.84 -1.91
C ILE A 14 -3.64 -2.84 -2.26
N GLU A 15 -3.34 -3.23 -3.50
CA GLU A 15 -1.95 -3.28 -3.96
C GLU A 15 -1.71 -2.22 -5.04
N GLY A 16 -0.55 -1.56 -4.96
CA GLY A 16 -0.22 -0.54 -5.92
C GLY A 16 1.27 -0.29 -6.01
N GLU A 17 1.70 0.40 -7.07
CA GLU A 17 3.11 0.70 -7.26
C GLU A 17 3.53 1.90 -6.42
N VAL A 18 4.24 1.63 -5.33
CA VAL A 18 4.70 2.69 -4.43
C VAL A 18 5.21 3.89 -5.23
N VAL A 19 4.40 4.94 -5.28
CA VAL A 19 4.77 6.15 -6.00
C VAL A 19 5.62 7.07 -5.14
N GLU A 20 5.13 7.37 -3.94
CA GLU A 20 5.85 8.24 -3.01
C GLU A 20 5.48 7.92 -1.57
N ILE A 21 6.45 8.07 -0.67
CA ILE A 21 6.22 7.79 0.74
C ILE A 21 6.65 8.98 1.60
N GLN A 22 5.69 9.84 1.94
CA GLN A 22 5.96 11.01 2.76
C GLN A 22 5.76 10.70 4.24
N ILE A 23 6.53 11.37 5.09
CA ILE A 23 6.43 11.17 6.53
C ILE A 23 6.41 12.50 7.27
N ASP A 24 5.23 12.86 7.78
CA ASP A 24 5.08 14.11 8.52
C ASP A 24 5.55 13.95 9.97
N ARG A 25 6.49 14.80 10.37
CA ARG A 25 7.03 14.76 11.72
C ARG A 25 6.12 15.49 12.69
N PRO A 26 6.08 15.01 13.94
CA PRO A 26 5.26 15.61 14.99
C PRO A 26 5.76 16.97 15.43
N ALA A 27 5.04 17.60 16.36
CA ALA A 27 5.41 18.91 16.86
C ALA A 27 6.18 18.80 18.19
N THR A 28 7.06 17.81 18.27
CA THR A 28 7.84 17.59 19.48
C THR A 28 6.99 17.83 20.73
N GLY A 29 5.73 17.43 20.67
CA GLY A 29 4.84 17.61 21.80
C GLY A 29 3.99 16.39 22.06
N THR A 30 2.72 16.44 21.65
CA THR A 30 1.80 15.33 21.84
C THR A 30 1.19 14.88 20.51
N GLY A 31 1.41 13.61 20.18
CA GLY A 31 0.88 13.07 18.94
C GLY A 31 1.40 11.67 18.64
N SER A 32 1.38 11.30 17.37
CA SER A 32 1.83 9.97 16.96
C SER A 32 2.38 10.00 15.53
N LYS A 33 3.30 9.10 15.24
CA LYS A 33 3.91 9.02 13.91
C LYS A 33 2.84 9.14 12.83
N VAL A 34 3.16 9.89 11.77
CA VAL A 34 2.23 10.09 10.67
C VAL A 34 2.97 10.17 9.34
N GLY A 35 2.42 9.54 8.31
CA GLY A 35 3.04 9.57 7.01
C GLY A 35 2.04 9.34 5.88
N LYS A 36 2.27 9.98 4.74
CA LYS A 36 1.38 9.85 3.59
C LYS A 36 2.00 8.94 2.54
N LEU A 37 1.19 8.04 1.99
CA LEU A 37 1.66 7.12 0.96
C LEU A 37 0.84 7.27 -0.32
N THR A 38 1.48 6.99 -1.46
CA THR A 38 0.80 7.10 -2.75
C THR A 38 1.04 5.84 -3.59
N LEU A 39 -0.05 5.28 -4.12
CA LEU A 39 0.04 4.09 -4.93
C LEU A 39 -0.84 4.20 -6.18
N LYS A 40 -0.24 3.99 -7.34
CA LYS A 40 -0.97 4.08 -8.61
C LYS A 40 -1.47 2.71 -9.04
N THR A 41 -2.75 2.44 -8.78
CA THR A 41 -3.35 1.16 -9.14
C THR A 41 -4.61 1.37 -9.99
N THR A 42 -4.86 0.44 -10.90
CA THR A 42 -6.02 0.52 -11.77
C THR A 42 -6.15 1.90 -12.41
N GLU A 43 -5.09 2.34 -13.07
CA GLU A 43 -5.08 3.64 -13.73
C GLU A 43 -5.61 4.72 -12.80
N MET A 44 -5.49 4.48 -11.49
CA MET A 44 -5.98 5.44 -10.50
C MET A 44 -5.08 5.43 -9.27
N GLU A 45 -4.53 6.58 -8.93
CA GLU A 45 -3.65 6.71 -7.78
C GLU A 45 -4.40 7.27 -6.58
N THR A 46 -4.23 6.64 -5.43
CA THR A 46 -4.90 7.07 -4.21
C THR A 46 -3.89 7.36 -3.09
N ILE A 47 -4.10 8.44 -2.37
CA ILE A 47 -3.22 8.82 -1.27
C ILE A 47 -3.67 8.20 0.04
N TYR A 48 -2.97 7.16 0.46
CA TYR A 48 -3.29 6.47 1.71
C TYR A 48 -2.56 7.11 2.89
N ASP A 49 -3.20 7.08 4.06
CA ASP A 49 -2.60 7.65 5.26
C ASP A 49 -1.84 6.58 6.05
N LEU A 50 -0.76 6.99 6.70
CA LEU A 50 0.06 6.07 7.49
C LEU A 50 0.12 6.51 8.94
N GLY A 51 0.28 5.55 9.85
CA GLY A 51 0.36 5.87 11.26
C GLY A 51 1.70 5.48 11.87
N THR A 52 1.66 4.75 12.97
CA THR A 52 2.89 4.32 13.65
C THR A 52 3.25 2.89 13.28
N LYS A 53 2.28 1.99 13.41
CA LYS A 53 2.50 0.58 13.09
C LYS A 53 2.80 0.40 11.61
N MET A 54 1.98 1.00 10.77
CA MET A 54 2.15 0.92 9.32
C MET A 54 3.57 1.32 8.93
N ILE A 55 3.98 2.51 9.36
CA ILE A 55 5.30 3.02 9.04
C ILE A 55 6.39 2.10 9.58
N GLU A 56 6.34 1.83 10.88
CA GLU A 56 7.32 0.95 11.52
C GLU A 56 7.61 -0.26 10.65
N SER A 57 6.65 -0.61 9.79
CA SER A 57 6.80 -1.76 8.91
C SER A 57 7.59 -1.38 7.65
N LEU A 58 7.21 -0.26 7.04
CA LEU A 58 7.87 0.22 5.83
C LEU A 58 9.36 0.45 6.09
N THR A 59 9.75 0.42 7.36
CA THR A 59 11.14 0.63 7.74
C THR A 59 11.89 -0.70 7.84
N LYS A 60 11.20 -1.72 8.34
CA LYS A 60 11.81 -3.05 8.47
C LYS A 60 12.06 -3.68 7.11
N ASP A 61 11.21 -3.38 6.15
CA ASP A 61 11.35 -3.91 4.80
C ASP A 61 12.11 -2.94 3.90
N LYS A 62 12.24 -1.69 4.36
CA LYS A 62 12.95 -0.67 3.60
C LYS A 62 12.25 -0.40 2.28
N VAL A 63 10.92 -0.33 2.32
CA VAL A 63 10.14 -0.07 1.12
C VAL A 63 10.51 1.27 0.50
N GLN A 64 10.57 1.31 -0.83
CA GLN A 64 10.92 2.52 -1.56
C GLN A 64 10.13 2.63 -2.86
N ALA A 65 10.10 3.84 -3.42
CA ALA A 65 9.37 4.08 -4.66
C ALA A 65 9.87 3.16 -5.77
N GLY A 66 8.94 2.60 -6.53
CA GLY A 66 9.29 1.71 -7.62
C GLY A 66 8.80 0.29 -7.40
N ASP A 67 8.72 -0.12 -6.14
CA ASP A 67 8.26 -1.46 -5.81
C ASP A 67 6.75 -1.47 -5.58
N VAL A 68 6.17 -2.67 -5.55
CA VAL A 68 4.73 -2.81 -5.34
C VAL A 68 4.44 -3.43 -3.97
N ILE A 69 3.85 -2.64 -3.09
CA ILE A 69 3.51 -3.12 -1.75
C ILE A 69 1.99 -3.16 -1.55
N THR A 70 1.54 -4.09 -0.72
CA THR A 70 0.12 -4.23 -0.43
C THR A 70 -0.27 -3.53 0.86
N ILE A 71 -1.56 -3.48 1.15
CA ILE A 71 -2.05 -2.84 2.37
C ILE A 71 -3.26 -3.58 2.93
N ASP A 72 -3.06 -4.30 4.02
CA ASP A 72 -4.13 -5.05 4.67
C ASP A 72 -4.81 -4.21 5.75
N LYS A 73 -6.03 -3.77 5.46
CA LYS A 73 -6.79 -2.95 6.40
C LYS A 73 -7.20 -3.77 7.61
N ALA A 74 -7.59 -5.03 7.38
CA ALA A 74 -8.00 -5.92 8.45
C ALA A 74 -7.20 -5.67 9.72
N THR A 75 -5.88 -5.72 9.60
CA THR A 75 -4.99 -5.50 10.73
C THR A 75 -4.20 -4.20 10.57
N GLY A 76 -3.93 -3.83 9.32
CA GLY A 76 -3.18 -2.62 9.05
C GLY A 76 -1.72 -2.89 8.75
N LYS A 77 -1.45 -4.05 8.17
CA LYS A 77 -0.08 -4.42 7.82
C LYS A 77 0.21 -4.12 6.36
N ILE A 78 1.50 -3.99 6.04
CA ILE A 78 1.92 -3.70 4.67
C ILE A 78 3.06 -4.61 4.24
N SER A 79 2.81 -5.41 3.20
CA SER A 79 3.81 -6.33 2.69
C SER A 79 4.35 -5.86 1.34
N LYS A 80 5.58 -6.27 1.04
CA LYS A 80 6.22 -5.88 -0.22
C LYS A 80 6.10 -7.00 -1.25
N LEU A 81 5.91 -6.62 -2.51
CA LEU A 81 5.80 -7.59 -3.59
C LEU A 81 6.81 -7.31 -4.70
N GLY A 82 6.89 -8.22 -5.66
CA GLY A 82 7.82 -8.05 -6.76
C GLY A 82 7.81 -6.64 -7.31
N ARG A 83 9.00 -6.14 -7.66
CA ARG A 83 9.12 -4.79 -8.20
C ARG A 83 7.92 -4.45 -9.09
N SER A 84 7.37 -5.45 -9.74
CA SER A 84 6.22 -5.26 -10.62
C SER A 84 5.67 -6.61 -11.09
N PHE A 85 4.34 -6.70 -11.16
CA PHE A 85 3.68 -7.92 -11.59
C PHE A 85 3.49 -7.93 -13.10
N THR A 86 4.48 -8.48 -13.81
CA THR A 86 4.43 -8.55 -15.26
C THR A 86 5.07 -9.84 -15.77
N ARG A 87 4.66 -10.27 -16.95
CA ARG A 87 5.20 -11.49 -17.55
C ARG A 87 5.81 -11.21 -18.92
N ALA A 88 6.60 -10.15 -18.99
CA ALA A 88 7.26 -9.76 -20.24
C ALA A 88 8.77 -9.96 -20.14
N ARG A 89 9.43 -9.95 -21.29
CA ARG A 89 10.87 -10.13 -21.35
C ARG A 89 11.53 -9.03 -22.18
N SER A 90 12.70 -8.59 -21.75
CA SER A 90 13.43 -7.54 -22.46
C SER A 90 14.86 -7.42 -21.94
N GLY A 91 15.79 -7.11 -22.85
CA GLY A 91 17.18 -6.97 -22.47
C GLY A 91 18.11 -7.03 -23.67
N PRO A 92 18.72 -8.21 -23.89
CA PRO A 92 19.65 -8.43 -25.00
C PRO A 92 18.94 -8.42 -26.35
N SER A 93 19.30 -7.45 -27.20
CA SER A 93 18.70 -7.35 -28.52
C SER A 93 19.74 -7.55 -29.61
N SER A 94 20.76 -6.69 -29.60
CA SER A 94 21.83 -6.78 -30.61
C SER A 94 22.36 -8.20 -30.71
N GLY A 95 22.78 -8.76 -29.58
CA GLY A 95 23.31 -10.11 -29.57
C GLY A 95 22.21 -11.16 -29.63
N GLY A 1 -30.18 -23.55 5.71
CA GLY A 1 -29.34 -23.74 4.54
C GLY A 1 -29.18 -22.47 3.72
N SER A 2 -28.78 -21.39 4.38
CA SER A 2 -28.60 -20.11 3.71
C SER A 2 -27.56 -20.21 2.61
N SER A 3 -27.96 -19.89 1.38
CA SER A 3 -27.06 -19.95 0.23
C SER A 3 -27.48 -18.96 -0.85
N GLY A 4 -26.73 -17.88 -0.98
CA GLY A 4 -27.04 -16.87 -1.97
C GLY A 4 -25.84 -16.02 -2.35
N SER A 5 -25.80 -15.57 -3.60
CA SER A 5 -24.69 -14.74 -4.08
C SER A 5 -25.12 -13.29 -4.22
N SER A 6 -24.67 -12.46 -3.28
CA SER A 6 -25.01 -11.04 -3.30
C SER A 6 -24.24 -10.29 -2.21
N GLY A 7 -23.37 -9.38 -2.63
CA GLY A 7 -22.59 -8.61 -1.68
C GLY A 7 -21.09 -8.80 -1.87
N LYS A 8 -20.51 -7.95 -2.72
CA LYS A 8 -19.07 -8.03 -2.98
C LYS A 8 -18.28 -8.18 -1.69
N GLU A 9 -17.77 -9.39 -1.44
CA GLU A 9 -16.98 -9.64 -0.24
C GLU A 9 -15.74 -8.77 -0.19
N GLU A 10 -15.55 -8.09 0.93
CA GLU A 10 -14.40 -7.21 1.10
C GLU A 10 -13.21 -7.97 1.69
N THR A 11 -12.10 -7.97 0.97
CA THR A 11 -10.90 -8.67 1.41
C THR A 11 -10.08 -7.79 2.36
N GLU A 12 -10.42 -6.51 2.42
CA GLU A 12 -9.72 -5.58 3.29
C GLU A 12 -8.24 -5.48 2.92
N ILE A 13 -7.97 -5.49 1.61
CA ILE A 13 -6.60 -5.40 1.12
C ILE A 13 -6.53 -4.60 -0.18
N ILE A 14 -5.49 -3.78 -0.31
CA ILE A 14 -5.30 -2.96 -1.49
C ILE A 14 -3.83 -2.87 -1.88
N GLU A 15 -3.51 -3.33 -3.08
CA GLU A 15 -2.14 -3.30 -3.57
C GLU A 15 -1.96 -2.23 -4.64
N GLY A 16 -0.75 -1.70 -4.76
CA GLY A 16 -0.47 -0.68 -5.76
C GLY A 16 1.01 -0.37 -5.88
N GLU A 17 1.38 0.35 -6.93
CA GLU A 17 2.77 0.71 -7.16
C GLU A 17 3.16 1.92 -6.32
N VAL A 18 4.12 1.71 -5.41
CA VAL A 18 4.59 2.78 -4.55
C VAL A 18 5.11 3.96 -5.36
N VAL A 19 4.36 5.05 -5.36
CA VAL A 19 4.74 6.25 -6.09
C VAL A 19 5.47 7.24 -5.18
N GLU A 20 4.82 7.59 -4.08
CA GLU A 20 5.41 8.53 -3.14
C GLU A 20 5.17 8.08 -1.69
N ILE A 21 6.15 8.29 -0.84
CA ILE A 21 6.05 7.90 0.56
C ILE A 21 6.48 9.05 1.48
N GLN A 22 5.51 9.82 1.96
CA GLN A 22 5.79 10.93 2.84
C GLN A 22 5.94 10.46 4.28
N ILE A 23 6.98 10.96 4.95
CA ILE A 23 7.24 10.59 6.34
C ILE A 23 7.50 11.82 7.20
N ASP A 24 6.79 11.92 8.31
CA ASP A 24 6.94 13.04 9.22
C ASP A 24 7.95 12.72 10.32
N ARG A 25 8.96 13.58 10.45
CA ARG A 25 10.00 13.38 11.46
C ARG A 25 9.60 14.04 12.79
N PRO A 26 10.06 13.45 13.90
CA PRO A 26 9.77 13.97 15.24
C PRO A 26 10.48 15.28 15.53
N ALA A 27 9.80 16.39 15.23
CA ALA A 27 10.37 17.71 15.45
C ALA A 27 9.54 18.51 16.46
N THR A 28 8.23 18.49 16.28
CA THR A 28 7.32 19.20 17.17
C THR A 28 6.71 18.26 18.20
N GLY A 29 7.52 17.31 18.69
CA GLY A 29 7.04 16.37 19.68
C GLY A 29 7.38 14.93 19.32
N THR A 30 8.58 14.51 19.69
CA THR A 30 9.04 13.16 19.40
C THR A 30 8.05 12.12 19.92
N GLY A 31 7.53 11.29 19.02
CA GLY A 31 6.57 10.28 19.40
C GLY A 31 5.90 9.63 18.21
N SER A 32 4.59 9.43 18.31
CA SER A 32 3.83 8.81 17.23
C SER A 32 4.20 9.42 15.88
N LYS A 33 4.76 8.60 15.01
CA LYS A 33 5.16 9.05 13.67
C LYS A 33 3.98 9.00 12.70
N VAL A 34 3.96 9.93 11.75
CA VAL A 34 2.90 9.99 10.76
C VAL A 34 3.47 10.19 9.37
N GLY A 35 2.84 9.54 8.38
CA GLY A 35 3.29 9.65 7.01
C GLY A 35 2.21 9.33 6.01
N LYS A 36 2.47 9.58 4.74
CA LYS A 36 1.51 9.31 3.68
C LYS A 36 2.10 8.41 2.60
N LEU A 37 1.24 7.73 1.85
CA LEU A 37 1.69 6.83 0.80
C LEU A 37 0.78 6.93 -0.42
N THR A 38 1.38 7.12 -1.59
CA THR A 38 0.62 7.22 -2.83
C THR A 38 0.91 6.05 -3.76
N LEU A 39 -0.14 5.32 -4.12
CA LEU A 39 0.01 4.16 -5.00
C LEU A 39 -0.71 4.39 -6.33
N LYS A 40 0.00 4.15 -7.42
CA LYS A 40 -0.58 4.34 -8.75
C LYS A 40 -1.24 3.05 -9.24
N THR A 41 -2.57 3.01 -9.15
CA THR A 41 -3.33 1.85 -9.59
C THR A 41 -3.81 2.01 -11.02
N THR A 42 -4.34 0.93 -11.59
CA THR A 42 -4.85 0.95 -12.95
C THR A 42 -5.44 2.31 -13.30
N GLU A 43 -4.75 3.07 -14.14
CA GLU A 43 -5.20 4.39 -14.55
C GLU A 43 -5.96 5.07 -13.41
N MET A 44 -5.40 5.02 -12.22
CA MET A 44 -6.01 5.63 -11.05
C MET A 44 -5.03 5.70 -9.88
N GLU A 45 -4.98 6.86 -9.23
CA GLU A 45 -4.07 7.05 -8.11
C GLU A 45 -4.86 7.28 -6.81
N THR A 46 -4.28 6.86 -5.70
CA THR A 46 -4.92 7.01 -4.40
C THR A 46 -3.89 7.20 -3.29
N ILE A 47 -4.26 8.01 -2.28
CA ILE A 47 -3.35 8.28 -1.17
C ILE A 47 -3.85 7.59 0.10
N TYR A 48 -3.00 6.73 0.66
CA TYR A 48 -3.36 6.00 1.88
C TYR A 48 -2.74 6.66 3.11
N ASP A 49 -3.48 6.65 4.21
CA ASP A 49 -3.00 7.26 5.46
C ASP A 49 -2.24 6.24 6.29
N LEU A 50 -1.09 6.64 6.80
CA LEU A 50 -0.26 5.77 7.63
C LEU A 50 -0.19 6.27 9.06
N GLY A 51 -0.22 5.34 10.01
CA GLY A 51 -0.17 5.71 11.41
C GLY A 51 1.24 5.61 11.98
N THR A 52 1.40 4.80 13.03
CA THR A 52 2.70 4.62 13.66
C THR A 52 3.20 3.19 13.50
N LYS A 53 2.28 2.28 13.22
CA LYS A 53 2.63 0.87 13.02
C LYS A 53 2.91 0.58 11.56
N MET A 54 2.09 1.14 10.68
CA MET A 54 2.24 0.93 9.24
C MET A 54 3.61 1.41 8.77
N ILE A 55 4.13 2.45 9.43
CA ILE A 55 5.43 3.01 9.08
C ILE A 55 6.56 2.10 9.56
N GLU A 56 6.40 1.55 10.76
CA GLU A 56 7.41 0.67 11.33
C GLU A 56 7.75 -0.46 10.37
N SER A 57 6.81 -0.80 9.51
CA SER A 57 7.00 -1.87 8.54
C SER A 57 7.82 -1.39 7.36
N LEU A 58 7.35 -0.34 6.70
CA LEU A 58 8.04 0.24 5.55
C LEU A 58 9.50 0.52 5.88
N THR A 59 9.81 0.55 7.16
CA THR A 59 11.18 0.81 7.61
C THR A 59 11.95 -0.48 7.80
N LYS A 60 11.28 -1.49 8.36
CA LYS A 60 11.90 -2.78 8.59
C LYS A 60 12.22 -3.49 7.28
N ASP A 61 11.55 -3.07 6.21
CA ASP A 61 11.76 -3.65 4.89
C ASP A 61 12.52 -2.69 3.98
N LYS A 62 12.60 -1.43 4.41
CA LYS A 62 13.30 -0.41 3.64
C LYS A 62 12.59 -0.15 2.30
N VAL A 63 11.27 -0.29 2.31
CA VAL A 63 10.47 -0.08 1.11
C VAL A 63 10.80 1.27 0.47
N GLN A 64 10.82 1.28 -0.86
CA GLN A 64 11.12 2.51 -1.60
C GLN A 64 10.20 2.66 -2.80
N ALA A 65 10.11 3.88 -3.32
CA ALA A 65 9.26 4.16 -4.48
C ALA A 65 9.65 3.29 -5.66
N GLY A 66 8.65 2.77 -6.37
CA GLY A 66 8.91 1.92 -7.52
C GLY A 66 8.52 0.47 -7.27
N ASP A 67 8.45 0.09 -6.00
CA ASP A 67 8.09 -1.28 -5.63
C ASP A 67 6.59 -1.42 -5.46
N VAL A 68 6.11 -2.66 -5.40
CA VAL A 68 4.69 -2.93 -5.25
C VAL A 68 4.40 -3.50 -3.86
N ILE A 69 3.83 -2.67 -2.99
CA ILE A 69 3.50 -3.10 -1.64
C ILE A 69 1.98 -3.11 -1.43
N THR A 70 1.51 -4.08 -0.65
CA THR A 70 0.09 -4.21 -0.36
C THR A 70 -0.27 -3.52 0.94
N ILE A 71 -1.57 -3.45 1.23
CA ILE A 71 -2.05 -2.82 2.45
C ILE A 71 -3.26 -3.56 3.01
N ASP A 72 -3.06 -4.26 4.12
CA ASP A 72 -4.15 -5.00 4.76
C ASP A 72 -4.86 -4.15 5.79
N LYS A 73 -6.07 -3.72 5.45
CA LYS A 73 -6.87 -2.88 6.34
C LYS A 73 -7.31 -3.67 7.57
N ALA A 74 -7.66 -4.93 7.37
CA ALA A 74 -8.09 -5.80 8.47
C ALA A 74 -7.27 -5.54 9.72
N THR A 75 -5.96 -5.75 9.63
CA THR A 75 -5.07 -5.53 10.76
C THR A 75 -4.28 -4.23 10.60
N GLY A 76 -4.20 -3.74 9.37
CA GLY A 76 -3.48 -2.51 9.11
C GLY A 76 -2.00 -2.74 8.92
N LYS A 77 -1.65 -3.90 8.36
CA LYS A 77 -0.25 -4.24 8.11
C LYS A 77 0.09 -4.08 6.63
N ILE A 78 1.38 -3.92 6.35
CA ILE A 78 1.84 -3.76 4.97
C ILE A 78 2.90 -4.80 4.62
N SER A 79 2.81 -5.35 3.42
CA SER A 79 3.77 -6.35 2.96
C SER A 79 4.34 -5.99 1.61
N LYS A 80 5.54 -6.47 1.33
CA LYS A 80 6.21 -6.19 0.06
C LYS A 80 6.09 -7.38 -0.89
N LEU A 81 5.87 -7.08 -2.17
CA LEU A 81 5.73 -8.12 -3.18
C LEU A 81 6.75 -7.94 -4.30
N GLY A 82 7.23 -9.04 -4.85
CA GLY A 82 8.21 -8.98 -5.93
C GLY A 82 7.82 -7.97 -6.98
N ARG A 83 8.74 -7.73 -7.92
CA ARG A 83 8.50 -6.77 -9.00
C ARG A 83 7.25 -7.15 -9.80
N SER A 84 6.34 -6.20 -9.94
CA SER A 84 5.09 -6.43 -10.67
C SER A 84 4.82 -5.29 -11.64
N PHE A 85 5.41 -5.38 -12.83
CA PHE A 85 5.22 -4.35 -13.84
C PHE A 85 3.75 -4.02 -14.03
N THR A 86 3.45 -2.76 -14.32
CA THR A 86 2.08 -2.31 -14.51
C THR A 86 1.58 -2.69 -15.90
N ARG A 87 0.29 -2.46 -16.14
CA ARG A 87 -0.32 -2.78 -17.43
C ARG A 87 -0.16 -1.61 -18.40
N ALA A 88 0.75 -1.78 -19.36
CA ALA A 88 1.00 -0.74 -20.36
C ALA A 88 -0.02 -0.81 -21.49
N ARG A 89 -1.04 0.05 -21.42
CA ARG A 89 -2.08 0.07 -22.44
C ARG A 89 -2.09 1.41 -23.17
N SER A 90 -2.93 1.51 -24.20
CA SER A 90 -3.04 2.74 -24.98
C SER A 90 -4.24 3.57 -24.54
N GLY A 91 -4.04 4.88 -24.40
CA GLY A 91 -5.11 5.76 -23.99
C GLY A 91 -4.76 7.22 -24.17
N PRO A 92 -4.27 7.86 -23.09
CA PRO A 92 -3.90 9.27 -23.11
C PRO A 92 -2.65 9.53 -23.95
N SER A 93 -1.76 8.54 -24.00
CA SER A 93 -0.53 8.65 -24.77
C SER A 93 -0.60 7.84 -26.06
N SER A 94 -0.07 8.39 -27.14
CA SER A 94 -0.07 7.72 -28.43
C SER A 94 0.67 6.39 -28.36
N GLY A 95 1.86 6.42 -27.77
CA GLY A 95 2.65 5.22 -27.65
C GLY A 95 3.13 4.69 -28.99
N GLY A 1 -7.71 -21.13 15.08
CA GLY A 1 -7.28 -21.03 13.71
C GLY A 1 -8.40 -20.59 12.78
N SER A 2 -8.39 -19.31 12.43
CA SER A 2 -9.41 -18.75 11.54
C SER A 2 -8.86 -17.58 10.75
N SER A 3 -9.55 -17.23 9.66
CA SER A 3 -9.13 -16.13 8.81
C SER A 3 -9.89 -14.86 9.15
N GLY A 4 -9.56 -13.76 8.48
CA GLY A 4 -10.22 -12.50 8.73
C GLY A 4 -11.66 -12.50 8.28
N SER A 5 -12.22 -11.31 8.06
CA SER A 5 -13.61 -11.19 7.62
C SER A 5 -13.68 -10.66 6.19
N SER A 6 -14.17 -11.50 5.29
CA SER A 6 -14.28 -11.13 3.87
C SER A 6 -15.47 -11.83 3.23
N GLY A 7 -16.54 -11.07 2.99
CA GLY A 7 -17.73 -11.64 2.37
C GLY A 7 -17.64 -11.65 0.85
N LYS A 8 -18.79 -11.78 0.20
CA LYS A 8 -18.85 -11.80 -1.26
C LYS A 8 -18.17 -10.56 -1.85
N GLU A 9 -18.71 -9.40 -1.54
CA GLU A 9 -18.16 -8.15 -2.04
C GLU A 9 -17.51 -7.35 -0.92
N GLU A 10 -16.33 -7.79 -0.48
CA GLU A 10 -15.61 -7.12 0.59
C GLU A 10 -14.11 -7.39 0.49
N THR A 11 -13.35 -6.34 0.21
CA THR A 11 -11.89 -6.47 0.08
C THR A 11 -11.18 -5.50 1.02
N GLU A 12 -10.34 -6.03 1.89
CA GLU A 12 -9.59 -5.22 2.84
C GLU A 12 -8.11 -5.19 2.49
N ILE A 13 -7.82 -5.20 1.20
CA ILE A 13 -6.44 -5.19 0.73
C ILE A 13 -6.30 -4.37 -0.55
N ILE A 14 -5.19 -3.65 -0.67
CA ILE A 14 -4.94 -2.83 -1.85
C ILE A 14 -3.46 -2.89 -2.25
N GLU A 15 -3.21 -3.36 -3.47
CA GLU A 15 -1.84 -3.46 -3.97
C GLU A 15 -1.59 -2.44 -5.08
N GLY A 16 -0.55 -1.63 -4.89
CA GLY A 16 -0.22 -0.61 -5.87
C GLY A 16 1.27 -0.41 -6.01
N GLU A 17 1.67 0.33 -7.04
CA GLU A 17 3.09 0.61 -7.28
C GLU A 17 3.55 1.83 -6.51
N VAL A 18 4.27 1.59 -5.41
CA VAL A 18 4.79 2.67 -4.58
C VAL A 18 5.20 3.87 -5.42
N VAL A 19 4.36 4.90 -5.44
CA VAL A 19 4.63 6.10 -6.21
C VAL A 19 5.47 7.09 -5.40
N GLU A 20 4.99 7.45 -4.22
CA GLU A 20 5.69 8.39 -3.36
C GLU A 20 5.42 8.08 -1.89
N ILE A 21 6.44 8.21 -1.06
CA ILE A 21 6.31 7.95 0.37
C ILE A 21 6.74 9.16 1.20
N GLN A 22 5.75 9.97 1.59
CA GLN A 22 6.03 11.16 2.39
C GLN A 22 5.92 10.87 3.87
N ILE A 23 6.70 11.58 4.67
CA ILE A 23 6.69 11.39 6.11
C ILE A 23 6.34 12.68 6.84
N ASP A 24 5.16 12.71 7.45
CA ASP A 24 4.70 13.88 8.17
C ASP A 24 5.35 13.95 9.55
N ARG A 25 6.36 14.80 9.68
CA ARG A 25 7.06 14.97 10.94
C ARG A 25 6.09 15.28 12.08
N PRO A 26 6.42 14.81 13.29
CA PRO A 26 5.59 15.03 14.47
C PRO A 26 5.59 16.48 14.93
N ALA A 27 4.55 17.21 14.56
CA ALA A 27 4.44 18.63 14.93
C ALA A 27 3.89 18.77 16.34
N THR A 28 2.91 17.94 16.69
CA THR A 28 2.32 17.98 18.02
C THR A 28 1.96 16.58 18.51
N GLY A 29 2.07 16.36 19.82
CA GLY A 29 1.77 15.07 20.38
C GLY A 29 2.96 14.43 21.06
N THR A 30 2.70 13.42 21.88
CA THR A 30 3.77 12.72 22.59
C THR A 30 3.76 11.22 22.28
N GLY A 31 4.74 10.79 21.49
CA GLY A 31 4.83 9.38 21.13
C GLY A 31 3.86 9.01 20.02
N SER A 32 4.09 9.57 18.83
CA SER A 32 3.23 9.30 17.68
C SER A 32 3.93 9.65 16.38
N LYS A 33 3.38 9.17 15.27
CA LYS A 33 3.95 9.44 13.95
C LYS A 33 2.95 9.14 12.85
N VAL A 34 2.94 9.97 11.81
CA VAL A 34 2.03 9.79 10.69
C VAL A 34 2.71 10.10 9.36
N GLY A 35 2.29 9.40 8.32
CA GLY A 35 2.88 9.62 7.00
C GLY A 35 1.90 9.38 5.88
N LYS A 36 2.22 9.87 4.69
CA LYS A 36 1.35 9.72 3.53
C LYS A 36 2.01 8.81 2.49
N LEU A 37 1.18 7.98 1.84
CA LEU A 37 1.67 7.05 0.82
C LEU A 37 0.81 7.13 -0.43
N THR A 38 1.47 7.13 -1.59
CA THR A 38 0.77 7.20 -2.86
C THR A 38 1.06 5.96 -3.71
N LEU A 39 0.00 5.29 -4.15
CA LEU A 39 0.14 4.09 -4.97
C LEU A 39 -0.71 4.20 -6.24
N LYS A 40 -0.14 3.76 -7.36
CA LYS A 40 -0.84 3.80 -8.64
C LYS A 40 -1.65 2.52 -8.85
N THR A 41 -2.96 2.61 -8.66
CA THR A 41 -3.84 1.46 -8.85
C THR A 41 -5.00 1.80 -9.78
N THR A 42 -5.41 0.82 -10.58
CA THR A 42 -6.50 1.01 -11.53
C THR A 42 -6.33 2.30 -12.31
N GLU A 43 -5.14 2.50 -12.86
CA GLU A 43 -4.85 3.70 -13.64
C GLU A 43 -5.17 4.95 -12.85
N MET A 44 -5.15 4.84 -11.52
CA MET A 44 -5.45 5.97 -10.65
C MET A 44 -4.65 5.88 -9.35
N GLU A 45 -4.05 7.00 -8.96
CA GLU A 45 -3.25 7.04 -7.73
C GLU A 45 -4.10 7.49 -6.55
N THR A 46 -4.06 6.71 -5.47
CA THR A 46 -4.81 7.03 -4.27
C THR A 46 -3.91 7.17 -3.06
N ILE A 47 -4.13 8.21 -2.27
CA ILE A 47 -3.33 8.47 -1.08
C ILE A 47 -3.84 7.65 0.11
N TYR A 48 -2.91 7.17 0.92
CA TYR A 48 -3.27 6.38 2.10
C TYR A 48 -2.68 6.99 3.36
N ASP A 49 -3.39 6.83 4.47
CA ASP A 49 -2.94 7.35 5.75
C ASP A 49 -2.03 6.36 6.48
N LEU A 50 -0.74 6.67 6.53
CA LEU A 50 0.23 5.80 7.18
C LEU A 50 0.34 6.13 8.66
N GLY A 51 0.07 5.14 9.51
CA GLY A 51 0.14 5.35 10.95
C GLY A 51 1.46 4.88 11.52
N THR A 52 1.62 5.05 12.83
CA THR A 52 2.85 4.63 13.51
C THR A 52 3.19 3.18 13.20
N LYS A 53 2.20 2.30 13.36
CA LYS A 53 2.39 0.88 13.10
C LYS A 53 2.74 0.64 11.64
N MET A 54 2.02 1.32 10.75
CA MET A 54 2.26 1.17 9.31
C MET A 54 3.72 1.46 8.98
N ILE A 55 4.23 2.58 9.48
CA ILE A 55 5.62 2.96 9.23
C ILE A 55 6.58 1.89 9.70
N GLU A 56 6.42 1.46 10.95
CA GLU A 56 7.28 0.43 11.53
C GLU A 56 7.54 -0.69 10.53
N SER A 57 6.60 -0.86 9.59
CA SER A 57 6.72 -1.91 8.58
C SER A 57 7.53 -1.41 7.38
N LEU A 58 7.32 -0.16 7.00
CA LEU A 58 8.03 0.44 5.88
C LEU A 58 9.53 0.47 6.14
N THR A 59 9.91 0.20 7.39
CA THR A 59 11.32 0.20 7.77
C THR A 59 11.94 -1.18 7.58
N LYS A 60 11.31 -2.19 8.17
CA LYS A 60 11.80 -3.56 8.07
C LYS A 60 12.13 -3.91 6.62
N ASP A 61 11.22 -3.58 5.72
CA ASP A 61 11.41 -3.86 4.30
C ASP A 61 11.82 -2.59 3.55
N LYS A 62 12.20 -1.56 4.29
CA LYS A 62 12.61 -0.30 3.70
C LYS A 62 11.86 -0.03 2.40
N VAL A 63 10.54 -0.13 2.46
CA VAL A 63 9.70 0.11 1.30
C VAL A 63 10.04 1.44 0.63
N GLN A 64 10.37 1.39 -0.65
CA GLN A 64 10.70 2.60 -1.40
C GLN A 64 9.96 2.65 -2.72
N ALA A 65 10.08 3.78 -3.42
CA ALA A 65 9.41 3.96 -4.70
C ALA A 65 9.94 2.96 -5.73
N GLY A 66 9.05 2.47 -6.58
CA GLY A 66 9.45 1.51 -7.60
C GLY A 66 8.94 0.11 -7.32
N ASP A 67 8.82 -0.22 -6.04
CA ASP A 67 8.34 -1.54 -5.64
C ASP A 67 6.84 -1.53 -5.40
N VAL A 68 6.23 -2.70 -5.43
CA VAL A 68 4.79 -2.83 -5.22
C VAL A 68 4.49 -3.39 -3.84
N ILE A 69 3.88 -2.56 -2.99
CA ILE A 69 3.54 -2.99 -1.64
C ILE A 69 2.03 -3.01 -1.44
N THR A 70 1.55 -3.96 -0.66
CA THR A 70 0.12 -4.09 -0.38
C THR A 70 -0.23 -3.49 0.97
N ILE A 71 -1.52 -3.26 1.19
CA ILE A 71 -2.00 -2.69 2.44
C ILE A 71 -3.20 -3.45 2.98
N ASP A 72 -2.99 -4.22 4.04
CA ASP A 72 -4.05 -5.01 4.64
C ASP A 72 -4.80 -4.19 5.70
N LYS A 73 -6.02 -3.78 5.39
CA LYS A 73 -6.82 -2.99 6.31
C LYS A 73 -7.32 -3.86 7.47
N ALA A 74 -7.56 -5.14 7.19
CA ALA A 74 -8.03 -6.07 8.21
C ALA A 74 -7.15 -6.02 9.45
N THR A 75 -5.84 -6.08 9.24
CA THR A 75 -4.89 -6.05 10.35
C THR A 75 -4.24 -4.67 10.47
N GLY A 76 -4.08 -3.99 9.34
CA GLY A 76 -3.48 -2.67 9.36
C GLY A 76 -1.98 -2.71 9.13
N LYS A 77 -1.52 -3.72 8.40
CA LYS A 77 -0.10 -3.88 8.11
C LYS A 77 0.18 -3.75 6.62
N ILE A 78 1.42 -3.43 6.28
CA ILE A 78 1.81 -3.29 4.88
C ILE A 78 2.86 -4.31 4.49
N SER A 79 2.60 -5.07 3.43
CA SER A 79 3.53 -6.09 2.96
C SER A 79 4.16 -5.67 1.64
N LYS A 80 5.39 -6.13 1.42
CA LYS A 80 6.12 -5.82 0.19
C LYS A 80 6.18 -7.03 -0.73
N LEU A 81 6.02 -6.79 -2.03
CA LEU A 81 6.07 -7.86 -3.02
C LEU A 81 7.15 -7.61 -4.05
N GLY A 82 7.31 -8.54 -4.99
CA GLY A 82 8.32 -8.39 -6.02
C GLY A 82 7.90 -7.42 -7.11
N ARG A 83 7.28 -7.95 -8.15
CA ARG A 83 6.83 -7.12 -9.27
C ARG A 83 5.41 -7.50 -9.70
N SER A 84 4.51 -6.53 -9.65
CA SER A 84 3.12 -6.75 -10.02
C SER A 84 2.82 -6.16 -11.39
N PHE A 85 2.42 -7.02 -12.32
CA PHE A 85 2.11 -6.58 -13.68
C PHE A 85 0.66 -6.08 -13.77
N THR A 86 0.46 -5.04 -14.58
CA THR A 86 -0.86 -4.47 -14.75
C THR A 86 -1.73 -5.32 -15.68
N ARG A 87 -2.99 -5.51 -15.29
CA ARG A 87 -3.91 -6.31 -16.09
C ARG A 87 -4.74 -5.42 -17.02
N ALA A 88 -4.89 -5.86 -18.26
CA ALA A 88 -5.65 -5.11 -19.25
C ALA A 88 -6.98 -5.79 -19.56
N ARG A 89 -8.08 -5.13 -19.19
CA ARG A 89 -9.41 -5.68 -19.43
C ARG A 89 -9.65 -5.88 -20.92
N SER A 90 -10.58 -6.79 -21.24
CA SER A 90 -10.91 -7.08 -22.62
C SER A 90 -12.42 -7.17 -22.82
N GLY A 91 -12.93 -6.36 -23.75
CA GLY A 91 -14.36 -6.35 -24.02
C GLY A 91 -14.72 -7.15 -25.26
N PRO A 92 -16.00 -7.54 -25.36
CA PRO A 92 -16.50 -8.32 -26.49
C PRO A 92 -16.54 -7.51 -27.78
N SER A 93 -15.99 -8.06 -28.85
CA SER A 93 -15.96 -7.38 -30.14
C SER A 93 -16.58 -8.25 -31.23
N SER A 94 -17.47 -7.66 -32.02
CA SER A 94 -18.13 -8.38 -33.10
C SER A 94 -18.07 -7.60 -34.40
N GLY A 95 -17.65 -8.28 -35.47
CA GLY A 95 -17.55 -7.64 -36.77
C GLY A 95 -18.62 -8.10 -37.73
N GLY A 1 -30.89 -12.67 13.76
CA GLY A 1 -30.30 -13.84 13.14
C GLY A 1 -29.75 -13.56 11.76
N SER A 2 -28.55 -14.05 11.49
CA SER A 2 -27.91 -13.84 10.19
C SER A 2 -27.63 -15.17 9.50
N SER A 3 -27.94 -15.24 8.21
CA SER A 3 -27.73 -16.46 7.45
C SER A 3 -26.25 -16.64 7.11
N GLY A 4 -25.65 -15.59 6.57
CA GLY A 4 -24.23 -15.64 6.22
C GLY A 4 -23.96 -15.03 4.86
N SER A 5 -22.95 -14.16 4.80
CA SER A 5 -22.59 -13.51 3.55
C SER A 5 -21.33 -14.13 2.94
N SER A 6 -21.30 -14.19 1.62
CA SER A 6 -20.15 -14.78 0.91
C SER A 6 -18.86 -14.09 1.32
N GLY A 7 -17.95 -14.85 1.92
CA GLY A 7 -16.68 -14.29 2.35
C GLY A 7 -15.50 -15.18 1.97
N LYS A 8 -15.49 -15.62 0.72
CA LYS A 8 -14.42 -16.48 0.22
C LYS A 8 -13.59 -15.76 -0.85
N GLU A 9 -13.46 -14.45 -0.69
CA GLU A 9 -12.69 -13.64 -1.63
C GLU A 9 -11.82 -12.61 -0.91
N GLU A 10 -10.53 -12.61 -1.21
CA GLU A 10 -9.61 -11.68 -0.59
C GLU A 10 -10.18 -10.27 -0.55
N THR A 11 -10.51 -9.80 0.64
CA THR A 11 -11.08 -8.47 0.81
C THR A 11 -10.36 -7.69 1.90
N GLU A 12 -10.73 -6.42 2.06
CA GLU A 12 -10.10 -5.57 3.08
C GLU A 12 -8.61 -5.40 2.80
N ILE A 13 -8.24 -5.45 1.52
CA ILE A 13 -6.85 -5.31 1.13
C ILE A 13 -6.72 -4.55 -0.19
N ILE A 14 -5.66 -3.77 -0.32
CA ILE A 14 -5.43 -3.00 -1.55
C ILE A 14 -3.95 -2.96 -1.89
N GLU A 15 -3.62 -3.32 -3.14
CA GLU A 15 -2.24 -3.33 -3.60
C GLU A 15 -2.01 -2.24 -4.64
N GLY A 16 -0.78 -1.73 -4.70
CA GLY A 16 -0.45 -0.69 -5.66
C GLY A 16 1.04 -0.45 -5.76
N GLU A 17 1.47 0.14 -6.87
CA GLU A 17 2.87 0.43 -7.09
C GLU A 17 3.30 1.70 -6.34
N VAL A 18 4.05 1.51 -5.26
CA VAL A 18 4.51 2.64 -4.47
C VAL A 18 5.01 3.78 -5.35
N VAL A 19 4.45 4.97 -5.15
CA VAL A 19 4.84 6.13 -5.94
C VAL A 19 5.62 7.14 -5.07
N GLU A 20 5.06 7.45 -3.91
CA GLU A 20 5.71 8.39 -3.00
C GLU A 20 5.39 8.04 -1.55
N ILE A 21 6.39 8.20 -0.67
CA ILE A 21 6.22 7.90 0.74
C ILE A 21 6.79 9.02 1.61
N GLN A 22 5.93 9.63 2.41
CA GLN A 22 6.35 10.71 3.29
C GLN A 22 6.02 10.39 4.74
N ILE A 23 6.87 10.85 5.66
CA ILE A 23 6.66 10.62 7.08
C ILE A 23 7.02 11.86 7.90
N ASP A 24 6.18 12.16 8.90
CA ASP A 24 6.41 13.31 9.75
C ASP A 24 6.78 12.88 11.16
N ARG A 25 8.05 13.03 11.51
CA ARG A 25 8.54 12.65 12.83
C ARG A 25 7.64 13.21 13.93
N PRO A 26 7.59 12.52 15.08
CA PRO A 26 6.78 12.93 16.22
C PRO A 26 7.31 14.19 16.88
N ALA A 27 6.70 14.57 18.00
CA ALA A 27 7.11 15.75 18.74
C ALA A 27 6.92 17.02 17.90
N THR A 28 5.80 17.08 17.18
CA THR A 28 5.51 18.23 16.34
C THR A 28 4.22 18.92 16.79
N GLY A 29 3.37 18.18 17.51
CA GLY A 29 2.12 18.74 17.98
C GLY A 29 1.32 17.75 18.80
N THR A 30 2.01 17.01 19.67
CA THR A 30 1.36 16.02 20.52
C THR A 30 0.59 15.01 19.67
N GLY A 31 1.21 14.53 18.60
CA GLY A 31 0.56 13.57 17.74
C GLY A 31 1.50 12.46 17.30
N SER A 32 1.03 11.22 17.36
CA SER A 32 1.85 10.07 16.97
C SER A 32 2.42 10.28 15.57
N LYS A 33 3.21 9.30 15.12
CA LYS A 33 3.83 9.37 13.80
C LYS A 33 2.77 9.33 12.70
N VAL A 34 2.95 10.17 11.68
CA VAL A 34 2.01 10.23 10.57
C VAL A 34 2.74 10.33 9.24
N GLY A 35 2.34 9.49 8.29
CA GLY A 35 2.98 9.49 6.98
C GLY A 35 1.97 9.37 5.85
N LYS A 36 2.36 9.86 4.67
CA LYS A 36 1.48 9.80 3.51
C LYS A 36 2.07 8.89 2.43
N LEU A 37 1.27 7.91 2.00
CA LEU A 37 1.71 6.97 0.97
C LEU A 37 0.82 7.06 -0.26
N THR A 38 1.45 7.10 -1.43
CA THR A 38 0.71 7.19 -2.69
C THR A 38 1.02 5.99 -3.59
N LEU A 39 -0.02 5.29 -4.00
CA LEU A 39 0.14 4.12 -4.87
C LEU A 39 -0.54 4.36 -6.22
N LYS A 40 0.12 3.91 -7.28
CA LYS A 40 -0.41 4.07 -8.63
C LYS A 40 -1.26 2.86 -9.02
N THR A 41 -2.58 3.05 -9.04
CA THR A 41 -3.49 1.97 -9.40
C THR A 41 -3.97 2.10 -10.85
N THR A 42 -4.63 1.07 -11.35
CA THR A 42 -5.13 1.07 -12.71
C THR A 42 -5.56 2.46 -13.13
N GLU A 43 -4.82 3.06 -14.08
CA GLU A 43 -5.13 4.39 -14.57
C GLU A 43 -5.73 5.25 -13.45
N MET A 44 -5.11 5.21 -12.28
CA MET A 44 -5.58 6.00 -11.14
C MET A 44 -4.54 6.02 -10.03
N GLU A 45 -4.57 7.07 -9.21
CA GLU A 45 -3.62 7.21 -8.12
C GLU A 45 -4.35 7.43 -6.79
N THR A 46 -4.17 6.52 -5.86
CA THR A 46 -4.81 6.62 -4.55
C THR A 46 -3.80 7.00 -3.48
N ILE A 47 -4.27 7.71 -2.46
CA ILE A 47 -3.41 8.15 -1.36
C ILE A 47 -3.84 7.50 -0.05
N TYR A 48 -2.98 6.65 0.50
CA TYR A 48 -3.27 5.97 1.76
C TYR A 48 -2.69 6.75 2.93
N ASP A 49 -3.33 6.62 4.09
CA ASP A 49 -2.88 7.30 5.30
C ASP A 49 -2.11 6.34 6.21
N LEU A 50 -0.86 6.68 6.48
CA LEU A 50 -0.01 5.85 7.34
C LEU A 50 0.09 6.44 8.74
N GLY A 51 0.01 5.57 9.75
CA GLY A 51 0.10 6.02 11.12
C GLY A 51 1.46 5.76 11.74
N THR A 52 1.54 4.74 12.58
CA THR A 52 2.78 4.38 13.24
C THR A 52 3.23 2.97 12.87
N LYS A 53 2.40 1.98 13.22
CA LYS A 53 2.71 0.59 12.92
C LYS A 53 3.08 0.42 11.45
N MET A 54 2.31 1.06 10.57
CA MET A 54 2.57 0.98 9.13
C MET A 54 4.00 1.36 8.82
N ILE A 55 4.44 2.50 9.33
CA ILE A 55 5.81 2.97 9.10
C ILE A 55 6.83 1.95 9.60
N GLU A 56 6.59 1.39 10.78
CA GLU A 56 7.49 0.41 11.36
C GLU A 56 7.79 -0.70 10.37
N SER A 57 6.86 -0.94 9.44
CA SER A 57 7.03 -1.97 8.43
C SER A 57 7.79 -1.44 7.21
N LEU A 58 7.42 -0.25 6.77
CA LEU A 58 8.06 0.37 5.62
C LEU A 58 9.56 0.55 5.86
N THR A 59 9.95 0.58 7.14
CA THR A 59 11.34 0.73 7.51
C THR A 59 12.07 -0.61 7.48
N LYS A 60 11.48 -1.61 8.13
CA LYS A 60 12.08 -2.94 8.18
C LYS A 60 12.49 -3.40 6.78
N ASP A 61 11.68 -3.06 5.79
CA ASP A 61 11.97 -3.44 4.41
C ASP A 61 12.48 -2.24 3.61
N LYS A 62 12.39 -1.06 4.20
CA LYS A 62 12.85 0.16 3.56
C LYS A 62 12.05 0.43 2.28
N VAL A 63 10.78 0.06 2.29
CA VAL A 63 9.91 0.26 1.14
C VAL A 63 10.17 1.61 0.49
N GLN A 64 10.37 1.60 -0.83
CA GLN A 64 10.63 2.82 -1.57
C GLN A 64 9.74 2.91 -2.81
N ALA A 65 9.79 4.04 -3.49
CA ALA A 65 9.00 4.25 -4.69
C ALA A 65 9.49 3.36 -5.84
N GLY A 66 8.56 2.68 -6.49
CA GLY A 66 8.91 1.81 -7.59
C GLY A 66 8.51 0.36 -7.34
N ASP A 67 8.49 -0.03 -6.07
CA ASP A 67 8.12 -1.39 -5.70
C ASP A 67 6.62 -1.52 -5.51
N VAL A 68 6.14 -2.75 -5.33
CA VAL A 68 4.72 -3.00 -5.14
C VAL A 68 4.45 -3.60 -3.76
N ILE A 69 3.75 -2.85 -2.93
CA ILE A 69 3.44 -3.31 -1.58
C ILE A 69 1.92 -3.40 -1.38
N THR A 70 1.49 -4.33 -0.54
CA THR A 70 0.08 -4.52 -0.26
C THR A 70 -0.32 -3.83 1.04
N ILE A 71 -1.62 -3.61 1.22
CA ILE A 71 -2.13 -2.96 2.42
C ILE A 71 -3.29 -3.75 3.01
N ASP A 72 -3.07 -4.33 4.19
CA ASP A 72 -4.11 -5.11 4.86
C ASP A 72 -4.82 -4.27 5.90
N LYS A 73 -6.06 -3.88 5.59
CA LYS A 73 -6.86 -3.06 6.49
C LYS A 73 -7.32 -3.88 7.70
N ALA A 74 -7.63 -5.15 7.47
CA ALA A 74 -8.07 -6.04 8.53
C ALA A 74 -7.30 -5.78 9.83
N THR A 75 -6.00 -5.56 9.69
CA THR A 75 -5.15 -5.30 10.84
C THR A 75 -4.42 -3.96 10.70
N GLY A 76 -4.01 -3.65 9.49
CA GLY A 76 -3.31 -2.40 9.24
C GLY A 76 -1.82 -2.60 8.98
N LYS A 77 -1.48 -3.75 8.42
CA LYS A 77 -0.09 -4.07 8.12
C LYS A 77 0.18 -3.98 6.62
N ILE A 78 1.41 -3.66 6.27
CA ILE A 78 1.80 -3.54 4.87
C ILE A 78 2.91 -4.53 4.50
N SER A 79 2.63 -5.37 3.52
CA SER A 79 3.59 -6.37 3.08
C SER A 79 4.20 -6.00 1.73
N LYS A 80 5.41 -6.47 1.48
CA LYS A 80 6.10 -6.19 0.21
C LYS A 80 6.07 -7.41 -0.70
N LEU A 81 5.80 -7.17 -1.98
CA LEU A 81 5.75 -8.25 -2.97
C LEU A 81 6.88 -8.10 -3.99
N GLY A 82 7.21 -9.20 -4.65
CA GLY A 82 8.26 -9.18 -5.65
C GLY A 82 7.92 -8.28 -6.83
N ARG A 83 8.94 -7.71 -7.45
CA ARG A 83 8.75 -6.83 -8.59
C ARG A 83 7.63 -7.35 -9.49
N SER A 84 6.87 -6.43 -10.07
CA SER A 84 5.76 -6.79 -10.95
C SER A 84 6.16 -7.92 -11.89
N PHE A 85 5.76 -9.14 -11.54
CA PHE A 85 6.08 -10.31 -12.35
C PHE A 85 5.94 -10.00 -13.84
N THR A 86 6.64 -10.76 -14.67
CA THR A 86 6.58 -10.56 -16.12
C THR A 86 6.69 -11.88 -16.86
N ARG A 87 5.74 -12.12 -17.76
CA ARG A 87 5.72 -13.36 -18.55
C ARG A 87 5.24 -13.09 -19.97
N ALA A 88 6.00 -13.59 -20.94
CA ALA A 88 5.65 -13.41 -22.35
C ALA A 88 4.70 -14.50 -22.81
N ARG A 89 3.97 -14.21 -23.89
CA ARG A 89 3.02 -15.16 -24.45
C ARG A 89 3.48 -15.68 -25.80
N SER A 90 3.63 -14.77 -26.76
CA SER A 90 4.06 -15.13 -28.10
C SER A 90 5.44 -14.55 -28.39
N GLY A 91 6.44 -15.42 -28.48
CA GLY A 91 7.79 -14.98 -28.76
C GLY A 91 8.79 -15.51 -27.75
N PRO A 92 9.25 -16.76 -27.97
CA PRO A 92 10.23 -17.40 -27.08
C PRO A 92 11.61 -16.77 -27.18
N SER A 93 12.57 -17.34 -26.45
CA SER A 93 13.93 -16.83 -26.46
C SER A 93 14.92 -17.93 -26.83
N SER A 94 16.15 -17.53 -27.15
CA SER A 94 17.19 -18.48 -27.53
C SER A 94 17.43 -19.50 -26.41
N GLY A 95 16.90 -20.70 -26.59
CA GLY A 95 17.08 -21.75 -25.59
C GLY A 95 17.02 -21.21 -24.17
N GLY A 1 -21.89 -24.54 10.28
CA GLY A 1 -22.30 -24.05 8.98
C GLY A 1 -22.05 -22.56 8.82
N SER A 2 -23.04 -21.75 9.20
CA SER A 2 -22.93 -20.30 9.09
C SER A 2 -22.23 -19.90 7.79
N SER A 3 -22.61 -20.58 6.70
CA SER A 3 -22.04 -20.30 5.39
C SER A 3 -22.98 -19.45 4.54
N GLY A 4 -22.43 -18.80 3.52
CA GLY A 4 -23.23 -17.97 2.66
C GLY A 4 -22.84 -16.50 2.74
N SER A 5 -23.08 -15.77 1.66
CA SER A 5 -22.75 -14.34 1.61
C SER A 5 -23.35 -13.69 0.36
N SER A 6 -23.73 -12.42 0.50
CA SER A 6 -24.31 -11.68 -0.61
C SER A 6 -23.45 -11.80 -1.86
N GLY A 7 -23.90 -11.19 -2.96
CA GLY A 7 -23.16 -11.24 -4.20
C GLY A 7 -22.09 -10.17 -4.28
N LYS A 8 -21.42 -9.93 -3.16
CA LYS A 8 -20.37 -8.92 -3.10
C LYS A 8 -19.08 -9.51 -2.53
N GLU A 9 -17.99 -9.33 -3.25
CA GLU A 9 -16.69 -9.84 -2.82
C GLU A 9 -15.79 -8.71 -2.34
N GLU A 10 -16.03 -8.26 -1.11
CA GLU A 10 -15.24 -7.18 -0.53
C GLU A 10 -14.04 -7.73 0.23
N THR A 11 -12.87 -7.16 -0.02
CA THR A 11 -11.64 -7.59 0.64
C THR A 11 -10.94 -6.42 1.32
N GLU A 12 -10.25 -6.71 2.43
CA GLU A 12 -9.54 -5.68 3.17
C GLU A 12 -8.07 -5.62 2.75
N ILE A 13 -7.82 -5.82 1.46
CA ILE A 13 -6.46 -5.79 0.93
C ILE A 13 -6.40 -4.97 -0.35
N ILE A 14 -5.27 -4.29 -0.56
CA ILE A 14 -5.07 -3.46 -1.74
C ILE A 14 -3.61 -3.45 -2.16
N GLU A 15 -3.35 -3.73 -3.43
CA GLU A 15 -2.00 -3.74 -3.96
C GLU A 15 -1.81 -2.65 -5.01
N GLY A 16 -0.76 -1.86 -4.86
CA GLY A 16 -0.48 -0.80 -5.81
C GLY A 16 1.00 -0.50 -5.94
N GLU A 17 1.37 0.14 -7.04
CA GLU A 17 2.77 0.47 -7.29
C GLU A 17 3.17 1.73 -6.54
N VAL A 18 3.91 1.56 -5.45
CA VAL A 18 4.36 2.68 -4.63
C VAL A 18 4.84 3.83 -5.50
N VAL A 19 4.31 5.02 -5.25
CA VAL A 19 4.68 6.21 -6.01
C VAL A 19 5.48 7.18 -5.15
N GLU A 20 4.95 7.48 -3.96
CA GLU A 20 5.60 8.40 -3.04
C GLU A 20 5.31 8.03 -1.60
N ILE A 21 6.34 8.08 -0.76
CA ILE A 21 6.20 7.74 0.65
C ILE A 21 6.71 8.88 1.54
N GLN A 22 5.79 9.73 1.98
CA GLN A 22 6.16 10.86 2.84
C GLN A 22 6.15 10.44 4.30
N ILE A 23 7.04 11.06 5.09
CA ILE A 23 7.15 10.75 6.50
C ILE A 23 7.34 12.02 7.33
N ASP A 24 6.42 12.27 8.25
CA ASP A 24 6.49 13.44 9.11
C ASP A 24 7.19 13.12 10.43
N ARG A 25 8.33 13.75 10.66
CA ARG A 25 9.11 13.53 11.88
C ARG A 25 8.44 14.22 13.07
N PRO A 26 8.69 13.68 14.27
CA PRO A 26 8.13 14.23 15.51
C PRO A 26 8.74 15.58 15.87
N ALA A 27 7.97 16.65 15.72
CA ALA A 27 8.44 17.99 16.03
C ALA A 27 8.97 18.06 17.47
N THR A 28 9.49 19.23 17.84
CA THR A 28 10.04 19.42 19.17
C THR A 28 8.98 19.12 20.24
N GLY A 29 9.13 17.97 20.90
CA GLY A 29 8.18 17.59 21.93
C GLY A 29 7.55 16.23 21.66
N THR A 30 7.14 15.55 22.72
CA THR A 30 6.52 14.24 22.61
C THR A 30 5.40 14.25 21.57
N GLY A 31 5.45 13.30 20.64
CA GLY A 31 4.44 13.22 19.60
C GLY A 31 4.26 11.81 19.07
N SER A 32 3.84 11.71 17.82
CA SER A 32 3.62 10.41 17.20
C SER A 32 4.18 10.38 15.78
N LYS A 33 4.13 9.21 15.15
CA LYS A 33 4.62 9.06 13.79
C LYS A 33 3.48 9.10 12.79
N VAL A 34 3.69 9.83 11.69
CA VAL A 34 2.68 9.95 10.64
C VAL A 34 3.32 10.09 9.27
N GLY A 35 2.61 9.61 8.25
CA GLY A 35 3.13 9.69 6.89
C GLY A 35 2.04 9.55 5.85
N LYS A 36 2.37 9.86 4.60
CA LYS A 36 1.41 9.78 3.51
C LYS A 36 1.97 8.93 2.37
N LEU A 37 1.26 7.84 2.06
CA LEU A 37 1.68 6.94 0.99
C LEU A 37 0.78 7.09 -0.23
N THR A 38 1.39 7.07 -1.42
CA THR A 38 0.64 7.20 -2.67
C THR A 38 0.95 6.06 -3.63
N LEU A 39 -0.07 5.31 -3.98
CA LEU A 39 0.10 4.18 -4.90
C LEU A 39 -0.54 4.48 -6.25
N LYS A 40 0.08 3.99 -7.32
CA LYS A 40 -0.43 4.19 -8.66
C LYS A 40 -1.38 3.08 -9.07
N THR A 41 -2.68 3.35 -8.97
CA THR A 41 -3.70 2.36 -9.32
C THR A 41 -4.06 2.46 -10.80
N THR A 42 -4.83 1.49 -11.28
CA THR A 42 -5.25 1.45 -12.68
C THR A 42 -5.61 2.85 -13.16
N GLU A 43 -4.80 3.39 -14.07
CA GLU A 43 -5.04 4.72 -14.62
C GLU A 43 -5.62 5.65 -13.55
N MET A 44 -5.10 5.54 -12.33
CA MET A 44 -5.56 6.37 -11.22
C MET A 44 -4.61 6.27 -10.04
N GLU A 45 -4.51 7.35 -9.27
CA GLU A 45 -3.64 7.38 -8.10
C GLU A 45 -4.45 7.31 -6.81
N THR A 46 -3.96 6.52 -5.85
CA THR A 46 -4.63 6.36 -4.57
C THR A 46 -3.71 6.72 -3.42
N ILE A 47 -4.24 7.46 -2.45
CA ILE A 47 -3.46 7.88 -1.28
C ILE A 47 -3.95 7.18 -0.03
N TYR A 48 -3.02 6.63 0.74
CA TYR A 48 -3.35 5.93 1.98
C TYR A 48 -2.71 6.61 3.18
N ASP A 49 -3.48 6.77 4.25
CA ASP A 49 -2.99 7.41 5.47
C ASP A 49 -2.09 6.47 6.24
N LEU A 50 -0.85 6.89 6.46
CA LEU A 50 0.12 6.08 7.20
C LEU A 50 0.16 6.48 8.67
N GLY A 51 -0.03 5.50 9.55
CA GLY A 51 -0.01 5.77 10.97
C GLY A 51 1.33 5.43 11.61
N THR A 52 1.29 4.65 12.68
CA THR A 52 2.51 4.25 13.37
C THR A 52 2.94 2.84 12.97
N LYS A 53 2.15 1.86 13.39
CA LYS A 53 2.45 0.46 13.07
C LYS A 53 2.68 0.27 11.57
N MET A 54 2.12 1.17 10.78
CA MET A 54 2.27 1.11 9.33
C MET A 54 3.68 1.50 8.91
N ILE A 55 4.18 2.59 9.49
CA ILE A 55 5.53 3.06 9.17
C ILE A 55 6.58 2.01 9.50
N GLU A 56 6.42 1.37 10.66
CA GLU A 56 7.36 0.34 11.10
C GLU A 56 7.60 -0.68 9.98
N SER A 57 6.57 -0.93 9.19
CA SER A 57 6.67 -1.89 8.09
C SER A 57 7.50 -1.32 6.95
N LEU A 58 7.31 -0.03 6.66
CA LEU A 58 8.05 0.64 5.60
C LEU A 58 9.52 0.79 5.97
N THR A 59 9.82 0.65 7.25
CA THR A 59 11.19 0.78 7.74
C THR A 59 11.88 -0.59 7.78
N LYS A 60 11.18 -1.59 8.29
CA LYS A 60 11.73 -2.93 8.38
C LYS A 60 12.05 -3.49 6.99
N ASP A 61 11.15 -3.25 6.04
CA ASP A 61 11.34 -3.72 4.67
C ASP A 61 11.89 -2.61 3.79
N LYS A 62 12.22 -1.47 4.40
CA LYS A 62 12.75 -0.33 3.68
C LYS A 62 12.02 -0.15 2.35
N VAL A 63 10.69 -0.08 2.41
CA VAL A 63 9.88 0.09 1.21
C VAL A 63 10.18 1.42 0.54
N GLN A 64 10.41 1.39 -0.77
CA GLN A 64 10.71 2.59 -1.54
C GLN A 64 9.84 2.67 -2.78
N ALA A 65 9.89 3.81 -3.47
CA ALA A 65 9.12 4.02 -4.69
C ALA A 65 9.57 3.07 -5.79
N GLY A 66 8.63 2.65 -6.63
CA GLY A 66 8.95 1.75 -7.72
C GLY A 66 8.53 0.32 -7.44
N ASP A 67 8.49 -0.04 -6.17
CA ASP A 67 8.09 -1.40 -5.77
C ASP A 67 6.59 -1.45 -5.49
N VAL A 68 6.05 -2.66 -5.44
CA VAL A 68 4.62 -2.86 -5.18
C VAL A 68 4.40 -3.41 -3.77
N ILE A 69 3.76 -2.60 -2.93
CA ILE A 69 3.49 -3.01 -1.56
C ILE A 69 1.98 -3.15 -1.32
N THR A 70 1.60 -4.17 -0.54
CA THR A 70 0.19 -4.41 -0.24
C THR A 70 -0.19 -3.81 1.10
N ILE A 71 -1.49 -3.63 1.31
CA ILE A 71 -1.99 -3.06 2.56
C ILE A 71 -3.13 -3.89 3.12
N ASP A 72 -2.99 -4.33 4.37
CA ASP A 72 -4.01 -5.13 5.02
C ASP A 72 -4.74 -4.32 6.08
N LYS A 73 -5.94 -3.83 5.74
CA LYS A 73 -6.74 -3.03 6.65
C LYS A 73 -7.18 -3.87 7.85
N ALA A 74 -7.35 -5.17 7.63
CA ALA A 74 -7.78 -6.08 8.69
C ALA A 74 -7.07 -5.75 10.00
N THR A 75 -5.75 -5.58 9.94
CA THR A 75 -4.97 -5.27 11.12
C THR A 75 -4.19 -3.97 10.94
N GLY A 76 -4.15 -3.48 9.70
CA GLY A 76 -3.43 -2.25 9.41
C GLY A 76 -1.96 -2.48 9.20
N LYS A 77 -1.61 -3.61 8.59
CA LYS A 77 -0.22 -3.95 8.32
C LYS A 77 0.10 -3.83 6.83
N ILE A 78 1.37 -3.64 6.51
CA ILE A 78 1.80 -3.52 5.12
C ILE A 78 2.83 -4.58 4.78
N SER A 79 2.76 -5.09 3.55
CA SER A 79 3.68 -6.12 3.09
C SER A 79 4.31 -5.73 1.75
N LYS A 80 5.50 -6.25 1.49
CA LYS A 80 6.21 -5.96 0.25
C LYS A 80 6.26 -7.19 -0.65
N LEU A 81 6.10 -6.97 -1.95
CA LEU A 81 6.12 -8.07 -2.92
C LEU A 81 7.19 -7.83 -3.98
N GLY A 82 7.14 -6.66 -4.61
CA GLY A 82 8.10 -6.32 -5.65
C GLY A 82 7.44 -5.83 -6.92
N ARG A 83 8.15 -5.02 -7.67
CA ARG A 83 7.63 -4.47 -8.92
C ARG A 83 6.85 -5.54 -9.69
N SER A 84 5.76 -5.12 -10.33
CA SER A 84 4.93 -6.04 -11.10
C SER A 84 3.86 -5.28 -11.89
N PHE A 85 3.50 -5.81 -13.05
CA PHE A 85 2.49 -5.18 -13.90
C PHE A 85 1.12 -5.23 -13.24
N THR A 86 0.33 -4.17 -13.42
CA THR A 86 -1.00 -4.11 -12.85
C THR A 86 -1.97 -5.02 -13.60
N ARG A 87 -2.94 -5.57 -12.87
CA ARG A 87 -3.93 -6.46 -13.46
C ARG A 87 -4.96 -5.67 -14.26
N ALA A 88 -4.66 -5.39 -15.52
CA ALA A 88 -5.57 -4.65 -16.39
C ALA A 88 -5.23 -4.88 -17.86
N ARG A 89 -6.21 -4.64 -18.72
CA ARG A 89 -6.02 -4.81 -20.17
C ARG A 89 -6.36 -3.54 -20.92
N SER A 90 -5.57 -3.23 -21.95
CA SER A 90 -5.79 -2.03 -22.75
C SER A 90 -6.52 -2.37 -24.04
N GLY A 91 -7.50 -3.26 -23.95
CA GLY A 91 -8.26 -3.65 -25.11
C GLY A 91 -7.38 -4.05 -26.28
N PRO A 92 -7.31 -3.18 -27.29
CA PRO A 92 -6.50 -3.42 -28.49
C PRO A 92 -5.00 -3.36 -28.21
N SER A 93 -4.34 -4.50 -28.27
CA SER A 93 -2.91 -4.57 -28.00
C SER A 93 -2.12 -4.65 -29.31
N SER A 94 -0.83 -4.37 -29.23
CA SER A 94 0.04 -4.40 -30.41
C SER A 94 1.25 -5.28 -30.16
N GLY A 95 1.87 -5.13 -29.00
CA GLY A 95 3.03 -5.92 -28.66
C GLY A 95 3.33 -5.92 -27.17
N GLY A 1 -17.92 -23.96 -3.82
CA GLY A 1 -18.07 -22.59 -3.36
C GLY A 1 -19.14 -21.84 -4.12
N SER A 2 -19.18 -20.52 -3.94
CA SER A 2 -20.16 -19.69 -4.62
C SER A 2 -20.04 -19.81 -6.13
N SER A 3 -21.18 -19.75 -6.81
CA SER A 3 -21.20 -19.86 -8.27
C SER A 3 -21.78 -18.59 -8.90
N GLY A 4 -20.96 -17.90 -9.67
CA GLY A 4 -21.40 -16.68 -10.32
C GLY A 4 -21.21 -15.45 -9.45
N SER A 5 -19.98 -15.28 -8.94
CA SER A 5 -19.67 -14.14 -8.09
C SER A 5 -19.72 -12.83 -8.88
N SER A 6 -20.93 -12.34 -9.11
CA SER A 6 -21.12 -11.10 -9.85
C SER A 6 -21.96 -10.11 -9.05
N GLY A 7 -21.33 -9.06 -8.55
CA GLY A 7 -22.03 -8.06 -7.78
C GLY A 7 -21.11 -7.03 -7.18
N LYS A 8 -20.78 -7.19 -5.90
CA LYS A 8 -19.89 -6.26 -5.22
C LYS A 8 -19.03 -6.98 -4.18
N GLU A 9 -17.74 -7.13 -4.48
CA GLU A 9 -16.82 -7.81 -3.59
C GLU A 9 -15.85 -6.81 -2.95
N GLU A 10 -16.03 -6.56 -1.66
CA GLU A 10 -15.17 -5.63 -0.94
C GLU A 10 -14.16 -6.38 -0.08
N THR A 11 -12.89 -6.30 -0.46
CA THR A 11 -11.82 -6.97 0.27
C THR A 11 -11.01 -5.98 1.09
N GLU A 12 -10.48 -6.43 2.22
CA GLU A 12 -9.69 -5.59 3.10
C GLU A 12 -8.22 -5.57 2.66
N ILE A 13 -8.00 -5.58 1.35
CA ILE A 13 -6.65 -5.57 0.80
C ILE A 13 -6.56 -4.62 -0.38
N ILE A 14 -5.39 -3.99 -0.54
CA ILE A 14 -5.16 -3.05 -1.62
C ILE A 14 -3.70 -3.05 -2.05
N GLU A 15 -3.44 -3.50 -3.28
CA GLU A 15 -2.08 -3.54 -3.81
C GLU A 15 -1.84 -2.40 -4.77
N GLY A 16 -0.79 -1.61 -4.51
CA GLY A 16 -0.48 -0.50 -5.37
C GLY A 16 1.02 -0.37 -5.62
N GLU A 17 1.38 0.44 -6.61
CA GLU A 17 2.78 0.64 -6.95
C GLU A 17 3.36 1.85 -6.22
N VAL A 18 4.19 1.60 -5.22
CA VAL A 18 4.80 2.66 -4.44
C VAL A 18 5.29 3.79 -5.34
N VAL A 19 4.62 4.94 -5.26
CA VAL A 19 4.98 6.10 -6.07
C VAL A 19 5.77 7.12 -5.24
N GLU A 20 5.22 7.50 -4.09
CA GLU A 20 5.87 8.46 -3.22
C GLU A 20 5.68 8.09 -1.75
N ILE A 21 6.74 8.23 -0.97
CA ILE A 21 6.69 7.91 0.45
C ILE A 21 7.25 9.05 1.30
N GLN A 22 6.37 9.71 2.03
CA GLN A 22 6.78 10.82 2.89
C GLN A 22 6.49 10.52 4.36
N ILE A 23 7.48 10.79 5.22
CA ILE A 23 7.33 10.55 6.64
C ILE A 23 7.39 11.85 7.44
N ASP A 24 6.36 12.09 8.24
CA ASP A 24 6.30 13.30 9.06
C ASP A 24 7.06 13.12 10.36
N ARG A 25 8.22 13.76 10.45
CA ARG A 25 9.06 13.67 11.65
C ARG A 25 8.37 14.33 12.84
N PRO A 26 8.60 13.75 14.04
CA PRO A 26 8.00 14.27 15.28
C PRO A 26 8.60 15.61 15.69
N ALA A 27 9.52 16.11 14.88
CA ALA A 27 10.18 17.39 15.17
C ALA A 27 9.18 18.40 15.71
N THR A 28 8.08 18.60 14.97
CA THR A 28 7.05 19.54 15.38
C THR A 28 6.45 19.16 16.73
N GLY A 29 6.12 17.88 16.88
CA GLY A 29 5.54 17.42 18.13
C GLY A 29 5.89 15.97 18.41
N THR A 30 6.09 15.66 19.69
CA THR A 30 6.44 14.30 20.10
C THR A 30 5.18 13.45 20.31
N GLY A 31 5.31 12.15 20.10
CA GLY A 31 4.18 11.26 20.28
C GLY A 31 3.94 10.38 19.08
N SER A 32 2.68 10.04 18.82
CA SER A 32 2.32 9.19 17.69
C SER A 32 3.06 9.63 16.43
N LYS A 33 3.06 8.77 15.42
CA LYS A 33 3.72 9.06 14.16
C LYS A 33 2.73 9.07 13.00
N VAL A 34 3.02 9.87 11.98
CA VAL A 34 2.15 9.97 10.82
C VAL A 34 2.96 10.12 9.53
N GLY A 35 2.38 9.71 8.42
CA GLY A 35 3.06 9.79 7.14
C GLY A 35 2.10 9.72 5.97
N LYS A 36 2.57 10.16 4.80
CA LYS A 36 1.74 10.14 3.59
C LYS A 36 2.34 9.21 2.54
N LEU A 37 1.52 8.32 2.00
CA LEU A 37 1.97 7.38 0.98
C LEU A 37 1.12 7.49 -0.28
N THR A 38 1.76 7.30 -1.43
CA THR A 38 1.06 7.38 -2.71
C THR A 38 1.31 6.14 -3.55
N LEU A 39 0.24 5.51 -4.01
CA LEU A 39 0.34 4.30 -4.83
C LEU A 39 -0.52 4.42 -6.08
N LYS A 40 0.03 4.02 -7.21
CA LYS A 40 -0.69 4.07 -8.48
C LYS A 40 -1.45 2.78 -8.72
N THR A 41 -2.77 2.88 -8.73
CA THR A 41 -3.63 1.72 -8.96
C THR A 41 -3.83 1.45 -10.45
N THR A 42 -4.41 0.30 -10.77
CA THR A 42 -4.65 -0.06 -12.16
C THR A 42 -5.24 1.10 -12.94
N GLU A 43 -5.79 2.08 -12.22
CA GLU A 43 -6.39 3.25 -12.85
C GLU A 43 -5.61 4.51 -12.51
N MET A 44 -5.80 5.01 -11.30
CA MET A 44 -5.10 6.21 -10.85
C MET A 44 -4.43 5.99 -9.50
N GLU A 45 -3.79 7.03 -8.99
CA GLU A 45 -3.10 6.93 -7.70
C GLU A 45 -4.02 7.37 -6.56
N THR A 46 -3.69 6.95 -5.35
CA THR A 46 -4.49 7.29 -4.17
C THR A 46 -3.62 7.36 -2.92
N ILE A 47 -3.82 8.42 -2.13
CA ILE A 47 -3.05 8.60 -0.91
C ILE A 47 -3.65 7.80 0.25
N TYR A 48 -2.82 6.99 0.89
CA TYR A 48 -3.27 6.16 2.00
C TYR A 48 -2.79 6.74 3.33
N ASP A 49 -3.74 7.13 4.18
CA ASP A 49 -3.42 7.70 5.48
C ASP A 49 -2.62 6.70 6.32
N LEU A 50 -1.39 7.07 6.66
CA LEU A 50 -0.52 6.22 7.47
C LEU A 50 -0.55 6.63 8.93
N GLY A 51 -0.11 5.73 9.80
CA GLY A 51 -0.09 6.03 11.22
C GLY A 51 1.25 5.70 11.87
N THR A 52 1.26 4.68 12.72
CA THR A 52 2.47 4.26 13.40
C THR A 52 2.84 2.82 13.06
N LYS A 53 1.82 1.98 12.91
CA LYS A 53 2.04 0.58 12.58
C LYS A 53 2.38 0.42 11.10
N MET A 54 1.69 1.15 10.25
CA MET A 54 1.93 1.09 8.81
C MET A 54 3.38 1.41 8.48
N ILE A 55 3.92 2.44 9.13
CA ILE A 55 5.30 2.85 8.92
C ILE A 55 6.27 1.74 9.33
N GLU A 56 5.99 1.12 10.47
CA GLU A 56 6.84 0.04 10.98
C GLU A 56 7.18 -0.95 9.87
N SER A 57 6.30 -1.05 8.88
CA SER A 57 6.50 -1.96 7.76
C SER A 57 7.40 -1.34 6.70
N LEU A 58 7.07 -0.11 6.31
CA LEU A 58 7.86 0.60 5.30
C LEU A 58 9.30 0.80 5.77
N THR A 59 9.54 0.54 7.05
CA THR A 59 10.87 0.69 7.62
C THR A 59 11.64 -0.63 7.60
N LYS A 60 11.01 -1.68 8.11
CA LYS A 60 11.62 -3.00 8.14
C LYS A 60 12.11 -3.41 6.75
N ASP A 61 11.45 -2.89 5.73
CA ASP A 61 11.82 -3.20 4.35
C ASP A 61 12.18 -1.92 3.59
N LYS A 62 12.34 -0.82 4.32
CA LYS A 62 12.69 0.45 3.72
C LYS A 62 12.04 0.60 2.34
N VAL A 63 10.76 0.27 2.26
CA VAL A 63 10.02 0.37 1.00
C VAL A 63 10.26 1.71 0.33
N GLN A 64 10.51 1.68 -0.97
CA GLN A 64 10.76 2.90 -1.73
C GLN A 64 9.90 2.94 -2.99
N ALA A 65 10.00 4.04 -3.74
CA ALA A 65 9.22 4.20 -4.96
C ALA A 65 9.69 3.22 -6.03
N GLY A 66 8.74 2.69 -6.80
CA GLY A 66 9.08 1.75 -7.85
C GLY A 66 8.63 0.34 -7.53
N ASP A 67 8.60 0.00 -6.24
CA ASP A 67 8.19 -1.33 -5.80
C ASP A 67 6.68 -1.39 -5.60
N VAL A 68 6.17 -2.59 -5.39
CA VAL A 68 4.74 -2.79 -5.18
C VAL A 68 4.46 -3.45 -3.84
N ILE A 69 3.78 -2.72 -2.96
CA ILE A 69 3.45 -3.24 -1.63
C ILE A 69 1.94 -3.27 -1.41
N THR A 70 1.47 -4.24 -0.65
CA THR A 70 0.05 -4.38 -0.37
C THR A 70 -0.31 -3.73 0.97
N ILE A 71 -1.61 -3.64 1.25
CA ILE A 71 -2.08 -3.04 2.48
C ILE A 71 -3.28 -3.79 3.05
N ASP A 72 -3.06 -4.51 4.14
CA ASP A 72 -4.13 -5.28 4.78
C ASP A 72 -4.87 -4.43 5.81
N LYS A 73 -6.02 -3.91 5.42
CA LYS A 73 -6.83 -3.08 6.32
C LYS A 73 -7.17 -3.84 7.59
N ALA A 74 -7.44 -5.13 7.46
CA ALA A 74 -7.78 -5.98 8.60
C ALA A 74 -6.98 -5.57 9.82
N THR A 75 -5.66 -5.60 9.70
CA THR A 75 -4.77 -5.26 10.80
C THR A 75 -3.85 -4.10 10.42
N GLY A 76 -4.18 -3.42 9.32
CA GLY A 76 -3.38 -2.29 8.87
C GLY A 76 -1.93 -2.69 8.62
N LYS A 77 -1.71 -3.96 8.32
CA LYS A 77 -0.37 -4.46 8.05
C LYS A 77 0.00 -4.25 6.59
N ILE A 78 1.30 -4.18 6.32
CA ILE A 78 1.79 -3.98 4.95
C ILE A 78 2.85 -5.02 4.60
N SER A 79 2.72 -5.59 3.41
CA SER A 79 3.67 -6.60 2.95
C SER A 79 4.30 -6.19 1.61
N LYS A 80 5.51 -6.67 1.37
CA LYS A 80 6.21 -6.35 0.13
C LYS A 80 6.11 -7.51 -0.86
N LEU A 81 5.85 -7.19 -2.12
CA LEU A 81 5.72 -8.20 -3.17
C LEU A 81 6.78 -7.99 -4.25
N GLY A 82 6.96 -9.00 -5.09
CA GLY A 82 7.93 -8.91 -6.17
C GLY A 82 7.58 -7.82 -7.18
N ARG A 83 6.49 -8.03 -7.90
CA ARG A 83 6.05 -7.07 -8.91
C ARG A 83 4.54 -7.12 -9.09
N SER A 84 4.02 -6.30 -9.99
CA SER A 84 2.59 -6.25 -10.26
C SER A 84 2.08 -7.60 -10.74
N PHE A 85 1.32 -8.28 -9.89
CA PHE A 85 0.77 -9.59 -10.24
C PHE A 85 -0.09 -9.50 -11.49
N THR A 86 -0.98 -8.52 -11.52
CA THR A 86 -1.87 -8.32 -12.66
C THR A 86 -1.10 -8.36 -13.97
N ARG A 87 -1.80 -8.67 -15.06
CA ARG A 87 -1.18 -8.73 -16.38
C ARG A 87 -1.30 -7.39 -17.11
N ALA A 88 -0.16 -6.78 -17.40
CA ALA A 88 -0.15 -5.50 -18.10
C ALA A 88 -0.50 -5.67 -19.57
N ARG A 89 0.28 -6.50 -20.26
CA ARG A 89 0.05 -6.75 -21.68
C ARG A 89 -0.08 -5.44 -22.45
N SER A 90 0.78 -4.48 -22.12
CA SER A 90 0.76 -3.18 -22.78
C SER A 90 2.02 -2.96 -23.59
N GLY A 91 3.18 -3.07 -22.93
CA GLY A 91 4.44 -2.88 -23.61
C GLY A 91 5.63 -3.26 -22.74
N PRO A 92 5.78 -4.57 -22.48
CA PRO A 92 6.88 -5.09 -21.65
C PRO A 92 8.23 -4.98 -22.34
N SER A 93 9.30 -5.04 -21.56
CA SER A 93 10.65 -4.94 -22.09
C SER A 93 11.64 -5.68 -21.20
N SER A 94 12.39 -6.60 -21.80
CA SER A 94 13.37 -7.39 -21.07
C SER A 94 14.78 -7.14 -21.60
N GLY A 95 15.77 -7.75 -20.96
CA GLY A 95 17.14 -7.58 -21.38
C GLY A 95 17.66 -8.77 -22.17
#